data_2GSZ
#
_entry.id   2GSZ
#
_cell.length_a   206.111
_cell.length_b   105.244
_cell.length_c   123.023
_cell.angle_alpha   90.00
_cell.angle_beta   111.06
_cell.angle_gamma   90.00
#
_symmetry.space_group_name_H-M   'C 1 2 1'
#
loop_
_entity.id
_entity.type
_entity.pdbx_description
1 polymer 'twitching motility protein PilT'
2 non-polymer 'SULFATE ION'
3 non-polymer "ADENOSINE-5'-DIPHOSPHATE"
#
_entity_poly.entity_id   1
_entity_poly.type   'polypeptide(L)'
_entity_poly.pdbx_seq_one_letter_code
;ELKILEIIKEAIELGASDIHLTAGAPPAVRIDGYIKFLKDFPRLTPEDTQKLAYSV(MSE)SEKHRQKLEENGQVDFSFG
VRGVGRFRANVFYQRGSVAAALRSLPAEIPEFKKLGLPDKVLELCHRK(MSE)GLILVTGPTGSGKSTTIAS(MSE)IDY
INQTKSYHIITIEDPIEYVFKHKKSIVNQREVGEDTKSFADALRAALREDPDVIFVGE(MSE)RDLETVETALRAAETGH
LVFGTLHTNTAIDTIHRIVDIFPLNQQEQVRIVLSFILQGIISQRLLPKIGGGRVLAYELLIPNTAIRNLIRENKLQQVY
SL(MSE)QSGQAETG(MSE)QT(MSE)NQTLYKLYKQGLITLEDA(MSE)EASPDPKELER(MSE)IRGGRLEHHHHHH
;
_entity_poly.pdbx_strand_id   A,B,C,D,E,F
#
loop_
_chem_comp.id
_chem_comp.type
_chem_comp.name
_chem_comp.formula
ADP non-polymer ADENOSINE-5'-DIPHOSPHATE 'C10 H15 N5 O10 P2'
SO4 non-polymer 'SULFATE ION' 'O4 S -2'
#
# COMPACT_ATOMS: atom_id res chain seq x y z
N GLU A 1 -45.74 -10.29 -29.38
CA GLU A 1 -44.86 -11.51 -29.32
C GLU A 1 -43.77 -11.38 -28.29
N LEU A 2 -42.72 -10.63 -28.60
CA LEU A 2 -41.55 -10.52 -27.75
C LEU A 2 -41.53 -9.24 -26.94
N LYS A 3 -42.38 -9.17 -25.93
CA LYS A 3 -42.43 -8.03 -25.03
C LYS A 3 -42.02 -8.47 -23.61
N ILE A 4 -40.99 -7.86 -23.04
CA ILE A 4 -40.48 -8.33 -21.77
C ILE A 4 -41.62 -8.49 -20.81
N LEU A 5 -42.46 -7.46 -20.73
CA LEU A 5 -43.60 -7.43 -19.83
C LEU A 5 -44.39 -8.75 -19.82
N GLU A 6 -44.38 -9.44 -20.96
CA GLU A 6 -45.23 -10.59 -21.18
C GLU A 6 -44.45 -11.86 -21.03
N ILE A 7 -43.15 -11.76 -20.94
CA ILE A 7 -42.35 -12.92 -20.66
C ILE A 7 -42.26 -13.02 -19.16
N ILE A 8 -42.40 -11.92 -18.46
CA ILE A 8 -42.58 -11.99 -17.02
C ILE A 8 -43.97 -12.60 -16.69
N LYS A 9 -44.98 -12.26 -17.49
CA LYS A 9 -46.34 -12.77 -17.30
C LYS A 9 -46.37 -14.28 -17.19
N GLU A 10 -45.85 -14.95 -18.22
CA GLU A 10 -45.74 -16.40 -18.21
C GLU A 10 -44.67 -16.92 -17.28
N ALA A 11 -43.93 -16.03 -16.63
CA ALA A 11 -42.91 -16.49 -15.69
C ALA A 11 -43.47 -16.78 -14.31
N ILE A 12 -44.31 -15.88 -13.80
CA ILE A 12 -44.96 -16.11 -12.50
C ILE A 12 -46.23 -16.97 -12.57
N GLU A 13 -46.85 -17.01 -13.75
CA GLU A 13 -47.90 -18.00 -14.07
C GLU A 13 -47.35 -19.43 -13.96
N LEU A 14 -46.19 -19.71 -14.55
CA LEU A 14 -45.62 -21.04 -14.45
C LEU A 14 -45.02 -21.25 -13.07
N GLY A 15 -45.12 -20.24 -12.22
CA GLY A 15 -44.59 -20.30 -10.86
C GLY A 15 -43.09 -20.31 -10.88
N ALA A 16 -42.48 -19.21 -11.29
CA ALA A 16 -41.04 -19.16 -11.55
C ALA A 16 -40.20 -18.48 -10.46
N SER A 17 -38.96 -18.97 -10.34
CA SER A 17 -37.84 -18.35 -9.57
C SER A 17 -37.01 -17.38 -10.41
N ASP A 18 -36.77 -17.75 -11.67
CA ASP A 18 -35.91 -16.99 -12.55
C ASP A 18 -36.35 -16.96 -13.98
N ILE A 19 -36.01 -15.89 -14.68
CA ILE A 19 -36.08 -15.90 -16.12
C ILE A 19 -34.64 -15.73 -16.61
N HIS A 20 -34.32 -16.33 -17.74
CA HIS A 20 -33.02 -16.18 -18.32
C HIS A 20 -33.18 -15.99 -19.78
N LEU A 21 -32.47 -15.02 -20.35
CA LEU A 21 -32.48 -14.84 -21.79
C LEU A 21 -31.10 -15.21 -22.31
N THR A 22 -31.06 -15.61 -23.57
CA THR A 22 -29.81 -15.69 -24.30
C THR A 22 -30.09 -15.61 -25.78
N ALA A 23 -29.04 -15.51 -26.58
CA ALA A 23 -29.16 -15.29 -28.02
C ALA A 23 -29.65 -16.51 -28.79
N GLY A 24 -28.93 -17.62 -28.68
CA GLY A 24 -29.17 -18.79 -29.54
C GLY A 24 -30.42 -19.63 -29.33
N ALA A 25 -31.20 -19.34 -28.29
CA ALA A 25 -32.37 -20.15 -27.89
C ALA A 25 -33.61 -19.27 -27.67
N PRO A 26 -34.76 -19.84 -27.25
CA PRO A 26 -35.86 -19.03 -26.76
C PRO A 26 -35.77 -18.83 -25.29
N PRO A 27 -36.47 -17.84 -24.77
CA PRO A 27 -36.50 -17.41 -23.39
C PRO A 27 -36.68 -18.57 -22.50
N ALA A 28 -35.94 -18.59 -21.39
CA ALA A 28 -35.90 -19.72 -20.47
C ALA A 28 -36.37 -19.31 -19.08
N VAL A 29 -36.98 -20.25 -18.35
CA VAL A 29 -37.37 -20.02 -16.99
C VAL A 29 -36.92 -21.19 -16.11
N ARG A 30 -36.41 -20.89 -14.93
CA ARG A 30 -36.14 -21.90 -13.95
C ARG A 30 -37.40 -22.16 -13.09
N ILE A 31 -37.82 -23.42 -13.06
CA ILE A 31 -38.87 -23.87 -12.16
C ILE A 31 -38.29 -25.03 -11.36
N ASP A 32 -38.15 -24.77 -10.07
CA ASP A 32 -37.72 -25.79 -9.14
C ASP A 32 -36.23 -25.88 -9.01
N GLY A 33 -35.53 -25.43 -10.06
CA GLY A 33 -34.09 -25.66 -10.20
C GLY A 33 -33.74 -26.43 -11.48
N TYR A 34 -34.76 -26.70 -12.31
CA TYR A 34 -34.56 -27.22 -13.67
C TYR A 34 -35.04 -26.16 -14.65
N ILE A 35 -34.35 -26.04 -15.79
CA ILE A 35 -34.64 -24.97 -16.71
C ILE A 35 -35.42 -25.49 -17.91
N LYS A 36 -36.58 -24.87 -18.18
CA LYS A 36 -37.43 -25.17 -19.36
C LYS A 36 -37.71 -23.95 -20.28
N PHE A 37 -37.57 -24.14 -21.59
CA PHE A 37 -37.84 -23.07 -22.54
C PHE A 37 -39.32 -23.03 -22.86
N LEU A 38 -39.96 -21.95 -22.48
CA LEU A 38 -41.34 -21.70 -22.89
C LEU A 38 -41.43 -21.18 -24.31
N LYS A 39 -41.03 -22.00 -25.27
CA LYS A 39 -41.11 -21.69 -26.72
C LYS A 39 -42.51 -21.26 -27.12
N ASP A 40 -43.39 -21.39 -26.13
CA ASP A 40 -44.82 -21.17 -26.24
C ASP A 40 -45.18 -20.10 -27.22
N PHE A 41 -44.60 -18.93 -27.08
CA PHE A 41 -44.76 -17.90 -28.09
C PHE A 41 -43.39 -17.27 -28.43
N PRO A 42 -42.68 -16.70 -27.41
CA PRO A 42 -41.35 -16.19 -27.73
C PRO A 42 -40.54 -17.15 -28.61
N ARG A 43 -40.04 -16.66 -29.72
CA ARG A 43 -39.28 -17.55 -30.54
C ARG A 43 -37.81 -17.56 -30.19
N LEU A 44 -37.04 -18.51 -30.72
CA LEU A 44 -35.59 -18.55 -30.50
C LEU A 44 -35.17 -17.08 -30.61
N THR A 45 -34.90 -16.39 -29.50
CA THR A 45 -34.75 -14.90 -29.52
C THR A 45 -33.59 -14.41 -30.43
N PRO A 46 -33.79 -13.32 -31.23
CA PRO A 46 -32.73 -12.92 -32.18
C PRO A 46 -31.45 -12.45 -31.51
N GLU A 47 -30.62 -11.71 -32.22
CA GLU A 47 -29.56 -10.97 -31.57
C GLU A 47 -30.15 -9.83 -30.78
N ASP A 48 -31.46 -9.65 -30.91
CA ASP A 48 -32.16 -8.53 -30.31
C ASP A 48 -32.93 -8.85 -29.05
N THR A 49 -32.24 -9.54 -28.17
CA THR A 49 -32.47 -9.52 -26.74
C THR A 49 -31.97 -8.17 -26.29
N GLN A 50 -31.22 -7.57 -27.20
CA GLN A 50 -30.78 -6.21 -27.12
C GLN A 50 -31.98 -5.34 -26.77
N LYS A 51 -32.94 -5.27 -27.70
CA LYS A 51 -34.17 -4.46 -27.52
C LYS A 51 -34.93 -4.76 -26.23
N LEU A 52 -35.03 -6.04 -25.84
CA LEU A 52 -35.72 -6.48 -24.62
C LEU A 52 -35.14 -5.95 -23.34
N ALA A 53 -33.83 -6.06 -23.18
CA ALA A 53 -33.23 -5.65 -21.94
C ALA A 53 -33.17 -4.16 -21.96
N TYR A 54 -32.76 -3.62 -23.10
CA TYR A 54 -32.67 -2.19 -23.27
C TYR A 54 -33.95 -1.48 -22.80
N SER A 55 -35.09 -2.17 -22.88
CA SER A 55 -36.36 -1.59 -22.50
C SER A 55 -36.57 -1.56 -21.00
N VAL A 56 -35.73 -2.25 -20.22
CA VAL A 56 -35.86 -2.23 -18.77
C VAL A 56 -34.90 -1.22 -18.13
N MSE A 57 -33.74 -1.07 -18.76
CA MSE A 57 -32.64 -0.32 -18.18
C MSE A 57 -32.74 1.18 -18.39
O MSE A 57 -33.01 1.65 -19.48
CB MSE A 57 -31.32 -0.80 -18.76
CG MSE A 57 -31.14 -2.30 -18.77
SE MSE A 57 -29.81 -2.82 -19.93
CE MSE A 57 -28.28 -1.99 -19.15
N SER A 58 -32.47 1.91 -17.34
CA SER A 58 -32.40 3.34 -17.43
C SER A 58 -31.25 3.70 -18.31
N GLU A 59 -31.18 4.97 -18.69
CA GLU A 59 -30.05 5.52 -19.38
C GLU A 59 -28.74 5.26 -18.65
N LYS A 60 -28.81 5.34 -17.34
CA LYS A 60 -27.66 5.22 -16.47
C LYS A 60 -27.03 3.83 -16.53
N HIS A 61 -27.79 2.86 -16.97
CA HIS A 61 -27.29 1.51 -17.01
C HIS A 61 -26.75 1.15 -18.41
N ARG A 62 -27.43 1.64 -19.43
CA ARG A 62 -27.10 1.28 -20.79
C ARG A 62 -25.91 2.03 -21.20
N GLN A 63 -25.51 2.97 -20.36
CA GLN A 63 -24.20 3.55 -20.51
C GLN A 63 -23.30 2.53 -19.86
N LYS A 64 -23.61 2.14 -18.62
CA LYS A 64 -22.67 1.34 -17.82
C LYS A 64 -22.47 -0.03 -18.40
N LEU A 65 -23.36 -0.43 -19.28
CA LEU A 65 -23.19 -1.70 -19.91
C LEU A 65 -22.16 -1.62 -21.00
N GLU A 66 -21.71 -0.42 -21.35
CA GLU A 66 -20.66 -0.25 -22.37
C GLU A 66 -19.28 -0.12 -21.76
N GLU A 67 -19.20 0.62 -20.65
CA GLU A 67 -17.97 0.80 -19.86
C GLU A 67 -17.46 -0.54 -19.39
N ASN A 68 -18.26 -1.28 -18.62
CA ASN A 68 -17.92 -2.65 -18.27
C ASN A 68 -18.71 -3.60 -19.17
N GLY A 69 -18.80 -4.88 -18.85
CA GLY A 69 -19.58 -5.79 -19.66
C GLY A 69 -20.86 -6.26 -19.01
N GLN A 70 -21.22 -5.62 -17.92
CA GLN A 70 -22.37 -6.05 -17.16
C GLN A 70 -22.87 -4.97 -16.21
N VAL A 71 -24.13 -5.04 -15.78
CA VAL A 71 -24.67 -4.13 -14.79
C VAL A 71 -25.55 -4.83 -13.81
N ASP A 72 -25.72 -4.32 -12.60
CA ASP A 72 -26.53 -5.01 -11.58
C ASP A 72 -27.51 -4.07 -10.95
N PHE A 73 -28.80 -4.26 -11.21
CA PHE A 73 -29.82 -3.29 -10.79
C PHE A 73 -31.18 -3.93 -10.52
N SER A 74 -32.18 -3.10 -10.23
CA SER A 74 -33.51 -3.59 -9.90
C SER A 74 -34.59 -2.64 -10.34
N PHE A 75 -35.57 -3.19 -11.04
CA PHE A 75 -36.64 -2.40 -11.58
C PHE A 75 -37.92 -3.02 -11.13
N GLY A 76 -39.02 -2.28 -11.19
CA GLY A 76 -40.33 -2.84 -10.82
C GLY A 76 -41.43 -2.90 -11.88
N VAL A 77 -42.10 -4.05 -11.98
CA VAL A 77 -43.33 -4.09 -12.73
C VAL A 77 -44.51 -3.90 -11.78
N ARG A 78 -45.18 -2.75 -11.87
CA ARG A 78 -46.20 -2.43 -10.89
C ARG A 78 -47.29 -3.47 -10.99
N GLY A 79 -47.43 -4.03 -12.19
CA GLY A 79 -48.28 -5.18 -12.43
C GLY A 79 -48.13 -6.36 -11.46
N VAL A 80 -46.91 -6.75 -11.15
CA VAL A 80 -46.68 -7.89 -10.26
C VAL A 80 -45.82 -7.56 -9.02
N GLY A 81 -44.51 -7.74 -9.18
CA GLY A 81 -43.52 -7.38 -8.16
C GLY A 81 -42.31 -6.59 -8.69
N ARG A 82 -41.21 -6.67 -7.97
CA ARG A 82 -39.99 -6.00 -8.39
C ARG A 82 -38.99 -7.07 -8.68
N PHE A 83 -38.06 -6.79 -9.55
CA PHE A 83 -37.13 -7.81 -9.94
C PHE A 83 -35.70 -7.37 -9.80
N ARG A 84 -34.79 -8.33 -9.91
CA ARG A 84 -33.39 -8.05 -9.82
C ARG A 84 -32.74 -8.54 -11.09
N ALA A 85 -32.19 -7.62 -11.85
CA ALA A 85 -31.67 -7.92 -13.17
C ALA A 85 -30.18 -8.13 -13.17
N ASN A 86 -29.66 -8.49 -14.34
CA ASN A 86 -28.24 -8.57 -14.56
C ASN A 86 -27.90 -8.78 -16.01
N VAL A 87 -27.87 -7.72 -16.78
CA VAL A 87 -27.68 -7.84 -18.20
C VAL A 87 -26.22 -7.98 -18.37
N PHE A 88 -25.81 -8.79 -19.32
CA PHE A 88 -24.41 -8.86 -19.65
C PHE A 88 -24.07 -9.33 -21.04
N TYR A 89 -23.00 -8.76 -21.60
CA TYR A 89 -22.43 -9.17 -22.86
C TYR A 89 -21.89 -10.59 -22.72
N GLN A 90 -22.12 -11.37 -23.78
CA GLN A 90 -21.91 -12.81 -23.79
C GLN A 90 -21.03 -13.12 -24.99
N ARG A 91 -21.58 -13.60 -26.09
CA ARG A 91 -20.70 -13.76 -27.24
C ARG A 91 -21.04 -12.70 -28.27
N GLY A 92 -20.53 -11.51 -27.99
CA GLY A 92 -20.85 -10.33 -28.79
C GLY A 92 -22.32 -10.00 -28.74
N SER A 93 -23.08 -10.84 -28.04
CA SER A 93 -24.52 -10.71 -27.95
C SER A 93 -24.99 -10.38 -26.51
N VAL A 94 -26.23 -9.90 -26.35
CA VAL A 94 -26.75 -9.53 -25.05
C VAL A 94 -27.42 -10.73 -24.40
N ALA A 95 -27.42 -10.77 -23.06
CA ALA A 95 -28.14 -11.76 -22.29
C ALA A 95 -28.42 -11.25 -20.91
N ALA A 96 -29.53 -11.66 -20.32
CA ALA A 96 -29.87 -11.19 -19.00
C ALA A 96 -30.24 -12.31 -18.06
N ALA A 97 -30.52 -11.95 -16.82
CA ALA A 97 -30.93 -12.93 -15.84
C ALA A 97 -31.75 -12.25 -14.76
N LEU A 98 -33.06 -12.41 -14.82
CA LEU A 98 -33.90 -11.75 -13.89
C LEU A 98 -34.30 -12.70 -12.81
N ARG A 99 -34.20 -12.26 -11.54
CA ARG A 99 -34.69 -13.02 -10.37
C ARG A 99 -36.04 -12.50 -9.82
N SER A 100 -36.65 -13.33 -8.95
CA SER A 100 -37.77 -12.90 -8.09
C SER A 100 -37.13 -12.12 -6.93
N LEU A 101 -37.83 -11.11 -6.45
CA LEU A 101 -37.31 -10.34 -5.35
C LEU A 101 -38.39 -10.23 -4.32
N PRO A 102 -38.18 -10.85 -3.15
CA PRO A 102 -39.03 -10.86 -1.97
C PRO A 102 -39.94 -9.63 -1.83
N ALA A 103 -41.26 -9.88 -1.62
CA ALA A 103 -42.32 -8.84 -1.45
C ALA A 103 -42.68 -8.61 0.03
N GLU A 104 -42.66 -9.69 0.81
CA GLU A 104 -42.74 -9.57 2.26
C GLU A 104 -41.35 -9.84 2.86
N ILE A 105 -40.86 -8.87 3.63
CA ILE A 105 -39.92 -9.01 4.76
C ILE A 105 -40.43 -10.06 5.72
N PRO A 106 -39.55 -10.94 6.23
CA PRO A 106 -40.01 -11.87 7.27
C PRO A 106 -39.91 -11.26 8.69
N GLU A 107 -40.95 -11.52 9.51
CA GLU A 107 -41.05 -11.12 10.91
C GLU A 107 -39.84 -11.66 11.68
N PHE A 108 -39.36 -10.94 12.68
CA PHE A 108 -38.02 -11.22 13.22
C PHE A 108 -37.76 -12.59 13.86
N LYS A 109 -38.82 -13.15 14.47
CA LYS A 109 -38.71 -14.42 15.19
C LYS A 109 -38.34 -15.61 14.29
N LYS A 110 -38.97 -15.75 13.11
CA LYS A 110 -38.63 -16.82 12.16
C LYS A 110 -37.15 -16.87 11.76
N LEU A 111 -36.36 -15.87 12.16
CA LEU A 111 -34.94 -15.78 11.76
C LEU A 111 -34.03 -16.74 12.50
N GLY A 112 -34.14 -16.76 13.81
CA GLY A 112 -33.39 -17.76 14.56
C GLY A 112 -32.33 -17.07 15.37
N LEU A 113 -32.57 -15.79 15.62
CA LEU A 113 -31.77 -14.99 16.53
C LEU A 113 -32.46 -14.71 17.88
N PRO A 114 -31.64 -14.56 18.95
CA PRO A 114 -32.14 -14.11 20.26
C PRO A 114 -32.70 -12.68 20.18
N ASP A 115 -33.16 -12.17 21.33
CA ASP A 115 -33.86 -10.89 21.41
C ASP A 115 -32.94 -9.80 21.91
N LYS A 116 -31.79 -10.19 22.41
CA LYS A 116 -30.78 -9.23 22.78
C LYS A 116 -30.28 -8.49 21.53
N VAL A 117 -30.48 -9.11 20.38
CA VAL A 117 -30.27 -8.49 19.07
C VAL A 117 -31.40 -7.50 18.78
N LEU A 118 -32.63 -7.99 18.68
CA LEU A 118 -33.76 -7.13 18.47
C LEU A 118 -33.69 -5.98 19.39
N GLU A 119 -33.02 -6.18 20.51
CA GLU A 119 -32.85 -5.12 21.48
C GLU A 119 -31.99 -3.99 20.92
N LEU A 120 -31.01 -4.31 20.09
CA LEU A 120 -30.16 -3.28 19.48
C LEU A 120 -30.96 -2.19 18.77
N CYS A 121 -32.11 -2.55 18.22
CA CYS A 121 -33.06 -1.59 17.60
C CYS A 121 -33.62 -0.50 18.53
N HIS A 122 -33.27 -0.60 19.79
CA HIS A 122 -33.72 0.33 20.77
C HIS A 122 -32.61 1.27 21.20
N ARG A 123 -31.45 1.14 20.57
CA ARG A 123 -30.37 2.03 20.92
C ARG A 123 -30.66 3.42 20.38
N LYS A 124 -29.92 4.39 20.91
CA LYS A 124 -30.01 5.77 20.53
C LYS A 124 -28.99 6.12 19.42
N MSE A 125 -27.92 5.32 19.32
CA MSE A 125 -26.84 5.50 18.32
C MSE A 125 -25.72 4.43 18.31
O MSE A 125 -25.54 3.71 19.28
CB MSE A 125 -26.17 6.85 18.51
CG MSE A 125 -25.22 6.91 19.71
SE MSE A 125 -24.67 8.78 20.22
CE MSE A 125 -26.62 9.65 20.64
N GLY A 126 -24.95 4.40 17.23
CA GLY A 126 -23.83 3.50 17.14
C GLY A 126 -23.77 2.64 15.89
N LEU A 127 -22.72 1.84 15.83
CA LEU A 127 -22.53 0.89 14.74
C LEU A 127 -23.18 -0.46 15.04
N ILE A 128 -23.90 -0.99 14.07
CA ILE A 128 -24.37 -2.33 14.18
C ILE A 128 -23.98 -2.97 12.89
N LEU A 129 -22.93 -3.77 12.92
CA LEU A 129 -22.47 -4.44 11.72
C LEU A 129 -23.10 -5.81 11.55
N VAL A 130 -23.46 -6.17 10.33
CA VAL A 130 -24.02 -7.46 10.12
C VAL A 130 -23.23 -8.09 9.01
N THR A 131 -22.10 -8.67 9.38
CA THR A 131 -21.16 -9.18 8.38
C THR A 131 -21.65 -10.49 7.81
N GLY A 132 -20.93 -11.02 6.81
CA GLY A 132 -21.20 -12.36 6.28
C GLY A 132 -21.09 -12.50 4.77
N PRO A 133 -20.63 -13.66 4.28
CA PRO A 133 -20.36 -13.93 2.87
C PRO A 133 -21.65 -14.13 2.06
N THR A 134 -21.59 -13.76 0.77
CA THR A 134 -22.75 -13.58 -0.11
C THR A 134 -23.70 -14.74 -0.14
N GLY A 135 -24.96 -14.44 0.17
CA GLY A 135 -26.01 -15.47 0.29
C GLY A 135 -26.03 -16.10 1.67
N SER A 136 -25.80 -15.24 2.67
CA SER A 136 -25.92 -15.56 4.10
C SER A 136 -27.11 -14.78 4.69
N GLY A 137 -27.88 -14.16 3.80
CA GLY A 137 -29.06 -13.40 4.18
C GLY A 137 -28.81 -12.33 5.23
N LYS A 138 -27.86 -11.44 4.95
CA LYS A 138 -27.60 -10.34 5.87
C LYS A 138 -28.59 -9.25 5.63
N SER A 139 -29.05 -9.13 4.40
CA SER A 139 -30.09 -8.18 4.07
C SER A 139 -31.36 -8.63 4.79
N THR A 140 -31.63 -9.93 4.68
CA THR A 140 -32.77 -10.56 5.31
C THR A 140 -32.84 -10.18 6.77
N THR A 141 -31.71 -10.35 7.46
CA THR A 141 -31.55 -9.95 8.84
C THR A 141 -31.80 -8.45 9.00
N ILE A 142 -31.01 -7.63 8.30
CA ILE A 142 -31.17 -6.18 8.35
C ILE A 142 -32.63 -5.91 8.14
N ALA A 143 -33.16 -6.20 6.95
CA ALA A 143 -34.57 -5.93 6.62
C ALA A 143 -35.54 -6.14 7.79
N SER A 144 -35.30 -7.18 8.55
CA SER A 144 -36.12 -7.46 9.72
C SER A 144 -36.06 -6.33 10.76
N MSE A 145 -34.86 -6.12 11.31
CA MSE A 145 -34.60 -5.14 12.35
C MSE A 145 -35.05 -3.73 11.99
O MSE A 145 -35.64 -3.01 12.80
CB MSE A 145 -33.10 -5.07 12.63
CG MSE A 145 -32.45 -6.36 13.06
SE MSE A 145 -30.46 -6.17 13.39
CE MSE A 145 -30.50 -5.30 15.04
N ILE A 146 -34.71 -3.32 10.78
CA ILE A 146 -35.13 -2.04 10.25
C ILE A 146 -36.65 -2.05 10.31
N ASP A 147 -37.32 -3.01 9.68
CA ASP A 147 -38.81 -3.01 9.70
C ASP A 147 -39.39 -2.96 11.12
N TYR A 148 -38.85 -3.78 12.01
CA TYR A 148 -39.22 -3.75 13.42
C TYR A 148 -39.18 -2.33 13.92
N ILE A 149 -38.14 -1.58 13.54
CA ILE A 149 -38.05 -0.17 13.89
C ILE A 149 -39.10 0.63 13.11
N ASN A 150 -39.34 0.27 11.87
CA ASN A 150 -40.33 0.95 11.07
C ASN A 150 -41.67 0.99 11.78
N GLN A 151 -42.06 -0.14 12.36
CA GLN A 151 -43.33 -0.27 13.11
C GLN A 151 -43.26 0.30 14.51
N THR A 152 -42.27 -0.13 15.28
CA THR A 152 -42.13 0.33 16.66
C THR A 152 -41.92 1.86 16.81
N LYS A 153 -40.97 2.46 16.08
CA LYS A 153 -40.49 3.84 16.38
C LYS A 153 -40.95 4.94 15.39
N SER A 154 -41.22 6.14 15.91
CA SER A 154 -41.58 7.31 15.10
C SER A 154 -40.37 7.95 14.42
N TYR A 155 -39.85 7.28 13.41
CA TYR A 155 -38.51 7.56 12.95
C TYR A 155 -38.44 7.87 11.47
N HIS A 156 -37.29 8.37 11.02
CA HIS A 156 -37.00 8.62 9.60
C HIS A 156 -35.78 7.84 9.14
N ILE A 157 -36.04 6.62 8.66
CA ILE A 157 -34.97 5.70 8.27
C ILE A 157 -34.65 5.89 6.82
N ILE A 158 -33.37 5.69 6.51
CA ILE A 158 -32.82 5.98 5.21
C ILE A 158 -31.85 4.86 4.94
N THR A 159 -31.93 4.27 3.76
CA THR A 159 -31.04 3.19 3.35
C THR A 159 -30.44 3.46 1.99
N ILE A 160 -29.15 3.23 1.89
CA ILE A 160 -28.44 3.43 0.67
C ILE A 160 -28.01 2.08 0.20
N GLU A 161 -28.85 1.39 -0.56
CA GLU A 161 -28.59 -0.02 -0.87
C GLU A 161 -28.05 -0.23 -2.27
N ASP A 162 -27.50 -1.42 -2.50
CA ASP A 162 -27.13 -1.89 -3.84
C ASP A 162 -27.34 -3.37 -4.07
N PRO A 163 -28.47 -3.73 -4.69
CA PRO A 163 -29.62 -2.88 -5.01
C PRO A 163 -30.64 -2.89 -3.87
N ILE A 164 -31.80 -2.26 -4.04
CA ILE A 164 -32.81 -2.40 -3.02
C ILE A 164 -33.32 -3.83 -3.01
N GLU A 165 -33.00 -4.55 -1.94
CA GLU A 165 -33.36 -5.96 -1.81
C GLU A 165 -34.78 -6.13 -1.34
N TYR A 166 -35.17 -5.47 -0.24
CA TYR A 166 -36.56 -5.43 0.24
C TYR A 166 -37.17 -4.02 0.12
N VAL A 167 -38.43 -3.90 -0.26
CA VAL A 167 -39.06 -2.59 -0.18
C VAL A 167 -39.60 -2.48 1.22
N PHE A 168 -39.40 -1.31 1.85
CA PHE A 168 -40.01 -1.08 3.14
C PHE A 168 -41.38 -0.44 2.98
N LYS A 169 -42.31 -0.79 3.87
CA LYS A 169 -43.69 -0.28 3.85
C LYS A 169 -43.96 0.87 4.86
N HIS A 170 -45.17 1.41 4.86
CA HIS A 170 -45.41 2.64 5.62
C HIS A 170 -46.14 2.57 6.94
N LYS A 171 -45.36 2.67 8.01
CA LYS A 171 -45.84 2.64 9.41
C LYS A 171 -45.49 3.94 10.22
N LYS A 172 -45.03 3.74 11.46
CA LYS A 172 -44.71 4.79 12.42
C LYS A 172 -43.52 5.60 11.93
N SER A 173 -42.59 4.93 11.27
CA SER A 173 -41.44 5.57 10.69
C SER A 173 -41.61 5.76 9.17
N ILE A 174 -40.88 6.73 8.62
CA ILE A 174 -40.96 7.14 7.21
C ILE A 174 -39.65 6.79 6.48
N VAL A 175 -39.74 5.98 5.44
CA VAL A 175 -38.57 5.26 4.94
C VAL A 175 -38.17 5.63 3.54
N ASN A 176 -37.03 6.30 3.42
CA ASN A 176 -36.45 6.54 2.13
C ASN A 176 -35.43 5.46 1.81
N GLN A 177 -35.51 4.82 0.65
CA GLN A 177 -34.42 3.94 0.18
C GLN A 177 -33.82 4.44 -1.12
N ARG A 178 -32.49 4.47 -1.19
CA ARG A 178 -31.84 5.04 -2.34
C ARG A 178 -30.96 3.99 -2.99
N GLU A 179 -31.36 3.53 -4.16
CA GLU A 179 -30.63 2.48 -4.86
C GLU A 179 -29.47 3.16 -5.53
N VAL A 180 -28.30 2.53 -5.53
CA VAL A 180 -27.16 3.17 -6.17
C VAL A 180 -27.07 2.88 -7.65
N GLY A 181 -26.71 3.87 -8.45
CA GLY A 181 -26.78 3.75 -9.91
C GLY A 181 -28.04 4.45 -10.35
N GLU A 182 -29.15 4.03 -9.79
CA GLU A 182 -30.44 4.60 -10.13
C GLU A 182 -30.62 6.00 -9.56
N ASP A 183 -30.35 6.17 -8.28
CA ASP A 183 -30.82 7.33 -7.57
C ASP A 183 -29.68 8.14 -6.97
N THR A 184 -28.50 7.58 -6.96
CA THR A 184 -27.32 8.36 -6.61
C THR A 184 -26.16 7.87 -7.39
N LYS A 185 -25.11 8.67 -7.44
CA LYS A 185 -24.00 8.39 -8.29
C LYS A 185 -23.04 7.48 -7.59
N SER A 186 -23.14 7.37 -6.28
CA SER A 186 -22.17 6.57 -5.54
C SER A 186 -22.55 6.48 -4.09
N PHE A 187 -22.15 5.41 -3.43
CA PHE A 187 -22.32 5.33 -2.00
C PHE A 187 -21.76 6.57 -1.34
N ALA A 188 -20.77 7.17 -1.97
CA ALA A 188 -20.07 8.33 -1.40
C ALA A 188 -21.00 9.49 -1.09
N ASP A 189 -21.26 10.30 -2.11
CA ASP A 189 -22.15 11.43 -1.96
C ASP A 189 -23.55 11.02 -1.57
N ALA A 190 -23.93 9.74 -1.69
CA ALA A 190 -25.27 9.27 -1.29
C ALA A 190 -25.42 9.27 0.23
N LEU A 191 -24.43 8.72 0.90
CA LEU A 191 -24.38 8.79 2.33
C LEU A 191 -24.25 10.23 2.69
N ARG A 192 -23.18 10.87 2.20
CA ARG A 192 -22.81 12.24 2.59
C ARG A 192 -23.95 13.27 2.59
N ALA A 193 -24.97 13.00 1.80
CA ALA A 193 -26.14 13.83 1.75
C ALA A 193 -27.09 13.25 2.76
N ALA A 194 -27.20 11.94 2.82
CA ALA A 194 -28.02 11.36 3.86
C ALA A 194 -27.80 12.08 5.19
N LEU A 195 -26.53 12.39 5.49
CA LEU A 195 -26.13 13.06 6.73
C LEU A 195 -26.66 14.48 6.94
N ARG A 196 -27.37 14.99 5.95
CA ARG A 196 -27.93 16.34 5.97
C ARG A 196 -29.43 16.30 5.84
N GLU A 197 -29.91 15.16 5.35
CA GLU A 197 -31.30 14.92 5.07
C GLU A 197 -32.06 14.63 6.35
N ASP A 198 -31.43 14.91 7.49
CA ASP A 198 -32.00 14.69 8.82
C ASP A 198 -32.53 13.25 9.00
N PRO A 199 -31.65 12.29 9.31
CA PRO A 199 -32.01 10.90 9.45
C PRO A 199 -31.97 10.43 10.88
N ASP A 200 -32.60 9.28 11.09
CA ASP A 200 -32.66 8.65 12.40
C ASP A 200 -31.82 7.40 12.38
N VAL A 201 -32.03 6.58 11.37
CA VAL A 201 -31.25 5.38 11.21
C VAL A 201 -30.77 5.34 9.78
N ILE A 202 -29.47 5.19 9.60
CA ILE A 202 -28.87 5.16 8.29
C ILE A 202 -28.31 3.78 8.03
N PHE A 203 -28.54 3.26 6.82
CA PHE A 203 -28.03 1.95 6.44
C PHE A 203 -27.03 2.05 5.30
N VAL A 204 -25.75 2.11 5.64
CA VAL A 204 -24.70 2.18 4.65
C VAL A 204 -24.62 0.79 4.09
N GLY A 205 -24.85 0.66 2.80
CA GLY A 205 -25.14 -0.63 2.21
C GLY A 205 -24.05 -1.67 2.30
N GLU A 206 -22.84 -1.21 2.10
CA GLU A 206 -21.66 -2.03 2.19
C GLU A 206 -20.51 -1.04 2.48
N MSE A 207 -19.49 -1.46 3.24
CA MSE A 207 -18.39 -0.57 3.66
C MSE A 207 -17.02 -0.99 3.14
O MSE A 207 -16.04 -1.20 3.88
CB MSE A 207 -18.39 -0.41 5.17
CG MSE A 207 -19.64 0.32 5.62
SE MSE A 207 -19.69 0.88 7.50
CE MSE A 207 -18.00 -0.27 8.23
N ARG A 208 -16.98 -1.08 1.82
CA ARG A 208 -15.85 -1.58 1.05
C ARG A 208 -14.73 -0.56 1.13
N ASP A 209 -15.12 0.67 1.39
CA ASP A 209 -14.33 1.80 0.98
C ASP A 209 -14.02 2.75 2.15
N LEU A 210 -12.74 3.09 2.29
CA LEU A 210 -12.24 3.95 3.35
C LEU A 210 -13.07 5.20 3.64
N GLU A 211 -13.55 5.86 2.63
CA GLU A 211 -14.25 7.12 2.86
C GLU A 211 -15.67 6.83 3.40
N THR A 212 -16.31 5.80 2.85
CA THR A 212 -17.59 5.35 3.34
C THR A 212 -17.47 5.11 4.83
N VAL A 213 -16.59 4.20 5.20
CA VAL A 213 -16.45 3.84 6.57
C VAL A 213 -16.36 5.08 7.37
N GLU A 214 -15.51 5.98 6.91
CA GLU A 214 -15.14 7.18 7.66
C GLU A 214 -16.35 7.92 8.16
N THR A 215 -17.29 8.22 7.28
CA THR A 215 -18.47 8.96 7.65
C THR A 215 -19.43 8.01 8.36
N ALA A 216 -19.53 6.78 7.88
CA ALA A 216 -20.39 5.82 8.53
C ALA A 216 -20.16 5.86 10.01
N LEU A 217 -18.91 6.02 10.39
CA LEU A 217 -18.55 6.18 11.79
C LEU A 217 -19.00 7.52 12.26
N ARG A 218 -18.49 8.57 11.61
CA ARG A 218 -18.76 9.96 11.96
C ARG A 218 -20.25 10.21 12.17
N ALA A 219 -21.07 9.29 11.64
CA ALA A 219 -22.53 9.34 11.69
C ALA A 219 -23.08 8.59 12.86
N ALA A 220 -22.44 7.48 13.20
CA ALA A 220 -22.84 6.72 14.35
C ALA A 220 -22.47 7.45 15.64
N GLU A 221 -21.33 8.13 15.63
CA GLU A 221 -20.81 8.79 16.83
C GLU A 221 -21.51 10.09 17.06
N THR A 222 -22.47 10.41 16.22
CA THR A 222 -23.04 11.72 16.24
C THR A 222 -24.57 11.76 16.29
N GLY A 223 -25.17 10.71 16.83
CA GLY A 223 -26.61 10.72 17.09
C GLY A 223 -27.47 9.81 16.23
N HIS A 224 -26.88 8.94 15.45
CA HIS A 224 -27.65 8.14 14.56
C HIS A 224 -27.33 6.66 14.69
N LEU A 225 -28.27 5.81 14.35
CA LEU A 225 -27.99 4.41 14.24
C LEU A 225 -27.44 4.10 12.89
N VAL A 226 -26.24 3.56 12.85
CA VAL A 226 -25.63 3.25 11.60
C VAL A 226 -25.52 1.76 11.48
N PHE A 227 -26.33 1.19 10.61
CA PHE A 227 -26.25 -0.21 10.29
C PHE A 227 -25.31 -0.39 9.13
N GLY A 228 -24.24 -1.14 9.35
CA GLY A 228 -23.31 -1.43 8.28
C GLY A 228 -23.34 -2.90 7.96
N THR A 229 -22.74 -3.30 6.84
CA THR A 229 -22.58 -4.71 6.53
C THR A 229 -21.28 -4.91 5.81
N LEU A 230 -20.76 -6.11 5.89
CA LEU A 230 -19.48 -6.40 5.34
C LEU A 230 -19.42 -7.84 4.84
N HIS A 231 -18.21 -8.35 4.64
CA HIS A 231 -17.98 -9.72 4.15
C HIS A 231 -17.03 -10.56 5.01
N THR A 232 -16.65 -10.04 6.18
CA THR A 232 -15.80 -10.78 7.11
C THR A 232 -16.56 -11.93 7.77
N ASN A 233 -15.84 -12.87 8.40
CA ASN A 233 -16.45 -14.09 8.86
C ASN A 233 -16.70 -14.21 10.34
N THR A 234 -15.79 -13.68 11.16
CA THR A 234 -15.97 -13.61 12.62
C THR A 234 -16.00 -12.16 13.12
N ALA A 235 -16.39 -11.98 14.38
CA ALA A 235 -16.41 -10.67 15.02
C ALA A 235 -15.04 -10.00 14.96
N ILE A 236 -14.06 -10.61 15.62
CA ILE A 236 -12.72 -10.06 15.67
C ILE A 236 -12.08 -9.91 14.29
N ASP A 237 -12.65 -10.57 13.28
CA ASP A 237 -12.16 -10.36 11.95
C ASP A 237 -12.67 -9.01 11.52
N THR A 238 -13.95 -8.77 11.78
CA THR A 238 -14.59 -7.54 11.34
C THR A 238 -13.85 -6.36 11.87
N ILE A 239 -13.77 -6.28 13.18
CA ILE A 239 -13.14 -5.13 13.80
C ILE A 239 -11.64 -5.06 13.60
N HIS A 240 -11.03 -6.05 12.96
CA HIS A 240 -9.64 -5.92 12.51
C HIS A 240 -9.79 -5.21 11.19
N ARG A 241 -10.61 -5.79 10.35
CA ARG A 241 -10.65 -5.50 8.94
C ARG A 241 -11.17 -4.11 8.61
N ILE A 242 -11.91 -3.47 9.50
CA ILE A 242 -12.30 -2.08 9.23
C ILE A 242 -11.22 -1.14 9.68
N VAL A 243 -10.47 -1.51 10.69
CA VAL A 243 -9.37 -0.67 11.12
C VAL A 243 -8.17 -0.85 10.18
N ASP A 244 -8.11 -2.01 9.53
CA ASP A 244 -7.04 -2.33 8.56
C ASP A 244 -7.09 -1.53 7.25
N ILE A 245 -8.20 -0.84 7.00
CA ILE A 245 -8.33 -0.06 5.78
C ILE A 245 -8.00 1.42 6.00
N PHE A 246 -7.63 1.74 7.23
CA PHE A 246 -7.14 3.07 7.56
C PHE A 246 -5.62 3.13 7.36
N PRO A 247 -5.04 4.35 7.18
CA PRO A 247 -3.59 4.57 7.34
C PRO A 247 -3.19 4.46 8.80
N LEU A 248 -2.17 3.66 9.09
CA LEU A 248 -1.85 3.32 10.49
C LEU A 248 -1.26 4.47 11.29
N ASN A 249 -0.99 5.59 10.62
CA ASN A 249 -0.57 6.85 11.25
C ASN A 249 -1.43 7.18 12.48
N GLN A 250 -2.74 6.99 12.33
CA GLN A 250 -3.75 7.22 13.36
C GLN A 250 -4.55 5.96 13.67
N GLN A 251 -4.24 4.88 12.98
CA GLN A 251 -5.01 3.65 13.09
C GLN A 251 -5.53 3.39 14.48
N GLU A 252 -4.68 3.56 15.49
CA GLU A 252 -5.07 3.40 16.89
C GLU A 252 -6.38 4.10 17.20
N GLN A 253 -6.52 5.33 16.70
CA GLN A 253 -7.58 6.25 17.09
C GLN A 253 -8.96 5.75 16.76
N VAL A 254 -9.02 4.83 15.80
CA VAL A 254 -10.27 4.27 15.38
C VAL A 254 -10.65 3.16 16.36
N ARG A 255 -9.68 2.32 16.69
CA ARG A 255 -9.91 1.25 17.63
C ARG A 255 -10.63 1.79 18.86
N ILE A 256 -10.22 2.97 19.31
CA ILE A 256 -10.81 3.62 20.50
C ILE A 256 -12.24 4.07 20.23
N VAL A 257 -12.43 4.96 19.26
CA VAL A 257 -13.76 5.37 18.85
C VAL A 257 -14.66 4.13 18.64
N LEU A 258 -14.06 3.04 18.16
CA LEU A 258 -14.80 1.86 17.85
C LEU A 258 -15.24 1.20 19.12
N SER A 259 -14.43 1.30 20.15
CA SER A 259 -14.76 0.71 21.44
C SER A 259 -15.58 1.66 22.29
N PHE A 260 -16.47 2.38 21.63
CA PHE A 260 -17.46 3.20 22.31
C PHE A 260 -18.74 3.21 21.48
N ILE A 261 -18.60 3.10 20.16
CA ILE A 261 -19.72 3.26 19.26
C ILE A 261 -20.09 1.95 18.56
N LEU A 262 -19.28 0.93 18.78
CA LEU A 262 -19.58 -0.43 18.40
C LEU A 262 -20.70 -0.86 19.30
N GLN A 263 -21.77 -1.32 18.74
CA GLN A 263 -22.88 -1.62 19.56
C GLN A 263 -23.39 -3.00 19.27
N GLY A 264 -22.93 -3.57 18.16
CA GLY A 264 -23.21 -4.99 17.88
C GLY A 264 -22.58 -5.54 16.62
N ILE A 265 -21.94 -6.70 16.70
CA ILE A 265 -21.43 -7.37 15.53
C ILE A 265 -22.06 -8.74 15.42
N ILE A 266 -22.71 -9.03 14.29
CA ILE A 266 -23.39 -10.32 14.05
C ILE A 266 -22.96 -10.96 12.73
N SER A 267 -21.99 -11.87 12.76
CA SER A 267 -21.57 -12.53 11.53
C SER A 267 -22.54 -13.64 11.27
N GLN A 268 -22.79 -13.95 10.00
CA GLN A 268 -23.83 -14.93 9.68
C GLN A 268 -23.39 -15.97 8.66
N ARG A 269 -24.15 -17.06 8.59
CA ARG A 269 -24.03 -18.00 7.49
C ARG A 269 -25.30 -18.84 7.41
N LEU A 270 -25.69 -19.12 6.18
CA LEU A 270 -26.87 -19.91 5.93
C LEU A 270 -26.45 -21.32 5.57
N LEU A 271 -27.16 -22.29 6.13
CA LEU A 271 -26.85 -23.71 5.95
C LEU A 271 -28.06 -24.50 5.48
N PRO A 272 -27.82 -25.69 4.87
CA PRO A 272 -28.83 -26.74 4.59
C PRO A 272 -29.38 -27.51 5.83
N LYS A 273 -30.66 -27.31 6.10
CA LYS A 273 -31.36 -27.97 7.19
C LYS A 273 -31.78 -29.38 6.78
N ILE A 274 -31.95 -30.21 7.80
CA ILE A 274 -32.41 -31.61 7.68
C ILE A 274 -33.79 -31.65 6.99
N GLY A 275 -34.55 -30.54 7.08
CA GLY A 275 -35.92 -30.46 6.53
C GLY A 275 -36.04 -29.80 5.17
N GLY A 276 -36.32 -28.50 5.18
CA GLY A 276 -36.49 -27.70 3.95
C GLY A 276 -35.28 -26.86 3.55
N GLY A 277 -34.13 -27.13 4.20
CA GLY A 277 -32.84 -26.50 3.86
C GLY A 277 -32.56 -25.08 4.37
N ARG A 278 -33.42 -24.57 5.27
CA ARG A 278 -33.41 -23.16 5.68
C ARG A 278 -32.97 -22.91 7.11
N VAL A 279 -31.68 -22.99 7.45
CA VAL A 279 -31.33 -22.67 8.82
C VAL A 279 -30.10 -21.84 8.94
N LEU A 280 -30.14 -20.84 9.82
CA LEU A 280 -29.05 -19.87 9.95
C LEU A 280 -28.15 -20.08 11.19
N ALA A 281 -26.84 -19.87 11.04
CA ALA A 281 -25.89 -19.92 12.16
C ALA A 281 -25.18 -18.59 12.31
N TYR A 282 -24.83 -18.21 13.55
CA TYR A 282 -24.32 -16.87 13.82
C TYR A 282 -23.38 -16.81 14.98
N GLU A 283 -22.58 -15.76 15.02
CA GLU A 283 -21.71 -15.44 16.13
C GLU A 283 -22.13 -14.07 16.60
N LEU A 284 -22.17 -13.86 17.90
CA LEU A 284 -22.81 -12.67 18.39
C LEU A 284 -22.02 -11.96 19.44
N LEU A 285 -21.72 -10.69 19.20
CA LEU A 285 -20.98 -9.88 20.16
C LEU A 285 -21.64 -8.53 20.39
N ILE A 286 -22.23 -8.35 21.58
CA ILE A 286 -22.76 -7.05 22.02
C ILE A 286 -21.92 -6.54 23.19
N PRO A 287 -21.08 -5.53 22.96
CA PRO A 287 -20.19 -4.97 23.95
C PRO A 287 -20.86 -4.45 25.22
N ASN A 288 -20.39 -5.00 26.34
CA ASN A 288 -20.69 -4.54 27.70
C ASN A 288 -19.52 -3.77 28.33
N THR A 289 -19.81 -3.00 29.37
CA THR A 289 -18.86 -2.07 29.96
C THR A 289 -17.41 -2.63 30.07
N ALA A 290 -17.32 -3.97 30.11
CA ALA A 290 -16.06 -4.71 30.20
C ALA A 290 -15.37 -4.81 28.85
N ILE A 291 -16.05 -5.44 27.89
CA ILE A 291 -15.49 -5.68 26.57
C ILE A 291 -14.93 -4.41 25.92
N ARG A 292 -15.53 -3.27 26.22
CA ARG A 292 -15.10 -1.94 25.72
C ARG A 292 -13.61 -1.68 25.93
N ASN A 293 -13.18 -1.82 27.17
CA ASN A 293 -11.79 -1.58 27.53
C ASN A 293 -10.81 -2.47 26.86
N LEU A 294 -11.25 -3.68 26.54
CA LEU A 294 -10.37 -4.62 25.94
C LEU A 294 -9.98 -4.08 24.58
N ILE A 295 -10.99 -3.67 23.83
CA ILE A 295 -10.78 -3.27 22.44
C ILE A 295 -9.97 -1.98 22.41
N ARG A 296 -10.21 -1.13 23.40
CA ARG A 296 -9.48 0.11 23.56
C ARG A 296 -7.98 -0.16 23.59
N GLU A 297 -7.58 -1.19 24.33
CA GLU A 297 -6.17 -1.47 24.55
C GLU A 297 -5.70 -2.56 23.57
N ASN A 298 -6.32 -2.60 22.39
CA ASN A 298 -5.92 -3.50 21.29
C ASN A 298 -6.12 -5.01 21.57
N LYS A 299 -6.27 -5.37 22.85
CA LYS A 299 -6.26 -6.75 23.29
C LYS A 299 -7.48 -7.50 22.77
N LEU A 300 -7.31 -8.18 21.64
CA LEU A 300 -8.46 -8.75 20.90
C LEU A 300 -8.85 -10.21 21.22
N GLN A 301 -7.96 -11.17 20.98
CA GLN A 301 -8.24 -12.59 21.27
C GLN A 301 -8.44 -12.84 22.76
N GLN A 302 -8.21 -11.79 23.53
CA GLN A 302 -8.66 -11.73 24.90
C GLN A 302 -10.19 -11.53 24.98
N VAL A 303 -10.78 -11.02 23.90
CA VAL A 303 -12.24 -10.94 23.78
C VAL A 303 -12.79 -12.28 23.29
N TYR A 304 -12.02 -12.99 22.46
CA TYR A 304 -12.38 -14.35 22.05
C TYR A 304 -12.47 -15.29 23.27
N SER A 305 -11.50 -15.17 24.18
CA SER A 305 -11.54 -15.85 25.47
C SER A 305 -12.89 -15.60 26.17
N LEU A 306 -13.29 -14.32 26.19
CA LEU A 306 -14.48 -13.81 26.88
C LEU A 306 -15.82 -14.09 26.15
N MSE A 307 -15.81 -14.91 25.10
CA MSE A 307 -17.04 -15.21 24.40
C MSE A 307 -17.51 -16.61 24.76
O MSE A 307 -16.93 -17.62 24.31
CB MSE A 307 -16.94 -14.94 22.89
CG MSE A 307 -17.39 -13.48 22.49
SE MSE A 307 -16.68 -12.41 20.86
CE MSE A 307 -17.78 -13.11 19.40
N GLN A 308 -18.52 -16.62 25.64
CA GLN A 308 -19.23 -17.82 26.15
C GLN A 308 -20.61 -17.53 26.83
N MSE A 316 -20.62 -12.34 24.09
CA MSE A 316 -21.89 -13.08 24.19
C MSE A 316 -21.95 -14.61 23.80
O MSE A 316 -22.48 -15.42 24.60
CB MSE A 316 -23.01 -12.32 23.48
CG MSE A 316 -24.00 -11.56 24.38
SE MSE A 316 -25.38 -12.55 25.49
CE MSE A 316 -25.60 -14.35 24.46
N GLN A 317 -21.46 -14.98 22.60
CA GLN A 317 -21.56 -16.36 22.01
C GLN A 317 -20.75 -16.63 20.71
N THR A 318 -19.79 -17.55 20.74
CA THR A 318 -18.93 -17.87 19.58
C THR A 318 -19.69 -18.51 18.41
N MSE A 319 -18.99 -18.69 17.28
CA MSE A 319 -19.59 -19.28 16.08
C MSE A 319 -19.76 -20.77 16.30
O MSE A 319 -20.89 -21.29 16.28
CB MSE A 319 -18.73 -19.02 14.83
CG MSE A 319 -19.47 -18.41 13.57
SE MSE A 319 -21.20 -19.12 12.85
CE MSE A 319 -21.22 -18.23 11.14
N ASN A 320 -18.64 -21.47 16.50
CA ASN A 320 -18.67 -22.90 16.78
C ASN A 320 -19.73 -23.26 17.81
N GLN A 321 -19.84 -22.42 18.85
CA GLN A 321 -20.81 -22.59 19.93
C GLN A 321 -22.24 -22.63 19.40
N THR A 322 -22.55 -21.85 18.36
CA THR A 322 -23.90 -21.86 17.78
C THR A 322 -24.00 -22.90 16.66
N LEU A 323 -23.05 -23.82 16.63
CA LEU A 323 -23.16 -24.98 15.75
C LEU A 323 -23.36 -26.23 16.58
N TYR A 324 -22.71 -26.28 17.74
CA TYR A 324 -22.91 -27.36 18.71
C TYR A 324 -24.36 -27.32 19.17
N LYS A 325 -24.82 -26.14 19.60
CA LYS A 325 -26.20 -25.92 20.06
C LYS A 325 -27.19 -26.13 18.90
N LEU A 326 -26.65 -26.21 17.67
CA LEU A 326 -27.45 -26.48 16.46
C LEU A 326 -27.47 -27.95 15.98
N TYR A 327 -26.32 -28.61 16.03
CA TYR A 327 -26.20 -30.02 15.62
C TYR A 327 -26.74 -31.04 16.66
N LYS A 328 -26.47 -30.78 17.95
CA LYS A 328 -26.99 -31.62 19.06
C LYS A 328 -28.53 -31.66 19.12
N GLN A 329 -29.19 -30.71 18.43
CA GLN A 329 -30.67 -30.68 18.30
C GLN A 329 -31.13 -31.40 17.00
N GLY A 330 -30.14 -31.80 16.19
CA GLY A 330 -30.37 -32.55 14.96
C GLY A 330 -31.00 -31.74 13.85
N LEU A 331 -30.36 -30.62 13.49
CA LEU A 331 -30.80 -29.76 12.38
C LEU A 331 -29.73 -29.60 11.29
N ILE A 332 -28.47 -29.74 11.66
CA ILE A 332 -27.37 -29.61 10.71
C ILE A 332 -26.40 -30.79 10.86
N THR A 333 -25.80 -31.23 9.75
CA THR A 333 -24.91 -32.42 9.77
C THR A 333 -23.55 -32.17 10.39
N LEU A 334 -23.03 -33.20 11.08
CA LEU A 334 -21.67 -33.23 11.69
C LEU A 334 -20.58 -32.87 10.66
N GLU A 335 -20.99 -32.76 9.40
CA GLU A 335 -20.05 -32.52 8.33
C GLU A 335 -20.29 -31.25 7.55
N ASP A 336 -21.49 -30.70 7.69
CA ASP A 336 -21.74 -29.43 7.04
C ASP A 336 -21.22 -28.30 7.90
N ALA A 337 -21.24 -28.51 9.21
CA ALA A 337 -20.82 -27.48 10.13
C ALA A 337 -19.33 -27.53 10.51
N MSE A 338 -18.61 -28.61 10.18
CA MSE A 338 -17.13 -28.65 10.35
C MSE A 338 -16.52 -28.16 9.05
O MSE A 338 -15.39 -28.51 8.69
CB MSE A 338 -16.59 -30.04 10.73
CG MSE A 338 -16.47 -30.33 12.25
SE MSE A 338 -14.98 -29.47 13.30
CE MSE A 338 -15.97 -27.94 14.16
N GLU A 339 -17.28 -27.30 8.39
CA GLU A 339 -17.06 -26.85 7.03
C GLU A 339 -17.16 -25.33 6.96
N ALA A 340 -18.23 -24.80 7.56
CA ALA A 340 -18.49 -23.36 7.70
C ALA A 340 -17.78 -22.77 8.92
N SER A 341 -17.43 -23.62 9.88
CA SER A 341 -16.76 -23.21 11.12
C SER A 341 -15.33 -22.76 10.89
N PRO A 342 -15.04 -21.49 11.22
CA PRO A 342 -13.67 -21.01 11.33
C PRO A 342 -12.67 -22.05 11.96
N ASP A 343 -12.91 -22.50 13.18
CA ASP A 343 -11.94 -23.38 13.85
C ASP A 343 -12.46 -24.81 14.10
N PRO A 344 -11.88 -25.81 13.39
CA PRO A 344 -12.15 -27.23 13.65
C PRO A 344 -11.89 -27.66 15.10
N LYS A 345 -10.86 -27.09 15.73
CA LYS A 345 -10.45 -27.41 17.12
C LYS A 345 -11.53 -27.27 18.25
N GLU A 346 -12.27 -26.15 18.24
CA GLU A 346 -13.14 -25.74 19.37
C GLU A 346 -14.47 -26.50 19.52
N LEU A 347 -14.62 -27.55 18.71
CA LEU A 347 -15.77 -28.46 18.81
C LEU A 347 -15.33 -29.92 18.69
N GLU A 348 -16.26 -30.82 18.32
CA GLU A 348 -16.02 -32.28 18.23
C GLU A 348 -15.60 -32.87 19.60
N ARG A 349 -14.87 -32.06 20.38
CA ARG A 349 -14.65 -32.25 21.82
C ARG A 349 -16.05 -32.21 22.45
N MSE A 350 -16.93 -31.46 21.78
CA MSE A 350 -18.35 -31.34 22.11
C MSE A 350 -19.15 -31.96 20.97
O MSE A 350 -19.92 -32.89 21.18
CB MSE A 350 -18.71 -29.86 22.32
CG MSE A 350 -17.75 -29.08 23.26
SE MSE A 350 -18.01 -29.35 25.23
CE MSE A 350 -16.18 -29.84 25.85
N GLU B 1 -55.07 22.30 -2.11
CA GLU B 1 -54.73 21.01 -1.42
C GLU B 1 -53.23 20.83 -1.18
N LEU B 2 -52.50 20.45 -2.24
CA LEU B 2 -51.07 20.13 -2.15
C LEU B 2 -50.16 21.25 -2.65
N LYS B 3 -50.10 22.33 -1.87
CA LYS B 3 -49.26 23.48 -2.18
C LYS B 3 -48.17 23.57 -1.13
N ILE B 4 -46.92 23.54 -1.56
CA ILE B 4 -45.82 23.56 -0.61
C ILE B 4 -46.02 24.66 0.44
N LEU B 5 -46.31 25.86 -0.06
CA LEU B 5 -46.48 27.04 0.75
C LEU B 5 -47.36 26.81 1.97
N GLU B 6 -48.29 25.87 1.84
CA GLU B 6 -49.33 25.61 2.84
C GLU B 6 -49.02 24.39 3.70
N ILE B 7 -48.01 23.64 3.31
CA ILE B 7 -47.56 22.55 4.14
C ILE B 7 -46.55 23.14 5.11
N ILE B 8 -45.85 24.20 4.68
CA ILE B 8 -45.04 25.01 5.61
C ILE B 8 -45.95 25.75 6.62
N LYS B 9 -47.13 26.18 6.16
CA LYS B 9 -48.10 26.87 7.00
C LYS B 9 -48.39 26.04 8.25
N GLU B 10 -48.87 24.81 8.01
CA GLU B 10 -49.18 23.86 9.08
C GLU B 10 -47.94 23.30 9.77
N ALA B 11 -46.75 23.59 9.25
CA ALA B 11 -45.52 23.14 9.88
C ALA B 11 -45.10 24.03 11.06
N ILE B 12 -45.15 25.35 10.91
CA ILE B 12 -44.76 26.22 12.01
C ILE B 12 -45.92 26.49 12.99
N GLU B 13 -47.15 26.32 12.50
CA GLU B 13 -48.34 26.32 13.33
C GLU B 13 -48.27 25.20 14.38
N LEU B 14 -47.91 24.00 13.96
CA LEU B 14 -47.82 22.86 14.88
C LEU B 14 -46.56 22.97 15.71
N GLY B 15 -45.75 23.97 15.37
CA GLY B 15 -44.48 24.23 16.03
C GLY B 15 -43.42 23.21 15.64
N ALA B 16 -42.98 23.30 14.39
CA ALA B 16 -42.11 22.27 13.83
C ALA B 16 -40.61 22.65 13.74
N SER B 17 -39.78 21.62 13.87
CA SER B 17 -38.36 21.68 13.51
C SER B 17 -38.11 21.30 12.04
N ASP B 18 -38.84 20.32 11.54
CA ASP B 18 -38.63 19.80 10.21
C ASP B 18 -39.88 19.43 9.42
N ILE B 19 -39.85 19.58 8.10
CA ILE B 19 -40.83 18.89 7.29
C ILE B 19 -40.09 17.84 6.44
N HIS B 20 -40.80 16.75 6.15
CA HIS B 20 -40.27 15.62 5.39
C HIS B 20 -41.29 15.14 4.43
N LEU B 21 -40.93 15.06 3.17
CA LEU B 21 -41.81 14.45 2.23
C LEU B 21 -41.24 13.11 1.79
N THR B 22 -42.13 12.25 1.35
CA THR B 22 -41.71 11.05 0.69
C THR B 22 -42.87 10.60 -0.17
N ALA B 23 -42.66 9.57 -0.99
CA ALA B 23 -43.66 9.10 -1.94
C ALA B 23 -44.87 8.34 -1.34
N GLY B 24 -44.54 7.28 -0.58
CA GLY B 24 -45.53 6.28 -0.15
C GLY B 24 -46.46 6.64 1.01
N ALA B 25 -46.26 7.85 1.56
CA ALA B 25 -47.05 8.36 2.69
C ALA B 25 -47.58 9.82 2.44
N PRO B 26 -48.31 10.40 3.42
CA PRO B 26 -48.56 11.85 3.43
C PRO B 26 -47.49 12.64 4.15
N PRO B 27 -47.30 13.89 3.76
CA PRO B 27 -46.34 14.80 4.30
C PRO B 27 -46.16 14.58 5.77
N ALA B 28 -44.91 14.67 6.23
CA ALA B 28 -44.51 14.41 7.62
C ALA B 28 -43.83 15.63 8.26
N VAL B 29 -43.98 15.76 9.59
CA VAL B 29 -43.31 16.83 10.28
C VAL B 29 -42.73 16.26 11.53
N ARG B 30 -41.52 16.68 11.87
CA ARG B 30 -40.97 16.38 13.16
C ARG B 30 -41.41 17.45 14.16
N ILE B 31 -42.00 16.99 15.26
CA ILE B 31 -42.23 17.81 16.45
C ILE B 31 -41.59 17.14 17.70
N ASP B 32 -40.57 17.81 18.24
CA ASP B 32 -39.88 17.34 19.43
C ASP B 32 -38.79 16.35 19.19
N GLY B 33 -38.82 15.71 18.03
CA GLY B 33 -37.95 14.54 17.76
C GLY B 33 -38.72 13.24 17.54
N TYR B 34 -40.06 13.36 17.48
CA TYR B 34 -40.95 12.30 17.01
C TYR B 34 -41.66 12.77 15.73
N ILE B 35 -41.90 11.84 14.79
CA ILE B 35 -42.48 12.20 13.48
C ILE B 35 -43.97 11.79 13.34
N LYS B 36 -44.81 12.78 13.00
CA LYS B 36 -46.27 12.62 12.82
C LYS B 36 -46.70 13.16 11.46
N PHE B 37 -47.55 12.38 10.79
CA PHE B 37 -48.14 12.76 9.52
C PHE B 37 -49.42 13.59 9.68
N LEU B 38 -49.36 14.85 9.26
CA LEU B 38 -50.54 15.69 9.22
C LEU B 38 -51.37 15.38 7.98
N LYS B 39 -51.91 14.16 7.96
CA LYS B 39 -52.88 13.67 6.93
C LYS B 39 -54.04 14.62 6.76
N ASP B 40 -54.08 15.57 7.68
CA ASP B 40 -55.07 16.66 7.84
C ASP B 40 -55.72 17.09 6.51
N PHE B 41 -54.90 17.55 5.57
CA PHE B 41 -55.37 17.78 4.23
C PHE B 41 -54.46 17.07 3.19
N PRO B 42 -53.17 17.43 3.14
CA PRO B 42 -52.32 16.72 2.18
C PRO B 42 -52.57 15.20 2.17
N ARG B 43 -52.80 14.63 1.00
CA ARG B 43 -53.08 13.20 0.95
C ARG B 43 -51.81 12.36 0.85
N LEU B 44 -51.89 11.03 1.03
CA LEU B 44 -50.74 10.11 0.75
C LEU B 44 -50.06 10.58 -0.54
N THR B 45 -48.96 11.32 -0.46
CA THR B 45 -48.49 12.17 -1.58
C THR B 45 -48.20 11.26 -2.80
N PRO B 46 -48.57 11.70 -4.05
CA PRO B 46 -48.34 10.81 -5.22
C PRO B 46 -46.88 10.62 -5.58
N GLU B 47 -46.60 10.18 -6.79
CA GLU B 47 -45.25 10.24 -7.26
C GLU B 47 -44.88 11.71 -7.46
N ASP B 48 -45.87 12.58 -7.34
CA ASP B 48 -45.70 14.00 -7.69
C ASP B 48 -45.42 14.92 -6.49
N THR B 49 -44.52 14.44 -5.66
CA THR B 49 -43.75 15.28 -4.76
C THR B 49 -42.77 15.98 -5.65
N GLN B 50 -42.61 15.37 -6.81
CA GLN B 50 -41.93 15.93 -7.94
C GLN B 50 -42.32 17.41 -8.07
N LYS B 51 -43.60 17.64 -8.35
CA LYS B 51 -44.16 18.99 -8.58
C LYS B 51 -43.92 19.96 -7.41
N LEU B 52 -44.07 19.44 -6.19
CA LEU B 52 -43.89 20.21 -4.95
C LEU B 52 -42.48 20.79 -4.73
N ALA B 53 -41.46 19.94 -4.92
CA ALA B 53 -40.10 20.34 -4.72
C ALA B 53 -39.72 21.13 -5.91
N TYR B 54 -40.08 20.65 -7.10
CA TYR B 54 -39.81 21.39 -8.33
C TYR B 54 -40.18 22.88 -8.26
N SER B 55 -41.20 23.20 -7.45
CA SER B 55 -41.69 24.57 -7.30
C SER B 55 -40.84 25.48 -6.40
N VAL B 56 -39.93 24.89 -5.63
CA VAL B 56 -39.03 25.64 -4.75
C VAL B 56 -37.68 25.88 -5.44
N MSE B 57 -37.21 24.91 -6.21
CA MSE B 57 -35.85 24.92 -6.71
C MSE B 57 -35.73 25.78 -7.94
O MSE B 57 -36.57 25.71 -8.83
CB MSE B 57 -35.42 23.50 -7.08
CG MSE B 57 -35.69 22.46 -6.01
SE MSE B 57 -35.57 20.60 -6.56
CE MSE B 57 -33.80 20.53 -7.36
N SER B 58 -34.67 26.56 -7.96
CA SER B 58 -34.31 27.30 -9.15
C SER B 58 -34.02 26.34 -10.30
N GLU B 59 -33.85 26.87 -11.51
CA GLU B 59 -33.34 26.10 -12.65
C GLU B 59 -31.99 25.43 -12.41
N LYS B 60 -31.10 26.17 -11.76
CA LYS B 60 -29.79 25.71 -11.40
C LYS B 60 -29.76 24.45 -10.54
N HIS B 61 -30.85 24.18 -9.82
CA HIS B 61 -30.89 23.04 -8.93
C HIS B 61 -31.55 21.84 -9.59
N ARG B 62 -32.60 22.08 -10.35
CA ARG B 62 -33.32 21.01 -10.99
C ARG B 62 -32.49 20.44 -12.11
N GLN B 63 -31.42 21.13 -12.47
CA GLN B 63 -30.42 20.54 -13.37
C GLN B 63 -29.56 19.68 -12.49
N LYS B 64 -29.02 20.25 -11.44
CA LYS B 64 -28.11 19.51 -10.60
C LYS B 64 -28.69 18.29 -9.95
N LEU B 65 -30.01 18.20 -9.87
CA LEU B 65 -30.67 17.01 -9.30
C LEU B 65 -30.71 15.86 -10.27
N GLU B 66 -30.28 16.11 -11.50
CA GLU B 66 -30.20 15.07 -12.49
C GLU B 66 -28.78 14.59 -12.59
N GLU B 67 -27.84 15.53 -12.51
CA GLU B 67 -26.42 15.23 -12.59
C GLU B 67 -26.06 14.29 -11.45
N ASN B 68 -26.30 14.72 -10.21
CA ASN B 68 -26.15 13.83 -9.07
C ASN B 68 -27.54 13.37 -8.66
N GLY B 69 -27.67 12.78 -7.49
CA GLY B 69 -28.97 12.35 -7.04
C GLY B 69 -29.54 13.24 -5.96
N GLN B 70 -28.91 14.37 -5.71
CA GLN B 70 -29.33 15.26 -4.62
C GLN B 70 -28.83 16.71 -4.73
N VAL B 71 -29.43 17.62 -3.98
CA VAL B 71 -28.99 18.99 -3.97
C VAL B 71 -29.24 19.61 -2.60
N ASP B 72 -28.44 20.61 -2.24
CA ASP B 72 -28.48 21.19 -0.89
C ASP B 72 -28.49 22.69 -0.98
N PHE B 73 -29.61 23.30 -0.68
CA PHE B 73 -29.74 24.73 -0.95
C PHE B 73 -30.63 25.43 0.04
N SER B 74 -30.90 26.70 -0.22
CA SER B 74 -31.72 27.49 0.67
C SER B 74 -32.55 28.58 -0.05
N PHE B 75 -33.86 28.56 0.23
CA PHE B 75 -34.89 29.46 -0.30
C PHE B 75 -35.68 30.11 0.85
N GLY B 76 -36.23 31.29 0.56
CA GLY B 76 -37.07 32.01 1.54
C GLY B 76 -38.57 32.18 1.22
N VAL B 77 -39.40 31.87 2.21
CA VAL B 77 -40.78 32.28 2.16
C VAL B 77 -40.81 33.60 2.93
N ARG B 78 -41.06 34.69 2.20
CA ARG B 78 -41.12 35.99 2.82
C ARG B 78 -42.24 36.12 3.85
N GLY B 79 -43.31 35.36 3.61
CA GLY B 79 -44.39 35.10 4.60
C GLY B 79 -43.97 34.66 6.01
N VAL B 80 -42.99 33.76 6.14
CA VAL B 80 -42.45 33.36 7.46
C VAL B 80 -40.93 33.63 7.62
N GLY B 81 -40.12 32.65 7.26
CA GLY B 81 -38.64 32.80 7.32
C GLY B 81 -37.93 32.25 6.08
N ARG B 82 -36.73 31.71 6.27
CA ARG B 82 -36.04 30.99 5.21
C ARG B 82 -35.77 29.55 5.61
N PHE B 83 -35.66 28.70 4.61
CA PHE B 83 -35.48 27.31 4.92
C PHE B 83 -34.27 26.67 4.28
N ARG B 84 -33.98 25.43 4.69
CA ARG B 84 -32.84 24.69 4.21
C ARG B 84 -33.38 23.39 3.70
N ALA B 85 -33.24 23.19 2.39
CA ALA B 85 -33.83 22.08 1.67
C ALA B 85 -32.83 21.01 1.35
N ASN B 86 -33.35 19.88 0.89
CA ASN B 86 -32.50 18.82 0.46
C ASN B 86 -33.31 17.79 -0.29
N VAL B 87 -33.51 18.03 -1.58
CA VAL B 87 -34.32 17.18 -2.38
C VAL B 87 -33.47 16.06 -2.80
N PHE B 88 -34.00 14.87 -2.86
CA PHE B 88 -33.19 13.80 -3.35
C PHE B 88 -33.92 12.59 -3.86
N TYR B 89 -33.38 11.99 -4.92
CA TYR B 89 -33.93 10.79 -5.50
C TYR B 89 -33.84 9.67 -4.49
N GLN B 90 -34.89 8.87 -4.51
CA GLN B 90 -35.19 7.89 -3.47
C GLN B 90 -35.44 6.54 -4.14
N ARG B 91 -36.67 6.09 -4.27
CA ARG B 91 -36.87 4.88 -5.00
C ARG B 91 -37.51 5.20 -6.31
N GLY B 92 -36.68 5.73 -7.20
CA GLY B 92 -37.14 6.22 -8.50
C GLY B 92 -37.99 7.45 -8.34
N SER B 93 -38.27 7.80 -7.08
CA SER B 93 -39.18 8.88 -6.75
C SER B 93 -38.47 10.04 -6.06
N VAL B 94 -39.09 11.21 -6.04
CA VAL B 94 -38.48 12.38 -5.38
C VAL B 94 -38.83 12.40 -3.92
N ALA B 95 -38.04 13.11 -3.12
CA ALA B 95 -38.31 13.28 -1.69
C ALA B 95 -37.50 14.46 -1.21
N ALA B 96 -37.94 15.11 -0.14
CA ALA B 96 -37.21 16.25 0.40
C ALA B 96 -37.21 16.30 1.92
N ALA B 97 -36.43 17.22 2.46
CA ALA B 97 -36.33 17.36 3.88
C ALA B 97 -36.00 18.82 4.16
N LEU B 98 -36.98 19.59 4.62
CA LEU B 98 -36.78 21.02 4.86
C LEU B 98 -36.64 21.27 6.34
N ARG B 99 -35.64 22.08 6.69
CA ARG B 99 -35.33 22.52 8.09
C ARG B 99 -35.70 24.01 8.25
N SER B 100 -35.35 24.68 9.34
CA SER B 100 -35.83 26.07 9.49
C SER B 100 -34.79 27.12 9.86
N LEU B 101 -34.15 27.77 8.86
CA LEU B 101 -33.15 28.86 9.15
C LEU B 101 -33.69 30.21 9.73
N PRO B 102 -33.31 30.55 11.01
CA PRO B 102 -33.88 31.73 11.70
C PRO B 102 -33.24 33.08 11.33
N ALA B 103 -32.22 33.05 10.46
CA ALA B 103 -31.14 34.05 10.46
C ALA B 103 -31.48 35.44 11.10
N GLU B 104 -31.52 35.45 12.46
CA GLU B 104 -31.70 36.68 13.29
C GLU B 104 -30.72 36.85 14.47
N ILE B 105 -30.56 35.74 15.21
CA ILE B 105 -30.37 35.65 16.68
C ILE B 105 -31.48 36.27 17.52
N PRO B 106 -32.17 35.45 18.30
CA PRO B 106 -33.15 36.04 19.17
C PRO B 106 -32.53 36.49 20.50
N GLU B 107 -33.01 37.65 21.00
CA GLU B 107 -32.64 38.25 22.30
C GLU B 107 -32.98 37.23 23.42
N PHE B 108 -32.13 37.14 24.43
CA PHE B 108 -32.18 36.01 25.34
C PHE B 108 -33.50 35.76 26.08
N LYS B 109 -34.26 36.85 26.34
CA LYS B 109 -35.49 36.77 27.18
C LYS B 109 -36.61 35.92 26.54
N LYS B 110 -36.83 36.11 25.23
CA LYS B 110 -37.82 35.35 24.47
C LYS B 110 -37.64 33.84 24.51
N LEU B 111 -36.50 33.36 25.04
CA LEU B 111 -36.15 31.94 25.09
C LEU B 111 -36.92 31.19 26.13
N GLY B 112 -36.95 31.70 27.36
CA GLY B 112 -37.79 31.09 28.38
C GLY B 112 -36.93 30.39 29.39
N LEU B 113 -35.71 30.91 29.52
CA LEU B 113 -34.78 30.48 30.58
C LEU B 113 -34.68 31.57 31.62
N PRO B 114 -34.42 31.18 32.87
CA PRO B 114 -34.07 32.12 33.97
C PRO B 114 -32.75 32.90 33.72
N ASP B 115 -32.32 33.78 34.64
CA ASP B 115 -31.12 34.64 34.44
C ASP B 115 -29.84 34.14 35.09
N LYS B 116 -30.00 33.11 35.91
CA LYS B 116 -28.88 32.37 36.52
C LYS B 116 -28.10 31.63 35.43
N VAL B 117 -28.76 31.35 34.30
CA VAL B 117 -28.14 30.89 33.07
C VAL B 117 -27.37 32.04 32.42
N LEU B 118 -28.07 33.09 32.02
CA LEU B 118 -27.41 34.28 31.47
C LEU B 118 -26.24 34.72 32.31
N GLU B 119 -26.31 34.43 33.60
CA GLU B 119 -25.22 34.73 34.49
C GLU B 119 -23.96 33.93 34.16
N LEU B 120 -24.13 32.69 33.68
CA LEU B 120 -22.97 31.88 33.28
C LEU B 120 -22.05 32.63 32.32
N CYS B 121 -22.63 33.47 31.45
CA CYS B 121 -21.86 34.28 30.50
C CYS B 121 -20.87 35.25 31.16
N HIS B 122 -20.92 35.31 32.49
CA HIS B 122 -20.06 36.22 33.24
C HIS B 122 -18.95 35.46 33.88
N ARG B 123 -18.87 34.15 33.65
CA ARG B 123 -17.78 33.40 34.22
C ARG B 123 -16.47 33.70 33.51
N LYS B 124 -15.41 33.36 34.20
CA LYS B 124 -14.07 33.58 33.72
C LYS B 124 -13.55 32.38 32.93
N MSE B 125 -14.14 31.18 33.16
CA MSE B 125 -13.74 29.88 32.53
C MSE B 125 -14.58 28.67 32.93
O MSE B 125 -15.24 28.64 33.97
CB MSE B 125 -12.29 29.53 32.88
CG MSE B 125 -12.16 29.02 34.29
SE MSE B 125 -10.37 29.09 35.05
CE MSE B 125 -9.76 31.10 34.61
N GLY B 126 -14.53 27.65 32.08
CA GLY B 126 -15.21 26.37 32.35
C GLY B 126 -16.03 25.78 31.21
N LEU B 127 -16.62 24.63 31.49
CA LEU B 127 -17.53 24.01 30.56
C LEU B 127 -18.93 24.50 30.79
N ILE B 128 -19.63 24.78 29.70
CA ILE B 128 -21.06 25.04 29.76
C ILE B 128 -21.66 24.20 28.67
N LEU B 129 -22.22 23.04 29.04
CA LEU B 129 -22.80 22.07 28.09
C LEU B 129 -24.25 22.37 27.83
N VAL B 130 -24.63 22.39 26.56
CA VAL B 130 -26.00 22.64 26.16
C VAL B 130 -26.48 21.44 25.38
N THR B 131 -26.86 20.38 26.10
CA THR B 131 -27.26 19.10 25.51
C THR B 131 -28.64 19.15 24.88
N GLY B 132 -29.07 18.09 24.20
CA GLY B 132 -30.42 18.04 23.68
C GLY B 132 -30.52 17.52 22.27
N PRO B 133 -31.58 16.70 21.96
CA PRO B 133 -31.83 15.99 20.71
C PRO B 133 -32.24 16.90 19.56
N THR B 134 -31.83 16.53 18.35
CA THR B 134 -31.85 17.40 17.16
C THR B 134 -33.19 18.06 16.93
N GLY B 135 -33.18 19.39 16.85
CA GLY B 135 -34.42 20.18 16.76
C GLY B 135 -35.00 20.53 18.12
N SER B 136 -34.11 20.74 19.08
CA SER B 136 -34.45 21.24 20.41
C SER B 136 -33.88 22.67 20.62
N GLY B 137 -33.35 23.26 19.54
CA GLY B 137 -32.81 24.64 19.53
C GLY B 137 -31.64 24.91 20.49
N LYS B 138 -30.61 24.05 20.45
CA LYS B 138 -29.45 24.24 21.32
C LYS B 138 -28.51 25.28 20.76
N SER B 139 -28.51 25.41 19.45
CA SER B 139 -27.79 26.51 18.80
C SER B 139 -28.49 27.85 19.08
N THR B 140 -29.81 27.84 18.97
CA THR B 140 -30.64 28.97 19.29
C THR B 140 -30.28 29.51 20.66
N THR B 141 -30.19 28.61 21.64
CA THR B 141 -29.75 28.91 23.02
C THR B 141 -28.33 29.46 23.09
N ILE B 142 -27.41 28.65 22.60
CA ILE B 142 -26.05 29.04 22.46
C ILE B 142 -26.03 30.44 21.84
N ALA B 143 -26.36 30.53 20.56
CA ALA B 143 -26.31 31.79 19.81
C ALA B 143 -26.66 33.01 20.66
N SER B 144 -27.65 32.83 21.56
CA SER B 144 -28.15 33.88 22.45
C SER B 144 -27.05 34.35 23.36
N MSE B 145 -26.61 33.40 24.18
CA MSE B 145 -25.61 33.61 25.22
C MSE B 145 -24.30 34.14 24.71
O MSE B 145 -23.73 35.07 25.32
CB MSE B 145 -25.32 32.29 25.91
CG MSE B 145 -26.53 31.64 26.50
SE MSE B 145 -26.14 29.93 27.36
CE MSE B 145 -25.00 30.52 28.92
N ILE B 146 -23.81 33.52 23.65
CA ILE B 146 -22.67 34.01 22.86
C ILE B 146 -22.90 35.50 22.47
N ASP B 147 -24.03 35.81 21.79
CA ASP B 147 -24.32 37.21 21.38
C ASP B 147 -24.38 38.17 22.56
N TYR B 148 -25.08 37.75 23.61
CA TYR B 148 -25.07 38.48 24.85
C TYR B 148 -23.65 38.84 25.26
N ILE B 149 -22.71 37.91 25.13
CA ILE B 149 -21.31 38.17 25.41
C ILE B 149 -20.67 39.04 24.34
N ASN B 150 -21.07 38.83 23.08
CA ASN B 150 -20.66 39.68 21.98
C ASN B 150 -20.85 41.22 22.28
N GLN B 151 -22.04 41.59 22.77
CA GLN B 151 -22.35 42.97 23.13
C GLN B 151 -21.76 43.34 24.46
N THR B 152 -22.01 42.53 25.49
CA THR B 152 -21.56 42.88 26.86
C THR B 152 -20.05 43.02 27.04
N LYS B 153 -19.26 42.05 26.56
CA LYS B 153 -17.84 41.96 26.93
C LYS B 153 -16.84 42.21 25.80
N SER B 154 -15.70 42.77 26.18
CA SER B 154 -14.60 43.09 25.27
C SER B 154 -13.72 41.87 24.95
N TYR B 155 -14.25 41.00 24.09
CA TYR B 155 -13.80 39.62 23.99
C TYR B 155 -13.50 39.17 22.56
N HIS B 156 -12.77 38.07 22.43
CA HIS B 156 -12.49 37.47 21.13
C HIS B 156 -13.13 36.05 21.13
N ILE B 157 -14.33 35.94 20.56
CA ILE B 157 -15.04 34.66 20.61
C ILE B 157 -14.76 34.03 19.29
N ILE B 158 -14.70 32.70 19.35
CA ILE B 158 -14.32 31.83 18.24
C ILE B 158 -15.24 30.62 18.25
N THR B 159 -15.90 30.34 17.14
CA THR B 159 -16.76 29.17 17.15
C THR B 159 -16.38 28.23 16.04
N ILE B 160 -16.45 26.93 16.32
CA ILE B 160 -16.10 25.90 15.35
C ILE B 160 -17.37 25.14 15.06
N GLU B 161 -18.14 25.58 14.07
CA GLU B 161 -19.48 25.07 13.92
C GLU B 161 -19.58 24.13 12.75
N ASP B 162 -20.66 23.34 12.74
CA ASP B 162 -21.07 22.47 11.60
C ASP B 162 -22.61 22.31 11.40
N PRO B 163 -23.19 23.13 10.51
CA PRO B 163 -22.55 24.26 9.85
C PRO B 163 -22.74 25.50 10.71
N ILE B 164 -22.32 26.67 10.22
CA ILE B 164 -22.63 27.95 10.90
C ILE B 164 -24.13 28.22 10.83
N GLU B 165 -24.75 28.19 11.99
CA GLU B 165 -26.22 28.26 12.10
C GLU B 165 -26.66 29.73 12.09
N TYR B 166 -26.04 30.51 12.98
CA TYR B 166 -26.29 31.93 13.09
C TYR B 166 -25.02 32.69 12.76
N VAL B 167 -25.12 33.79 12.01
CA VAL B 167 -23.96 34.67 11.81
C VAL B 167 -23.90 35.60 12.98
N PHE B 168 -22.74 35.73 13.62
CA PHE B 168 -22.59 36.72 14.69
C PHE B 168 -22.21 38.08 14.12
N LYS B 169 -22.80 39.15 14.68
CA LYS B 169 -22.55 40.57 14.22
C LYS B 169 -21.51 41.33 15.06
N HIS B 170 -21.20 42.58 14.68
CA HIS B 170 -20.00 43.21 15.27
C HIS B 170 -20.19 44.26 16.38
N LYS B 171 -19.93 43.85 17.62
CA LYS B 171 -20.05 44.71 18.80
C LYS B 171 -18.74 44.82 19.57
N LYS B 172 -18.81 44.60 20.90
CA LYS B 172 -17.68 44.83 21.84
C LYS B 172 -16.65 43.76 21.70
N SER B 173 -17.17 42.55 21.42
CA SER B 173 -16.37 41.36 21.09
C SER B 173 -16.23 41.05 19.54
N ILE B 174 -15.08 40.47 19.21
CA ILE B 174 -14.66 40.18 17.85
C ILE B 174 -14.80 38.65 17.55
N VAL B 175 -15.63 38.33 16.54
CA VAL B 175 -16.15 36.98 16.37
C VAL B 175 -15.74 36.27 15.09
N ASN B 176 -14.85 35.27 15.26
CA ASN B 176 -14.46 34.30 14.24
C ASN B 176 -15.32 33.02 14.30
N GLN B 177 -16.00 32.73 13.19
CA GLN B 177 -16.72 31.47 13.06
C GLN B 177 -16.13 30.64 11.96
N ARG B 178 -15.86 29.38 12.30
CA ARG B 178 -15.14 28.46 11.43
C ARG B 178 -16.06 27.30 11.11
N GLU B 179 -16.55 27.31 9.88
CA GLU B 179 -17.40 26.26 9.38
C GLU B 179 -16.50 25.07 9.05
N VAL B 180 -16.89 23.88 9.50
CA VAL B 180 -16.13 22.68 9.17
C VAL B 180 -16.48 22.14 7.74
N GLY B 181 -15.46 21.69 7.03
CA GLY B 181 -15.58 21.30 5.65
C GLY B 181 -15.08 22.48 4.84
N GLU B 182 -15.70 23.64 5.08
CA GLU B 182 -15.33 24.91 4.41
C GLU B 182 -13.95 25.52 4.79
N ASP B 183 -13.70 25.68 6.08
CA ASP B 183 -12.61 26.50 6.53
C ASP B 183 -11.60 25.73 7.39
N THR B 184 -11.92 24.48 7.72
CA THR B 184 -10.94 23.60 8.34
C THR B 184 -11.29 22.21 7.93
N LYS B 185 -10.33 21.32 8.16
CA LYS B 185 -10.44 19.90 7.81
C LYS B 185 -11.25 19.05 8.79
N SER B 186 -11.28 19.45 10.04
CA SER B 186 -11.86 18.65 11.06
C SER B 186 -12.00 19.47 12.30
N PHE B 187 -13.09 19.26 13.02
CA PHE B 187 -13.18 19.70 14.39
C PHE B 187 -11.83 19.53 15.12
N ALA B 188 -11.04 18.52 14.73
CA ALA B 188 -9.81 18.18 15.42
C ALA B 188 -8.83 19.34 15.43
N ASP B 189 -8.18 19.52 14.28
CA ASP B 189 -7.20 20.58 14.15
C ASP B 189 -7.81 22.00 14.24
N ALA B 190 -9.10 22.11 13.94
CA ALA B 190 -9.77 23.39 14.00
C ALA B 190 -9.80 23.93 15.42
N LEU B 191 -10.19 23.07 16.35
CA LEU B 191 -10.11 23.38 17.74
C LEU B 191 -8.64 23.63 18.02
N ARG B 192 -7.81 22.61 17.74
CA ARG B 192 -6.40 22.59 18.14
C ARG B 192 -5.61 23.83 17.81
N ALA B 193 -6.01 24.47 16.73
CA ALA B 193 -5.48 25.76 16.38
C ALA B 193 -6.20 26.90 17.13
N ALA B 194 -7.54 26.86 17.20
CA ALA B 194 -8.26 27.80 18.04
C ALA B 194 -7.53 28.03 19.40
N LEU B 195 -6.99 26.97 20.00
CA LEU B 195 -6.24 27.04 21.25
C LEU B 195 -4.93 27.83 21.21
N ARG B 196 -4.55 28.28 20.02
CA ARG B 196 -3.32 29.06 19.82
C ARG B 196 -3.67 30.45 19.33
N GLU B 197 -4.81 30.54 18.65
CA GLU B 197 -5.34 31.77 18.08
C GLU B 197 -5.77 32.81 19.12
N ASP B 198 -5.34 32.62 20.37
CA ASP B 198 -5.68 33.52 21.48
C ASP B 198 -7.21 33.81 21.59
N PRO B 199 -7.95 32.91 22.20
CA PRO B 199 -9.38 33.06 22.27
C PRO B 199 -9.84 33.46 23.68
N ASP B 200 -11.11 33.88 23.80
CA ASP B 200 -11.70 34.19 25.11
C ASP B 200 -12.76 33.17 25.40
N VAL B 201 -13.63 32.99 24.42
CA VAL B 201 -14.66 32.00 24.50
C VAL B 201 -14.60 31.11 23.25
N ILE B 202 -14.55 29.79 23.47
CA ILE B 202 -14.48 28.80 22.39
C ILE B 202 -15.72 27.93 22.40
N PHE B 203 -16.28 27.70 21.21
CA PHE B 203 -17.48 26.90 21.06
C PHE B 203 -17.18 25.66 20.25
N VAL B 204 -16.87 24.58 20.95
CA VAL B 204 -16.61 23.31 20.31
C VAL B 204 -17.95 22.85 19.87
N GLY B 205 -18.12 22.67 18.56
CA GLY B 205 -19.46 22.48 17.91
C GLY B 205 -20.35 21.33 18.35
N GLU B 206 -19.74 20.17 18.54
CA GLU B 206 -20.39 18.99 19.08
C GLU B 206 -19.27 18.16 19.65
N MSE B 207 -19.56 17.38 20.69
CA MSE B 207 -18.52 16.60 21.39
C MSE B 207 -18.61 15.08 21.28
O MSE B 207 -18.69 14.35 22.28
CB MSE B 207 -18.41 17.04 22.83
CG MSE B 207 -17.71 18.33 22.89
SE MSE B 207 -17.39 18.89 24.67
CE MSE B 207 -17.99 17.38 25.72
N ARG B 208 -18.57 14.66 20.02
CA ARG B 208 -18.76 13.29 19.58
C ARG B 208 -17.57 12.40 19.88
N ASP B 209 -16.42 13.04 19.99
CA ASP B 209 -15.19 12.37 19.78
C ASP B 209 -14.24 12.57 20.96
N LEU B 210 -13.66 11.48 21.43
CA LEU B 210 -12.74 11.46 22.57
C LEU B 210 -11.65 12.52 22.58
N GLU B 211 -11.09 12.83 21.41
CA GLU B 211 -9.98 13.79 21.31
C GLU B 211 -10.50 15.22 21.41
N THR B 212 -11.61 15.52 20.74
CA THR B 212 -12.30 16.78 20.91
C THR B 212 -12.52 17.06 22.39
N VAL B 213 -13.26 16.17 23.07
CA VAL B 213 -13.57 16.33 24.50
C VAL B 213 -12.35 16.68 25.30
N GLU B 214 -11.29 15.95 25.01
CA GLU B 214 -10.04 16.05 25.73
C GLU B 214 -9.62 17.49 25.79
N THR B 215 -9.44 18.10 24.62
CA THR B 215 -8.95 19.46 24.57
C THR B 215 -10.02 20.40 25.04
N ALA B 216 -11.26 20.15 24.64
CA ALA B 216 -12.37 20.99 25.10
C ALA B 216 -12.31 21.14 26.60
N LEU B 217 -11.85 20.11 27.28
CA LEU B 217 -11.61 20.23 28.69
C LEU B 217 -10.38 21.07 28.94
N ARG B 218 -9.27 20.59 28.41
CA ARG B 218 -7.95 21.18 28.59
C ARG B 218 -7.96 22.66 28.32
N ALA B 219 -9.00 23.13 27.63
CA ALA B 219 -9.17 24.55 27.29
C ALA B 219 -10.00 25.27 28.33
N ALA B 220 -10.91 24.54 28.93
CA ALA B 220 -11.78 25.10 29.92
C ALA B 220 -11.02 25.26 31.18
N GLU B 221 -10.20 24.27 31.46
CA GLU B 221 -9.45 24.25 32.71
C GLU B 221 -8.25 25.18 32.67
N THR B 222 -8.11 25.94 31.59
CA THR B 222 -6.93 26.78 31.38
C THR B 222 -7.14 28.28 30.98
N GLY B 223 -8.31 28.82 31.30
CA GLY B 223 -8.55 30.26 31.20
C GLY B 223 -9.63 30.66 30.21
N HIS B 224 -10.35 29.69 29.65
CA HIS B 224 -11.28 30.01 28.60
C HIS B 224 -12.66 29.49 28.94
N LEU B 225 -13.67 30.11 28.34
CA LEU B 225 -15.02 29.56 28.41
C LEU B 225 -15.25 28.58 27.28
N VAL B 226 -15.57 27.35 27.63
CA VAL B 226 -15.74 26.38 26.61
C VAL B 226 -17.17 25.95 26.60
N PHE B 227 -17.88 26.37 25.56
CA PHE B 227 -19.26 25.97 25.35
C PHE B 227 -19.20 24.71 24.54
N GLY B 228 -19.76 23.65 25.09
CA GLY B 228 -19.91 22.42 24.35
C GLY B 228 -21.37 22.13 24.09
N THR B 229 -21.66 21.18 23.20
CA THR B 229 -23.03 20.70 23.05
C THR B 229 -23.02 19.23 22.71
N LEU B 230 -24.10 18.54 23.08
CA LEU B 230 -24.18 17.10 22.97
C LEU B 230 -25.54 16.63 22.50
N HIS B 231 -25.83 15.34 22.71
CA HIS B 231 -27.14 14.77 22.38
C HIS B 231 -27.81 14.03 23.51
N THR B 232 -27.24 14.13 24.72
CA THR B 232 -27.85 13.53 25.93
C THR B 232 -29.08 14.28 26.42
N ASN B 233 -29.90 13.62 27.24
CA ASN B 233 -31.25 14.10 27.61
C ASN B 233 -31.42 14.78 28.98
N THR B 234 -30.77 14.24 30.01
CA THR B 234 -30.70 14.82 31.35
C THR B 234 -29.25 15.22 31.74
N ALA B 235 -29.10 15.95 32.85
CA ALA B 235 -27.79 16.38 33.35
C ALA B 235 -26.89 15.20 33.69
N ILE B 236 -27.36 14.34 34.56
CA ILE B 236 -26.58 13.21 34.98
C ILE B 236 -26.30 12.25 33.83
N ASP B 237 -27.08 12.31 32.76
CA ASP B 237 -26.76 11.50 31.60
C ASP B 237 -25.52 12.08 30.97
N THR B 238 -25.55 13.39 30.80
CA THR B 238 -24.45 14.11 30.16
C THR B 238 -23.17 13.71 30.86
N ILE B 239 -23.08 13.99 32.14
CA ILE B 239 -21.84 13.81 32.86
C ILE B 239 -21.46 12.36 33.07
N HIS B 240 -22.35 11.44 32.71
CA HIS B 240 -21.94 10.05 32.62
C HIS B 240 -21.27 9.91 31.28
N ARG B 241 -22.02 10.33 30.27
CA ARG B 241 -21.72 10.01 28.91
C ARG B 241 -20.44 10.66 28.38
N ILE B 242 -19.94 11.73 28.99
CA ILE B 242 -18.66 12.26 28.53
C ILE B 242 -17.53 11.55 29.22
N VAL B 243 -17.78 11.07 30.43
CA VAL B 243 -16.77 10.30 31.12
C VAL B 243 -16.72 8.87 30.57
N ASP B 244 -17.84 8.43 30.04
CA ASP B 244 -17.96 7.11 29.43
C ASP B 244 -17.18 6.89 28.14
N ILE B 245 -16.73 7.98 27.49
CA ILE B 245 -15.93 7.89 26.23
C ILE B 245 -14.44 7.92 26.50
N PHE B 246 -14.08 7.97 27.78
CA PHE B 246 -12.70 7.79 28.22
C PHE B 246 -12.38 6.32 28.47
N PRO B 247 -11.07 5.94 28.34
CA PRO B 247 -10.59 4.68 28.89
C PRO B 247 -10.65 4.74 30.40
N LEU B 248 -11.22 3.72 31.03
CA LEU B 248 -11.47 3.76 32.48
C LEU B 248 -10.24 3.56 33.35
N ASN B 249 -9.11 3.28 32.70
CA ASN B 249 -7.80 3.30 33.35
C ASN B 249 -7.65 4.52 34.28
N GLN B 250 -8.05 5.67 33.77
CA GLN B 250 -7.94 6.94 34.47
C GLN B 250 -9.33 7.57 34.66
N GLN B 251 -10.36 6.90 34.14
CA GLN B 251 -11.70 7.47 34.04
C GLN B 251 -12.07 8.35 35.23
N GLU B 252 -11.74 7.87 36.42
CA GLU B 252 -11.94 8.63 37.65
C GLU B 252 -11.49 10.07 37.53
N GLN B 253 -10.31 10.24 36.95
CA GLN B 253 -9.62 11.52 36.92
C GLN B 253 -10.33 12.63 36.19
N VAL B 254 -11.27 12.27 35.33
CA VAL B 254 -12.04 13.25 34.61
C VAL B 254 -13.20 13.70 35.50
N ARG B 255 -13.87 12.76 36.14
CA ARG B 255 -14.95 13.06 37.06
C ARG B 255 -14.53 14.17 37.99
N ILE B 256 -13.31 14.08 38.49
CA ILE B 256 -12.79 15.10 39.39
C ILE B 256 -12.65 16.43 38.66
N VAL B 257 -11.83 16.45 37.62
CA VAL B 257 -11.61 17.68 36.86
C VAL B 257 -12.96 18.27 36.48
N LEU B 258 -13.92 17.38 36.28
CA LEU B 258 -15.23 17.80 35.82
C LEU B 258 -15.96 18.48 36.94
N SER B 259 -15.68 18.04 38.14
CA SER B 259 -16.31 18.61 39.32
C SER B 259 -15.48 19.76 39.83
N PHE B 260 -14.95 20.52 38.89
CA PHE B 260 -14.31 21.79 39.20
C PHE B 260 -14.54 22.75 38.02
N ILE B 261 -14.61 22.21 36.83
CA ILE B 261 -14.67 23.05 35.66
C ILE B 261 -16.02 22.98 34.98
N LEU B 262 -16.87 22.09 35.47
CA LEU B 262 -18.26 22.05 35.07
C LEU B 262 -18.89 23.29 35.63
N GLN B 263 -19.51 24.09 34.77
CA GLN B 263 -20.07 25.35 35.21
C GLN B 263 -21.58 25.46 34.92
N GLY B 264 -22.11 24.57 34.08
CA GLY B 264 -23.55 24.55 33.84
C GLY B 264 -23.96 23.55 32.79
N ILE B 265 -24.96 22.74 33.08
CA ILE B 265 -25.47 21.80 32.12
C ILE B 265 -26.92 22.09 31.87
N ILE B 266 -27.29 22.31 30.62
CA ILE B 266 -28.66 22.70 30.29
C ILE B 266 -29.26 21.79 29.23
N SER B 267 -29.95 20.73 29.60
CA SER B 267 -30.60 19.85 28.61
C SER B 267 -31.86 20.49 28.14
N GLN B 268 -32.19 20.34 26.87
CA GLN B 268 -33.32 21.07 26.29
C GLN B 268 -34.24 20.19 25.49
N ARG B 269 -35.47 20.66 25.26
CA ARG B 269 -36.38 20.06 24.28
C ARG B 269 -37.40 21.10 23.85
N LEU B 270 -37.74 21.09 22.58
CA LEU B 270 -38.76 21.99 22.05
C LEU B 270 -40.13 21.30 21.94
N LEU B 271 -41.20 21.93 22.43
CA LEU B 271 -42.54 21.36 22.40
C LEU B 271 -43.57 22.24 21.67
N PRO B 272 -44.67 21.60 21.23
CA PRO B 272 -45.84 22.29 20.64
C PRO B 272 -46.66 23.04 21.69
N LYS B 273 -46.70 24.36 21.55
CA LYS B 273 -47.50 25.23 22.42
C LYS B 273 -48.97 25.22 22.02
N ILE B 274 -49.82 25.54 23.00
CA ILE B 274 -51.26 25.76 22.83
C ILE B 274 -51.58 26.91 21.83
N GLY B 275 -50.63 27.84 21.65
CA GLY B 275 -50.77 28.94 20.68
C GLY B 275 -50.12 28.74 19.30
N GLY B 276 -48.90 29.25 19.13
CA GLY B 276 -48.16 29.16 17.85
C GLY B 276 -47.12 28.05 17.80
N GLY B 277 -47.17 27.14 18.78
CA GLY B 277 -46.34 25.92 18.83
C GLY B 277 -44.88 26.02 19.35
N ARG B 278 -44.51 27.21 19.80
CA ARG B 278 -43.13 27.50 20.10
C ARG B 278 -42.86 27.52 21.58
N VAL B 279 -42.73 26.39 22.26
CA VAL B 279 -42.34 26.50 23.69
C VAL B 279 -41.29 25.51 24.15
N LEU B 280 -40.29 25.99 24.92
CA LEU B 280 -39.11 25.18 25.34
C LEU B 280 -39.15 24.69 26.79
N ALA B 281 -38.71 23.45 27.02
CA ALA B 281 -38.60 22.88 28.38
C ALA B 281 -37.17 22.45 28.65
N TYR B 282 -36.73 22.58 29.90
CA TYR B 282 -35.33 22.41 30.22
C TYR B 282 -35.09 21.85 31.58
N GLU B 283 -33.91 21.28 31.76
CA GLU B 283 -33.42 20.85 33.05
C GLU B 283 -32.14 21.60 33.30
N LEU B 284 -31.95 22.06 34.53
CA LEU B 284 -30.90 23.02 34.81
C LEU B 284 -30.06 22.72 36.04
N LEU B 285 -28.75 22.61 35.84
CA LEU B 285 -27.82 22.34 36.90
C LEU B 285 -26.59 23.24 36.85
N ILE B 286 -26.54 24.21 37.75
CA ILE B 286 -25.36 25.04 37.90
C ILE B 286 -24.72 24.71 39.23
N PRO B 287 -23.57 24.01 39.20
CA PRO B 287 -22.84 23.57 40.38
C PRO B 287 -22.41 24.65 41.41
N ASN B 288 -22.89 24.46 42.65
CA ASN B 288 -22.49 25.20 43.86
C ASN B 288 -21.55 24.38 44.76
N THR B 289 -20.87 25.07 45.68
CA THR B 289 -19.77 24.52 46.50
C THR B 289 -20.07 23.10 47.08
N ALA B 290 -21.35 22.79 47.22
CA ALA B 290 -21.82 21.48 47.65
C ALA B 290 -21.81 20.43 46.53
N ILE B 291 -22.51 20.72 45.43
CA ILE B 291 -22.67 19.79 44.32
C ILE B 291 -21.34 19.27 43.78
N ARG B 292 -20.32 20.13 43.81
CA ARG B 292 -18.96 19.75 43.42
C ARG B 292 -18.46 18.44 44.06
N ASN B 293 -18.51 18.38 45.40
CA ASN B 293 -18.01 17.23 46.15
C ASN B 293 -18.72 15.95 45.84
N LEU B 294 -19.99 16.05 45.48
CA LEU B 294 -20.78 14.88 45.17
C LEU B 294 -20.20 14.21 43.94
N ILE B 295 -19.99 15.00 42.90
CA ILE B 295 -19.52 14.49 41.62
C ILE B 295 -18.10 13.96 41.77
N ARG B 296 -17.31 14.61 42.63
CA ARG B 296 -15.95 14.18 42.95
C ARG B 296 -15.94 12.74 43.42
N GLU B 297 -16.89 12.43 44.29
CA GLU B 297 -16.95 11.11 44.88
C GLU B 297 -17.95 10.19 44.15
N ASN B 298 -18.09 10.39 42.84
CA ASN B 298 -18.90 9.53 41.95
C ASN B 298 -20.40 9.57 42.24
N LYS B 299 -20.78 10.06 43.43
CA LYS B 299 -22.15 9.97 43.92
C LYS B 299 -23.14 10.83 43.11
N LEU B 300 -23.79 10.20 42.12
CA LEU B 300 -24.51 10.96 41.09
C LEU B 300 -26.02 11.19 41.34
N GLN B 301 -26.82 10.11 41.40
CA GLN B 301 -28.29 10.21 41.70
C GLN B 301 -28.58 10.78 43.10
N GLN B 302 -27.50 11.00 43.87
CA GLN B 302 -27.50 11.82 45.06
C GLN B 302 -27.57 13.33 44.68
N VAL B 303 -27.16 13.65 43.45
CA VAL B 303 -27.35 14.99 42.92
C VAL B 303 -28.77 15.12 42.41
N TYR B 304 -29.32 14.02 41.88
CA TYR B 304 -30.73 13.99 41.44
C TYR B 304 -31.66 14.28 42.61
N SER B 305 -31.37 13.67 43.76
CA SER B 305 -32.06 13.99 45.01
C SER B 305 -32.05 15.50 45.27
N LEU B 306 -30.87 16.09 45.09
CA LEU B 306 -30.57 17.50 45.39
C LEU B 306 -31.04 18.49 44.31
N MSE B 307 -31.84 18.04 43.35
CA MSE B 307 -32.36 18.95 42.32
C MSE B 307 -33.82 19.29 42.61
O MSE B 307 -34.72 18.48 42.41
CB MSE B 307 -32.13 18.41 40.90
CG MSE B 307 -30.73 18.84 40.28
SE MSE B 307 -29.67 17.71 38.87
CE MSE B 307 -30.50 18.41 37.21
N GLN B 308 -34.00 20.51 43.15
CA GLN B 308 -35.31 21.08 43.51
C GLN B 308 -35.24 22.60 43.80
N MSE B 316 -30.21 22.72 40.87
CA MSE B 316 -31.15 23.79 40.62
C MSE B 316 -32.64 23.43 40.32
O MSE B 316 -33.55 23.99 40.96
CB MSE B 316 -30.62 24.77 39.58
CG MSE B 316 -30.11 26.13 40.11
SE MSE B 316 -31.37 27.64 40.81
CE MSE B 316 -33.16 27.18 39.91
N GLN B 317 -32.90 22.53 39.35
CA GLN B 317 -34.29 22.26 38.85
C GLN B 317 -34.44 21.08 37.85
N THR B 318 -35.22 20.06 38.20
CA THR B 318 -35.42 18.86 37.34
C THR B 318 -36.17 19.15 36.02
N MSE B 319 -36.17 18.14 35.13
CA MSE B 319 -36.87 18.25 33.85
C MSE B 319 -38.39 18.19 34.07
O MSE B 319 -39.12 19.14 33.76
CB MSE B 319 -36.42 17.14 32.89
CG MSE B 319 -36.01 17.62 31.47
SE MSE B 319 -36.96 19.12 30.43
CE MSE B 319 -36.21 18.59 28.61
N ASN B 320 -38.86 17.08 34.63
CA ASN B 320 -40.26 16.92 34.95
C ASN B 320 -40.78 18.14 35.65
N GLN B 321 -39.96 18.67 36.56
CA GLN B 321 -40.29 19.85 37.33
C GLN B 321 -40.63 21.04 36.41
N THR B 322 -39.88 21.18 35.30
CA THR B 322 -40.12 22.28 34.36
C THR B 322 -41.17 21.89 33.32
N LEU B 323 -41.90 20.83 33.61
CA LEU B 323 -43.07 20.47 32.83
C LEU B 323 -44.37 20.71 33.63
N TYR B 324 -44.31 20.46 34.95
CA TYR B 324 -45.41 20.76 35.87
C TYR B 324 -45.66 22.28 35.95
N LYS B 325 -44.59 23.05 36.14
CA LYS B 325 -44.65 24.53 36.14
C LYS B 325 -45.04 25.10 34.76
N LEU B 326 -45.01 24.25 33.74
CA LEU B 326 -45.39 24.61 32.38
C LEU B 326 -46.85 24.23 32.00
N TYR B 327 -47.29 23.03 32.40
CA TYR B 327 -48.64 22.53 32.12
C TYR B 327 -49.73 23.15 33.01
N LYS B 328 -49.43 23.28 34.30
CA LYS B 328 -50.33 23.95 35.25
C LYS B 328 -50.64 25.39 34.86
N GLN B 329 -49.82 25.99 33.98
CA GLN B 329 -50.05 27.36 33.46
C GLN B 329 -50.83 27.31 32.13
N GLY B 330 -51.04 26.08 31.66
CA GLY B 330 -51.82 25.79 30.45
C GLY B 330 -51.14 26.20 29.14
N LEU B 331 -49.93 25.69 28.89
CA LEU B 331 -49.19 25.91 27.63
C LEU B 331 -48.86 24.61 26.86
N ILE B 332 -48.73 23.49 27.57
CA ILE B 332 -48.42 22.19 26.99
C ILE B 332 -49.42 21.13 27.47
N THR B 333 -49.75 20.17 26.62
CA THR B 333 -50.77 19.16 27.00
C THR B 333 -50.25 18.09 27.98
N LEU B 334 -51.16 17.58 28.83
CA LEU B 334 -50.88 16.53 29.84
C LEU B 334 -50.37 15.28 29.17
N GLU B 335 -50.41 15.29 27.85
CA GLU B 335 -50.01 14.14 27.04
C GLU B 335 -48.78 14.36 26.14
N ASP B 336 -48.44 15.63 25.87
CA ASP B 336 -47.21 15.91 25.13
C ASP B 336 -45.99 15.87 26.06
N ALA B 337 -46.21 16.18 27.33
CA ALA B 337 -45.13 16.24 28.29
C ALA B 337 -44.95 14.94 29.09
N MSE B 338 -45.91 14.02 29.05
CA MSE B 338 -45.68 12.66 29.58
C MSE B 338 -45.10 11.78 28.46
O MSE B 338 -45.34 10.56 28.40
CB MSE B 338 -46.96 12.03 30.20
CG MSE B 338 -47.26 12.36 31.70
SE MSE B 338 -46.24 11.42 33.17
CE MSE B 338 -44.68 12.75 33.47
N GLU B 339 -44.32 12.43 27.60
CA GLU B 339 -43.87 11.86 26.35
C GLU B 339 -42.40 12.19 26.21
N ALA B 340 -42.09 13.47 26.44
CA ALA B 340 -40.73 13.99 26.38
C ALA B 340 -40.02 13.75 27.70
N SER B 341 -40.80 13.53 28.75
CA SER B 341 -40.28 13.36 30.10
C SER B 341 -39.55 12.03 30.23
N PRO B 342 -38.27 12.09 30.60
CA PRO B 342 -37.54 10.91 31.05
C PRO B 342 -38.36 9.98 32.00
N ASP B 343 -38.81 10.48 33.15
CA ASP B 343 -39.53 9.62 34.13
C ASP B 343 -41.04 9.98 34.27
N PRO B 344 -41.93 9.06 33.83
CA PRO B 344 -43.38 9.15 34.10
C PRO B 344 -43.79 9.25 35.61
N LYS B 345 -43.06 8.56 36.49
CA LYS B 345 -43.27 8.55 37.95
C LYS B 345 -43.31 9.91 38.71
N GLU B 346 -42.33 10.78 38.45
CA GLU B 346 -42.06 12.00 39.26
C GLU B 346 -43.07 13.14 39.05
N LEU B 347 -44.11 12.90 38.25
CA LEU B 347 -45.21 13.86 38.06
C LEU B 347 -46.56 13.16 38.15
N GLU B 348 -47.60 13.75 37.56
CA GLU B 348 -48.99 13.24 37.64
C GLU B 348 -49.51 13.17 39.12
N ARG B 349 -48.58 12.81 40.02
CA ARG B 349 -48.70 13.02 41.47
C ARG B 349 -48.91 14.54 41.67
N MSE B 350 -48.32 15.30 40.74
CA MSE B 350 -48.46 16.76 40.62
C MSE B 350 -49.23 17.13 39.34
O MSE B 350 -50.32 17.72 39.39
CB MSE B 350 -47.07 17.43 40.65
CG MSE B 350 -46.16 16.95 41.83
SE MSE B 350 -46.46 17.69 43.73
CE MSE B 350 -46.67 16.09 44.80
N GLU C 1 -1.66 54.05 5.27
CA GLU C 1 -2.83 53.66 6.12
C GLU C 1 -2.73 52.23 6.69
N LEU C 2 -3.02 51.24 5.83
CA LEU C 2 -3.12 49.82 6.23
C LEU C 2 -1.86 49.00 5.88
N LYS C 3 -0.78 49.27 6.62
CA LYS C 3 0.48 48.54 6.48
C LYS C 3 0.75 47.72 7.74
N ILE C 4 0.91 46.41 7.59
CA ILE C 4 1.09 45.54 8.75
C ILE C 4 2.15 46.10 9.68
N LEU C 5 3.28 46.44 9.06
CA LEU C 5 4.44 46.94 9.75
C LEU C 5 4.07 48.03 10.78
N GLU C 6 3.02 48.79 10.46
CA GLU C 6 2.63 49.98 11.22
C GLU C 6 1.51 49.70 12.20
N ILE C 7 0.90 48.51 12.08
CA ILE C 7 -0.12 48.07 13.04
C ILE C 7 0.62 47.37 14.18
N ILE C 8 1.76 46.78 13.88
CA ILE C 8 2.68 46.34 14.92
C ILE C 8 3.28 47.53 15.70
N LYS C 9 3.53 48.63 14.99
CA LYS C 9 4.10 49.86 15.56
C LYS C 9 3.27 50.34 16.74
N GLU C 10 1.98 50.57 16.48
CA GLU C 10 1.01 50.98 17.50
C GLU C 10 0.65 49.84 18.47
N ALA C 11 1.09 48.62 18.17
CA ALA C 11 0.80 47.49 19.05
C ALA C 11 1.72 47.46 20.25
N ILE C 12 3.02 47.67 20.04
CA ILE C 12 3.98 47.69 21.16
C ILE C 12 4.13 49.08 21.80
N GLU C 13 3.75 50.11 21.05
CA GLU C 13 3.54 51.46 21.59
C GLU C 13 2.47 51.46 22.70
N LEU C 14 1.32 50.84 22.41
CA LEU C 14 0.25 50.76 23.43
C LEU C 14 0.59 49.77 24.56
N GLY C 15 1.74 49.10 24.46
CA GLY C 15 2.19 48.04 25.38
C GLY C 15 1.33 46.78 25.24
N ALA C 16 1.40 46.14 24.06
CA ALA C 16 0.47 45.06 23.73
C ALA C 16 1.02 43.63 23.93
N SER C 17 0.10 42.69 24.25
CA SER C 17 0.36 41.23 24.24
C SER C 17 0.05 40.57 22.90
N ASP C 18 -1.01 41.06 22.25
CA ASP C 18 -1.52 40.48 21.00
C ASP C 18 -2.10 41.47 20.00
N ILE C 19 -1.99 41.13 18.72
CA ILE C 19 -2.77 41.83 17.74
C ILE C 19 -3.70 40.81 17.17
N HIS C 20 -4.88 41.27 16.76
CA HIS C 20 -5.92 40.43 16.18
C HIS C 20 -6.57 41.12 15.04
N LEU C 21 -6.66 40.46 13.91
CA LEU C 21 -7.38 41.04 12.81
C LEU C 21 -8.62 40.20 12.54
N THR C 22 -9.59 40.86 11.93
CA THR C 22 -10.78 40.19 11.42
C THR C 22 -11.37 41.10 10.37
N ALA C 23 -12.32 40.54 9.60
CA ALA C 23 -12.93 41.22 8.48
C ALA C 23 -13.87 42.39 8.86
N GLY C 24 -14.90 42.10 9.68
CA GLY C 24 -16.01 43.02 9.94
C GLY C 24 -15.78 44.19 10.87
N ALA C 25 -14.54 44.29 11.40
CA ALA C 25 -14.12 45.35 12.34
C ALA C 25 -12.78 46.02 11.93
N PRO C 26 -12.31 47.04 12.72
CA PRO C 26 -10.90 47.47 12.60
C PRO C 26 -9.97 46.65 13.49
N PRO C 27 -8.69 46.57 13.12
CA PRO C 27 -7.62 45.92 13.84
C PRO C 27 -7.68 46.14 15.33
N ALA C 28 -7.46 45.05 16.06
CA ALA C 28 -7.68 44.97 17.50
C ALA C 28 -6.39 44.54 18.16
N VAL C 29 -6.27 44.96 19.42
CA VAL C 29 -5.10 44.61 20.21
C VAL C 29 -5.58 44.21 21.59
N ARG C 30 -4.96 43.20 22.15
CA ARG C 30 -5.17 42.91 23.54
C ARG C 30 -4.16 43.67 24.37
N ILE C 31 -4.70 44.40 25.35
CA ILE C 31 -3.90 45.02 26.42
C ILE C 31 -4.46 44.55 27.79
N ASP C 32 -3.65 43.75 28.50
CA ASP C 32 -4.00 43.32 29.83
C ASP C 32 -4.83 42.06 29.87
N GLY C 33 -5.46 41.74 28.74
CA GLY C 33 -6.52 40.74 28.74
C GLY C 33 -7.91 41.28 28.41
N TYR C 34 -7.97 42.57 28.03
CA TYR C 34 -9.17 43.17 27.43
C TYR C 34 -8.84 43.67 26.02
N ILE C 35 -9.81 43.59 25.12
CA ILE C 35 -9.54 43.95 23.74
C ILE C 35 -10.10 45.34 23.31
N LYS C 36 -9.21 46.21 22.80
CA LYS C 36 -9.58 47.53 22.28
C LYS C 36 -9.16 47.75 20.82
N PHE C 37 -10.10 48.28 20.02
CA PHE C 37 -9.88 48.62 18.59
C PHE C 37 -9.26 50.01 18.43
N LEU C 38 -8.00 50.01 18.02
CA LEU C 38 -7.32 51.24 17.62
C LEU C 38 -7.79 51.69 16.21
N LYS C 39 -9.09 51.94 16.12
CA LYS C 39 -9.70 52.61 14.96
C LYS C 39 -8.89 53.86 14.54
N ASP C 40 -7.87 54.16 15.35
CA ASP C 40 -7.00 55.33 15.27
C ASP C 40 -6.71 55.76 13.86
N PHE C 41 -6.15 54.83 13.09
CA PHE C 41 -6.02 55.04 11.64
C PHE C 41 -6.60 53.82 10.82
N PRO C 42 -6.09 52.56 11.10
CA PRO C 42 -6.63 51.43 10.34
C PRO C 42 -8.15 51.40 10.40
N ARG C 43 -8.77 51.36 9.21
CA ARG C 43 -10.22 51.43 9.14
C ARG C 43 -10.85 50.04 9.35
N LEU C 44 -12.18 49.98 9.57
CA LEU C 44 -12.96 48.71 9.61
C LEU C 44 -12.42 47.88 8.44
N THR C 45 -11.49 46.97 8.74
CA THR C 45 -10.64 46.34 7.70
C THR C 45 -11.49 45.63 6.62
N PRO C 46 -11.12 45.77 5.31
CA PRO C 46 -12.00 45.21 4.29
C PRO C 46 -12.05 43.65 4.33
N GLU C 47 -12.48 43.04 3.24
CA GLU C 47 -12.19 41.63 2.99
C GLU C 47 -10.65 41.43 2.81
N ASP C 48 -9.91 42.53 2.65
CA ASP C 48 -8.49 42.49 2.28
C ASP C 48 -7.55 42.65 3.47
N THR C 49 -7.90 41.95 4.52
CA THR C 49 -6.93 41.51 5.49
C THR C 49 -6.07 40.46 4.76
N GLN C 50 -6.65 39.97 3.67
CA GLN C 50 -6.04 39.09 2.73
C GLN C 50 -4.66 39.63 2.46
N LYS C 51 -4.62 40.88 1.96
CA LYS C 51 -3.37 41.58 1.55
C LYS C 51 -2.35 41.73 2.69
N LEU C 52 -2.85 42.07 3.87
CA LEU C 52 -2.03 42.28 5.06
C LEU C 52 -1.24 41.05 5.53
N ALA C 53 -1.94 39.93 5.65
CA ALA C 53 -1.35 38.68 6.11
C ALA C 53 -0.46 38.15 5.02
N TYR C 54 -1.01 38.16 3.80
CA TYR C 54 -0.32 37.69 2.62
C TYR C 54 1.09 38.28 2.59
N SER C 55 1.22 39.49 3.14
CA SER C 55 2.48 40.23 3.13
C SER C 55 3.54 39.71 4.14
N VAL C 56 3.09 38.88 5.08
CA VAL C 56 3.99 38.34 6.08
C VAL C 56 4.45 36.93 5.69
N MSE C 57 3.54 36.21 5.03
CA MSE C 57 3.71 34.77 4.81
C MSE C 57 4.57 34.52 3.59
O MSE C 57 4.36 35.12 2.53
CB MSE C 57 2.37 34.04 4.66
CG MSE C 57 1.28 34.49 5.64
SE MSE C 57 -0.54 34.19 4.91
CE MSE C 57 -0.35 32.09 4.90
N SER C 58 5.53 33.64 3.78
CA SER C 58 6.28 33.06 2.68
C SER C 58 5.32 32.39 1.69
N GLU C 59 5.86 32.02 0.52
CA GLU C 59 5.14 31.16 -0.42
C GLU C 59 4.66 29.83 0.14
N LYS C 60 5.52 29.23 0.94
CA LYS C 60 5.29 27.98 1.62
C LYS C 60 4.06 27.98 2.54
N HIS C 61 3.63 29.15 2.99
CA HIS C 61 2.53 29.22 3.92
C HIS C 61 1.26 29.53 3.19
N ARG C 62 1.35 30.40 2.20
CA ARG C 62 0.16 30.81 1.45
C ARG C 62 -0.33 29.71 0.50
N GLN C 63 0.49 28.69 0.33
CA GLN C 63 0.04 27.47 -0.27
C GLN C 63 -0.66 26.69 0.84
N LYS C 64 -0.02 26.52 1.99
CA LYS C 64 -0.54 25.70 3.06
C LYS C 64 -1.82 26.28 3.64
N LEU C 65 -2.08 27.55 3.41
CA LEU C 65 -3.34 28.12 3.87
C LEU C 65 -4.53 27.71 2.99
N GLU C 66 -4.24 27.08 1.85
CA GLU C 66 -5.30 26.62 0.94
C GLU C 66 -5.59 25.17 1.17
N GLU C 67 -4.54 24.38 1.38
CA GLU C 67 -4.64 22.94 1.69
C GLU C 67 -5.49 22.74 2.92
N ASN C 68 -5.07 23.33 4.03
CA ASN C 68 -5.87 23.36 5.23
C ASN C 68 -6.52 24.75 5.33
N GLY C 69 -7.14 25.08 6.46
CA GLY C 69 -7.76 26.38 6.64
C GLY C 69 -6.96 27.30 7.52
N GLN C 70 -5.72 26.92 7.84
CA GLN C 70 -4.91 27.69 8.77
C GLN C 70 -3.45 27.33 8.70
N VAL C 71 -2.60 28.22 9.21
CA VAL C 71 -1.15 27.98 9.30
C VAL C 71 -0.54 28.53 10.58
N ASP C 72 0.56 27.91 11.03
CA ASP C 72 1.20 28.28 12.30
C ASP C 72 2.70 28.48 12.12
N PHE C 73 3.12 29.73 12.16
CA PHE C 73 4.50 30.08 11.85
C PHE C 73 5.01 31.30 12.63
N SER C 74 6.23 31.73 12.29
CA SER C 74 6.90 32.83 12.99
C SER C 74 7.84 33.62 12.08
N PHE C 75 7.65 34.94 12.10
CA PHE C 75 8.40 35.89 11.27
C PHE C 75 8.98 36.98 12.15
N GLY C 76 10.00 37.66 11.66
CA GLY C 76 10.66 38.71 12.43
C GLY C 76 10.61 40.08 11.80
N VAL C 77 10.16 41.07 12.56
CA VAL C 77 10.35 42.46 12.17
C VAL C 77 11.68 42.83 12.83
N ARG C 78 12.73 43.02 12.03
CA ARG C 78 14.05 43.42 12.57
C ARG C 78 14.04 44.77 13.32
N GLY C 79 13.11 45.65 12.91
CA GLY C 79 12.68 46.88 13.63
C GLY C 79 12.36 46.74 15.12
N VAL C 80 11.61 45.69 15.51
CA VAL C 80 11.31 45.42 16.95
C VAL C 80 11.76 44.02 17.46
N GLY C 81 10.89 43.03 17.37
CA GLY C 81 11.22 41.65 17.72
C GLY C 81 10.72 40.62 16.70
N ARG C 82 10.40 39.41 17.19
CA ARG C 82 9.82 38.39 16.35
C ARG C 82 8.45 38.02 16.87
N PHE C 83 7.63 37.57 15.95
CA PHE C 83 6.26 37.26 16.31
C PHE C 83 5.84 35.85 15.93
N ARG C 84 4.68 35.50 16.47
CA ARG C 84 4.10 34.22 16.25
C ARG C 84 2.72 34.46 15.67
N ALA C 85 2.55 33.98 14.45
CA ALA C 85 1.35 34.22 13.68
C ALA C 85 0.43 33.03 13.68
N ASN C 86 -0.76 33.26 13.13
CA ASN C 86 -1.74 32.22 12.93
C ASN C 86 -2.89 32.72 12.06
N VAL C 87 -2.67 32.72 10.76
CA VAL C 87 -3.66 33.20 9.81
C VAL C 87 -4.66 32.08 9.68
N PHE C 88 -5.92 32.43 9.52
CA PHE C 88 -6.89 31.40 9.25
C PHE C 88 -8.16 31.92 8.64
N TYR C 89 -8.68 31.12 7.71
CA TYR C 89 -10.00 31.34 7.14
C TYR C 89 -11.10 31.25 8.20
N GLN C 90 -12.06 32.13 7.99
CA GLN C 90 -13.03 32.47 8.99
C GLN C 90 -14.40 32.38 8.34
N ARG C 91 -15.02 33.48 7.94
CA ARG C 91 -16.29 33.31 7.24
C ARG C 91 -16.11 33.61 5.79
N GLY C 92 -15.51 32.67 5.08
CA GLY C 92 -15.07 32.93 3.72
C GLY C 92 -14.05 34.06 3.64
N SER C 93 -13.65 34.61 4.79
CA SER C 93 -12.70 35.75 4.91
C SER C 93 -11.39 35.38 5.64
N VAL C 94 -10.37 36.24 5.53
CA VAL C 94 -9.10 36.01 6.21
C VAL C 94 -9.07 36.66 7.58
N ALA C 95 -8.29 36.09 8.50
CA ALA C 95 -8.09 36.65 9.82
C ALA C 95 -6.83 36.06 10.42
N ALA C 96 -6.19 36.82 11.30
CA ALA C 96 -4.99 36.35 11.94
C ALA C 96 -4.95 36.74 13.40
N ALA C 97 -3.87 36.31 14.04
CA ALA C 97 -3.67 36.51 15.43
C ALA C 97 -2.19 36.42 15.72
N LEU C 98 -1.59 37.59 15.94
CA LEU C 98 -0.16 37.69 16.20
C LEU C 98 0.09 37.88 17.68
N ARG C 99 1.04 37.09 18.19
CA ARG C 99 1.52 37.19 19.55
C ARG C 99 2.94 37.76 19.68
N SER C 100 3.36 37.93 20.94
CA SER C 100 4.75 38.22 21.25
C SER C 100 5.36 37.04 21.99
N LEU C 101 6.34 36.44 21.33
CA LEU C 101 7.20 35.44 21.92
C LEU C 101 8.06 36.19 22.96
N PRO C 102 8.26 35.61 24.17
CA PRO C 102 9.43 35.95 25.03
C PRO C 102 10.78 36.31 24.33
N ALA C 103 11.02 37.62 24.28
CA ALA C 103 12.22 38.25 23.71
C ALA C 103 13.52 37.91 24.49
N GLU C 104 13.44 36.89 25.36
CA GLU C 104 14.61 36.29 26.03
C GLU C 104 14.36 34.97 26.79
N ILE C 105 15.34 34.08 26.64
CA ILE C 105 15.57 32.91 27.49
C ILE C 105 15.78 33.29 28.94
N PRO C 106 15.08 32.64 29.86
CA PRO C 106 15.36 32.89 31.25
C PRO C 106 16.51 32.04 31.74
N GLU C 107 17.35 32.66 32.58
CA GLU C 107 18.44 32.01 33.32
C GLU C 107 17.88 30.82 34.13
N PHE C 108 18.63 29.71 34.19
CA PHE C 108 18.06 28.47 34.71
C PHE C 108 17.46 28.50 36.15
N LYS C 109 17.99 29.36 37.02
CA LYS C 109 17.58 29.32 38.42
C LYS C 109 16.13 29.74 38.64
N LYS C 110 15.71 30.80 37.96
CA LYS C 110 14.31 31.28 38.03
C LYS C 110 13.22 30.24 37.67
N LEU C 111 13.66 29.08 37.17
CA LEU C 111 12.74 28.04 36.74
C LEU C 111 12.12 27.31 37.90
N GLY C 112 12.96 26.85 38.82
CA GLY C 112 12.44 26.17 40.00
C GLY C 112 12.74 24.68 39.98
N LEU C 113 13.83 24.34 39.30
CA LEU C 113 14.34 22.99 39.30
C LEU C 113 15.61 22.95 40.10
N PRO C 114 15.91 21.79 40.68
CA PRO C 114 17.23 21.50 41.31
C PRO C 114 18.40 21.52 40.31
N ASP C 115 19.61 21.28 40.80
CA ASP C 115 20.84 21.36 39.96
C ASP C 115 21.35 20.01 39.40
N LYS C 116 20.82 18.92 39.94
CA LYS C 116 21.05 17.59 39.43
C LYS C 116 20.48 17.47 38.00
N VAL C 117 19.52 18.34 37.66
CA VAL C 117 18.99 18.54 36.30
C VAL C 117 19.99 19.28 35.45
N LEU C 118 20.34 20.50 35.87
CA LEU C 118 21.39 21.26 35.22
C LEU C 118 22.63 20.43 35.03
N GLU C 119 22.85 19.46 35.91
CA GLU C 119 23.98 18.56 35.78
C GLU C 119 23.88 17.69 34.51
N LEU C 120 22.65 17.36 34.10
CA LEU C 120 22.45 16.61 32.85
C LEU C 120 23.17 17.23 31.67
N CYS C 121 23.24 18.56 31.66
CA CYS C 121 23.93 19.33 30.63
C CYS C 121 25.44 19.04 30.56
N HIS C 122 25.91 18.21 31.49
CA HIS C 122 27.30 17.85 31.53
C HIS C 122 27.54 16.45 31.07
N ARG C 123 26.49 15.80 30.58
CA ARG C 123 26.69 14.47 30.03
C ARG C 123 27.40 14.49 28.66
N LYS C 124 27.95 13.34 28.32
CA LYS C 124 28.61 13.15 27.07
C LYS C 124 27.62 12.72 25.98
N MSE C 125 26.47 12.13 26.39
CA MSE C 125 25.44 11.55 25.48
C MSE C 125 24.17 10.99 26.16
O MSE C 125 24.19 10.66 27.34
CB MSE C 125 26.03 10.41 24.64
CG MSE C 125 26.27 9.11 25.42
SE MSE C 125 27.28 7.98 24.27
CE MSE C 125 29.21 9.02 24.18
N GLY C 126 23.11 10.83 25.38
CA GLY C 126 21.92 10.10 25.84
C GLY C 126 20.61 10.81 25.62
N LEU C 127 19.53 10.17 26.05
CA LEU C 127 18.22 10.77 25.97
C LEU C 127 17.93 11.63 27.18
N ILE C 128 17.40 12.82 26.96
CA ILE C 128 16.88 13.62 28.04
C ILE C 128 15.49 14.08 27.59
N LEU C 129 14.48 13.43 28.11
CA LEU C 129 13.12 13.75 27.70
C LEU C 129 12.55 14.81 28.61
N VAL C 130 11.88 15.82 28.04
CA VAL C 130 11.23 16.86 28.84
C VAL C 130 9.77 16.87 28.44
N THR C 131 8.99 15.98 29.04
CA THR C 131 7.57 15.75 28.66
C THR C 131 6.64 16.80 29.25
N GLY C 132 5.37 16.74 28.92
CA GLY C 132 4.42 17.61 29.55
C GLY C 132 3.45 18.20 28.56
N PRO C 133 2.17 18.41 28.96
CA PRO C 133 1.04 18.91 28.14
C PRO C 133 1.13 20.39 27.79
N THR C 134 0.62 20.76 26.61
CA THR C 134 0.90 22.06 25.99
C THR C 134 0.68 23.27 26.89
N GLY C 135 1.68 24.14 26.99
CA GLY C 135 1.58 25.28 27.90
C GLY C 135 1.97 24.87 29.31
N SER C 136 2.96 23.96 29.38
CA SER C 136 3.67 23.58 30.64
C SER C 136 5.15 24.00 30.59
N GLY C 137 5.45 24.84 29.58
CA GLY C 137 6.76 25.43 29.37
C GLY C 137 7.87 24.40 29.25
N LYS C 138 7.72 23.46 28.34
CA LYS C 138 8.78 22.51 28.19
C LYS C 138 9.85 23.17 27.36
N SER C 139 9.46 24.09 26.48
CA SER C 139 10.43 24.76 25.63
C SER C 139 11.26 25.68 26.51
N THR C 140 10.58 26.35 27.44
CA THR C 140 11.18 27.24 28.44
C THR C 140 12.29 26.54 29.22
N THR C 141 11.98 25.36 29.73
CA THR C 141 12.97 24.47 30.32
C THR C 141 14.14 24.06 29.40
N ILE C 142 13.86 23.38 28.29
CA ILE C 142 14.83 23.12 27.27
C ILE C 142 15.68 24.36 27.03
N ALA C 143 15.10 25.41 26.42
CA ALA C 143 15.81 26.69 26.10
C ALA C 143 16.90 27.07 27.12
N SER C 144 16.54 26.93 28.39
CA SER C 144 17.45 27.19 29.50
C SER C 144 18.69 26.32 29.33
N MSE C 145 18.49 25.01 29.45
CA MSE C 145 19.58 24.04 29.55
C MSE C 145 20.44 24.12 28.37
O MSE C 145 21.66 24.06 28.51
CB MSE C 145 19.02 22.65 29.60
CG MSE C 145 18.17 22.42 30.79
SE MSE C 145 17.35 20.70 30.67
CE MSE C 145 18.94 19.52 31.27
N ILE C 146 19.80 24.21 27.22
CA ILE C 146 20.52 24.34 25.95
C ILE C 146 21.37 25.62 26.03
N ASP C 147 20.74 26.74 26.39
CA ASP C 147 21.55 27.99 26.54
C ASP C 147 22.72 27.85 27.55
N TYR C 148 22.44 27.21 28.68
CA TYR C 148 23.46 26.94 29.66
C TYR C 148 24.63 26.27 28.96
N ILE C 149 24.34 25.35 28.04
CA ILE C 149 25.40 24.64 27.28
C ILE C 149 26.04 25.56 26.25
N ASN C 150 25.21 26.42 25.64
CA ASN C 150 25.67 27.45 24.68
C ASN C 150 26.85 28.28 25.27
N GLN C 151 26.67 28.75 26.51
CA GLN C 151 27.69 29.51 27.24
C GLN C 151 28.77 28.62 27.82
N THR C 152 28.40 27.56 28.54
CA THR C 152 29.39 26.70 29.20
C THR C 152 30.34 25.91 28.27
N LYS C 153 29.79 25.32 27.21
CA LYS C 153 30.56 24.32 26.41
C LYS C 153 30.87 24.71 24.97
N SER C 154 32.05 24.27 24.51
CA SER C 154 32.57 24.60 23.18
C SER C 154 31.94 23.64 22.19
N TYR C 155 30.69 23.95 21.81
CA TYR C 155 29.80 22.97 21.17
C TYR C 155 29.08 23.48 19.90
N HIS C 156 28.57 22.53 19.13
CA HIS C 156 27.81 22.83 17.94
C HIS C 156 26.37 22.28 18.12
N ILE C 157 25.46 23.12 18.65
CA ILE C 157 24.12 22.65 18.98
C ILE C 157 23.25 22.92 17.82
N ILE C 158 22.30 22.01 17.63
CA ILE C 158 21.43 21.95 16.47
C ILE C 158 20.01 21.62 16.99
N THR C 159 19.03 22.42 16.61
CA THR C 159 17.67 22.14 17.04
C THR C 159 16.76 22.10 15.85
N ILE C 160 15.81 21.18 15.88
CA ILE C 160 14.84 21.03 14.83
C ILE C 160 13.48 21.31 15.47
N GLU C 161 13.05 22.57 15.42
CA GLU C 161 11.89 23.02 16.19
C GLU C 161 10.67 23.26 15.34
N ASP C 162 9.50 23.27 15.98
CA ASP C 162 8.25 23.65 15.32
C ASP C 162 7.31 24.37 16.26
N PRO C 163 7.27 25.72 16.18
CA PRO C 163 8.22 26.54 15.42
C PRO C 163 9.43 26.87 16.33
N ILE C 164 10.35 27.72 15.87
CA ILE C 164 11.43 28.17 16.76
C ILE C 164 10.85 29.09 17.84
N GLU C 165 10.87 28.61 19.09
CA GLU C 165 10.28 29.31 20.24
C GLU C 165 11.22 30.41 20.76
N TYR C 166 12.44 30.03 21.04
CA TYR C 166 13.42 30.96 21.52
C TYR C 166 14.52 31.03 20.49
N VAL C 167 15.06 32.22 20.22
CA VAL C 167 16.30 32.33 19.41
C VAL C 167 17.49 32.15 20.34
N PHE C 168 18.42 31.30 19.94
CA PHE C 168 19.63 31.20 20.72
C PHE C 168 20.64 32.26 20.27
N LYS C 169 21.38 32.76 21.24
CA LYS C 169 22.45 33.74 20.98
C LYS C 169 23.91 33.16 20.88
N HIS C 170 24.89 34.01 20.56
CA HIS C 170 26.21 33.47 20.20
C HIS C 170 27.32 33.53 21.24
N LYS C 171 27.61 32.35 21.81
CA LYS C 171 28.64 32.17 22.86
C LYS C 171 29.69 31.15 22.49
N LYS C 172 29.99 30.24 23.43
CA LYS C 172 31.07 29.24 23.30
C LYS C 172 30.72 28.15 22.31
N SER C 173 29.43 27.85 22.28
CA SER C 173 28.84 26.98 21.29
C SER C 173 28.14 27.74 20.11
N ILE C 174 28.06 27.00 18.99
CA ILE C 174 27.54 27.49 17.69
C ILE C 174 26.17 26.80 17.34
N VAL C 175 25.14 27.64 17.18
CA VAL C 175 23.75 27.17 17.26
C VAL C 175 22.94 27.33 15.99
N ASN C 176 22.73 26.20 15.33
CA ASN C 176 21.81 26.10 14.19
C ASN C 176 20.44 25.71 14.66
N GLN C 177 19.44 26.49 14.31
CA GLN C 177 18.07 26.10 14.56
C GLN C 177 17.37 26.00 13.24
N ARG C 178 16.65 24.90 13.06
CA ARG C 178 15.91 24.60 11.82
C ARG C 178 14.41 24.51 12.05
N GLU C 179 13.69 25.53 11.61
CA GLU C 179 12.26 25.60 11.77
C GLU C 179 11.67 24.68 10.70
N VAL C 180 10.70 23.85 11.08
CA VAL C 180 10.06 22.95 10.13
C VAL C 180 8.98 23.67 9.31
N GLY C 181 8.94 23.35 8.03
CA GLY C 181 8.05 24.05 7.14
C GLY C 181 8.92 25.06 6.45
N GLU C 182 9.55 25.92 7.24
CA GLU C 182 10.40 26.98 6.70
C GLU C 182 11.70 26.50 6.05
N ASP C 183 12.44 25.63 6.75
CA ASP C 183 13.83 25.35 6.42
C ASP C 183 14.07 23.85 6.17
N THR C 184 13.08 23.02 6.49
CA THR C 184 13.10 21.61 6.10
C THR C 184 11.66 21.19 5.81
N LYS C 185 11.55 20.08 5.11
CA LYS C 185 10.29 19.54 4.69
C LYS C 185 9.60 18.75 5.78
N SER C 186 10.38 18.22 6.72
CA SER C 186 9.86 17.31 7.71
C SER C 186 10.88 17.06 8.78
N PHE C 187 10.40 16.92 10.02
CA PHE C 187 11.21 16.40 11.13
C PHE C 187 12.07 15.24 10.64
N ALA C 188 11.55 14.49 9.66
CA ALA C 188 12.19 13.30 9.20
C ALA C 188 13.61 13.57 8.67
N ASP C 189 13.67 14.05 7.43
CA ASP C 189 14.95 14.30 6.80
C ASP C 189 15.70 15.43 7.48
N ALA C 190 15.00 16.26 8.27
CA ALA C 190 15.65 17.34 9.01
C ALA C 190 16.59 16.77 10.07
N LEU C 191 16.09 15.84 10.86
CA LEU C 191 16.91 15.12 11.80
C LEU C 191 17.97 14.38 11.02
N ARG C 192 17.51 13.54 10.11
CA ARG C 192 18.36 12.63 9.31
C ARG C 192 19.64 13.23 8.68
N ALA C 193 19.56 14.53 8.40
CA ALA C 193 20.68 15.34 7.93
C ALA C 193 21.47 15.92 9.10
N ALA C 194 20.77 16.43 10.11
CA ALA C 194 21.41 16.80 11.33
C ALA C 194 22.46 15.76 11.75
N LEU C 195 22.12 14.48 11.62
CA LEU C 195 23.03 13.35 11.94
C LEU C 195 24.29 13.24 11.09
N ARG C 196 24.40 14.15 10.13
CA ARG C 196 25.53 14.13 9.25
C ARG C 196 26.21 15.47 9.37
N GLU C 197 25.42 16.48 9.72
CA GLU C 197 25.93 17.86 9.91
C GLU C 197 26.89 18.02 11.11
N ASP C 198 27.41 16.89 11.62
CA ASP C 198 28.37 16.82 12.74
C ASP C 198 27.90 17.66 13.93
N PRO C 199 26.99 17.08 14.73
CA PRO C 199 26.39 17.77 15.87
C PRO C 199 26.89 17.32 17.23
N ASP C 200 26.68 18.15 18.23
CA ASP C 200 27.11 17.83 19.58
C ASP C 200 25.86 17.53 20.39
N VAL C 201 24.88 18.42 20.27
CA VAL C 201 23.62 18.25 20.95
C VAL C 201 22.52 18.51 19.96
N ILE C 202 21.59 17.56 19.89
CA ILE C 202 20.50 17.57 18.93
C ILE C 202 19.23 17.67 19.69
N PHE C 203 18.37 18.57 19.23
CA PHE C 203 17.08 18.74 19.84
C PHE C 203 15.91 18.35 18.89
N VAL C 204 15.51 17.09 18.97
CA VAL C 204 14.35 16.58 18.22
C VAL C 204 13.11 17.20 18.79
N GLY C 205 12.49 18.07 18.00
CA GLY C 205 11.43 18.95 18.47
C GLY C 205 10.27 18.31 19.22
N GLU C 206 9.75 17.22 18.67
CA GLU C 206 8.65 16.44 19.25
C GLU C 206 8.81 15.01 18.77
N MSE C 207 8.45 14.03 19.59
CA MSE C 207 8.66 12.66 19.20
C MSE C 207 7.36 11.90 18.98
O MSE C 207 7.07 10.88 19.62
CB MSE C 207 9.58 11.95 20.19
CG MSE C 207 11.01 12.42 20.06
SE MSE C 207 12.37 11.31 21.04
CE MSE C 207 11.15 10.08 21.93
N ARG C 208 6.58 12.44 18.04
CA ARG C 208 5.26 11.93 17.67
C ARG C 208 5.33 10.60 16.93
N ASP C 209 6.44 10.41 16.23
CA ASP C 209 6.53 9.51 15.11
C ASP C 209 7.62 8.44 15.26
N LEU C 210 7.22 7.19 15.03
CA LEU C 210 8.07 6.01 15.12
C LEU C 210 9.46 6.19 14.51
N GLU C 211 9.54 6.84 13.34
CA GLU C 211 10.81 6.97 12.62
C GLU C 211 11.70 8.01 13.26
N THR C 212 11.09 9.12 13.63
CA THR C 212 11.75 10.12 14.42
C THR C 212 12.38 9.45 15.63
N VAL C 213 11.58 8.80 16.46
CA VAL C 213 12.08 8.19 17.69
C VAL C 213 13.28 7.32 17.39
N GLU C 214 13.16 6.55 16.33
CA GLU C 214 14.16 5.58 15.96
C GLU C 214 15.55 6.16 15.96
N THR C 215 15.72 7.16 15.11
CA THR C 215 16.99 7.85 14.95
C THR C 215 17.37 8.66 16.19
N ALA C 216 16.41 9.40 16.75
CA ALA C 216 16.63 10.12 18.01
C ALA C 216 17.35 9.22 19.02
N LEU C 217 17.01 7.92 19.01
CA LEU C 217 17.69 6.97 19.84
C LEU C 217 19.02 6.77 19.26
N ARG C 218 18.99 6.26 18.03
CA ARG C 218 20.21 5.93 17.26
C ARG C 218 21.32 7.02 17.34
N ALA C 219 20.90 8.24 17.66
CA ALA C 219 21.77 9.41 17.77
C ALA C 219 22.26 9.57 19.19
N ALA C 220 21.42 9.18 20.14
CA ALA C 220 21.78 9.31 21.51
C ALA C 220 22.78 8.24 21.84
N GLU C 221 22.55 7.06 21.30
CA GLU C 221 23.36 5.90 21.64
C GLU C 221 24.70 5.91 20.92
N THR C 222 24.96 7.00 20.19
CA THR C 222 26.14 7.06 19.30
C THR C 222 27.03 8.33 19.46
N GLY C 223 26.96 8.99 20.63
CA GLY C 223 27.90 10.05 20.95
C GLY C 223 27.31 11.45 20.98
N HIS C 224 25.99 11.55 20.99
CA HIS C 224 25.34 12.86 21.00
C HIS C 224 24.35 13.05 22.14
N LEU C 225 24.14 14.29 22.55
CA LEU C 225 23.05 14.56 23.45
C LEU C 225 21.78 14.81 22.69
N VAL C 226 20.77 14.01 22.97
CA VAL C 226 19.52 14.13 22.27
C VAL C 226 18.49 14.53 23.26
N PHE C 227 18.09 15.78 23.18
CA PHE C 227 16.96 16.28 23.97
C PHE C 227 15.69 15.99 23.21
N GLY C 228 14.77 15.26 23.83
CA GLY C 228 13.49 14.96 23.20
C GLY C 228 12.42 15.63 24.03
N THR C 229 11.23 15.81 23.44
CA THR C 229 10.08 16.26 24.22
C THR C 229 8.84 15.55 23.74
N LEU C 230 7.88 15.42 24.66
CA LEU C 230 6.70 14.63 24.46
C LEU C 230 5.44 15.30 25.06
N HIS C 231 4.35 14.53 25.19
CA HIS C 231 3.10 14.98 25.83
C HIS C 231 2.57 14.06 26.97
N THR C 232 3.35 13.07 27.37
CA THR C 232 2.99 12.21 28.50
C THR C 232 3.13 12.95 29.82
N ASN C 233 2.54 12.40 30.88
CA ASN C 233 2.38 13.11 32.15
C ASN C 233 3.27 12.75 33.32
N THR C 234 3.57 11.46 33.47
CA THR C 234 4.57 10.97 34.43
C THR C 234 5.77 10.27 33.73
N ALA C 235 6.81 9.96 34.50
CA ALA C 235 7.98 9.30 33.95
C ALA C 235 7.62 7.96 33.34
N ILE C 236 7.04 7.09 34.17
CA ILE C 236 6.73 5.74 33.74
C ILE C 236 5.71 5.73 32.61
N ASP C 237 5.03 6.83 32.40
CA ASP C 237 4.15 6.95 31.25
C ASP C 237 4.99 7.14 30.02
N THR C 238 5.99 8.00 30.16
CA THR C 238 6.85 8.33 29.07
C THR C 238 7.44 7.05 28.54
N ILE C 239 8.19 6.39 29.40
CA ILE C 239 8.95 5.24 28.97
C ILE C 239 8.10 4.03 28.64
N HIS C 240 6.81 4.09 28.88
CA HIS C 240 5.92 3.10 28.30
C HIS C 240 5.65 3.58 26.89
N ARG C 241 5.23 4.83 26.79
CA ARG C 241 4.62 5.37 25.59
C ARG C 241 5.54 5.52 24.38
N ILE C 242 6.86 5.56 24.60
CA ILE C 242 7.78 5.56 23.45
C ILE C 242 8.06 4.15 22.99
N VAL C 243 8.05 3.20 23.93
CA VAL C 243 8.18 1.78 23.58
C VAL C 243 6.88 1.26 22.97
N ASP C 244 5.75 1.88 23.33
CA ASP C 244 4.43 1.51 22.80
C ASP C 244 4.19 1.88 21.33
N ILE C 245 5.07 2.69 20.75
CA ILE C 245 4.94 3.06 19.33
C ILE C 245 5.82 2.18 18.42
N PHE C 246 6.54 1.24 19.02
CA PHE C 246 7.25 0.23 18.26
C PHE C 246 6.34 -0.96 17.96
N PRO C 247 6.68 -1.77 16.92
CA PRO C 247 6.16 -3.14 16.78
C PRO C 247 6.75 -4.08 17.85
N LEU C 248 5.89 -4.84 18.52
CA LEU C 248 6.32 -5.58 19.71
C LEU C 248 7.16 -6.79 19.40
N ASN C 249 7.32 -7.06 18.11
CA ASN C 249 8.26 -8.09 17.61
C ASN C 249 9.62 -8.02 18.32
N GLN C 250 10.16 -6.80 18.41
CA GLN C 250 11.45 -6.49 19.05
C GLN C 250 11.27 -5.55 20.24
N GLN C 251 10.03 -5.15 20.51
CA GLN C 251 9.72 -4.14 21.52
C GLN C 251 10.65 -4.20 22.72
N GLU C 252 10.85 -5.39 23.25
CA GLU C 252 11.74 -5.61 24.36
C GLU C 252 13.05 -4.86 24.18
N GLN C 253 13.58 -4.92 22.97
CA GLN C 253 14.94 -4.49 22.65
C GLN C 253 15.21 -3.02 22.86
N VAL C 254 14.14 -2.25 22.89
CA VAL C 254 14.24 -0.83 23.09
C VAL C 254 14.31 -0.56 24.58
N ARG C 255 13.50 -1.30 25.33
CA ARG C 255 13.46 -1.17 26.78
C ARG C 255 14.88 -1.28 27.32
N ILE C 256 15.64 -2.20 26.73
CA ILE C 256 17.02 -2.41 27.16
C ILE C 256 17.92 -1.23 26.78
N VAL C 257 17.97 -0.89 25.49
CA VAL C 257 18.75 0.25 24.99
C VAL C 257 18.36 1.52 25.80
N LEU C 258 17.07 1.58 26.16
CA LEU C 258 16.54 2.71 26.89
C LEU C 258 17.12 2.76 28.29
N SER C 259 17.30 1.59 28.89
CA SER C 259 17.88 1.47 30.22
C SER C 259 19.39 1.43 30.12
N PHE C 260 19.91 2.26 29.22
CA PHE C 260 21.32 2.55 29.16
C PHE C 260 21.49 4.00 28.66
N ILE C 261 20.58 4.45 27.83
CA ILE C 261 20.79 5.72 27.19
C ILE C 261 19.78 6.77 27.63
N LEU C 262 18.83 6.32 28.43
CA LEU C 262 17.97 7.23 29.18
C LEU C 262 18.85 7.90 30.22
N GLN C 263 18.84 9.22 30.23
CA GLN C 263 19.69 9.93 31.15
C GLN C 263 18.94 10.90 32.03
N GLY C 264 17.69 11.20 31.64
CA GLY C 264 16.77 12.03 32.43
C GLY C 264 15.38 12.23 31.86
N ILE C 265 14.36 11.99 32.70
CA ILE C 265 12.98 12.28 32.34
C ILE C 265 12.42 13.32 33.31
N ILE C 266 11.92 14.42 32.75
CA ILE C 266 11.36 15.54 33.52
C ILE C 266 9.96 15.94 33.04
N SER C 267 8.94 15.44 33.70
CA SER C 267 7.60 15.80 33.31
C SER C 267 7.27 17.07 34.01
N GLN C 268 6.52 17.95 33.35
CA GLN C 268 6.25 19.29 33.88
C GLN C 268 4.79 19.68 33.85
N ARG C 269 4.44 20.66 34.66
CA ARG C 269 3.17 21.33 34.49
C ARG C 269 3.26 22.72 35.10
N LEU C 270 2.55 23.67 34.48
CA LEU C 270 2.52 25.04 34.97
C LEU C 270 1.22 25.33 35.70
N LEU C 271 1.34 25.97 36.84
CA LEU C 271 0.20 26.24 37.73
C LEU C 271 0.07 27.74 38.03
N PRO C 272 -1.15 28.18 38.45
CA PRO C 272 -1.41 29.49 39.10
C PRO C 272 -0.85 29.66 40.56
N LYS C 273 0.11 30.58 40.71
CA LYS C 273 0.71 30.92 42.00
C LYS C 273 -0.21 31.84 42.79
N ILE C 274 -0.07 31.78 44.10
CA ILE C 274 -0.70 32.73 45.02
C ILE C 274 -0.31 34.23 44.75
N GLY C 275 0.83 34.48 44.10
CA GLY C 275 1.27 35.85 43.74
C GLY C 275 0.95 36.26 42.30
N GLY C 276 1.93 36.10 41.41
CA GLY C 276 1.79 36.50 40.01
C GLY C 276 1.35 35.39 39.07
N GLY C 277 1.00 34.23 39.63
CA GLY C 277 0.50 33.06 38.85
C GLY C 277 1.53 32.14 38.14
N ARG C 278 2.81 32.30 38.46
CA ARG C 278 3.89 31.68 37.69
C ARG C 278 4.65 30.63 38.47
N VAL C 279 4.11 29.44 38.67
CA VAL C 279 4.92 28.43 39.37
C VAL C 279 4.84 27.02 38.74
N LEU C 280 5.99 26.37 38.60
CA LEU C 280 6.04 25.10 37.91
C LEU C 280 6.16 23.89 38.86
N ALA C 281 5.55 22.77 38.49
CA ALA C 281 5.69 21.52 39.25
C ALA C 281 6.19 20.42 38.35
N TYR C 282 6.95 19.52 38.96
CA TYR C 282 7.65 18.55 38.16
C TYR C 282 7.87 17.22 38.86
N GLU C 283 8.09 16.20 38.03
CA GLU C 283 8.49 14.88 38.47
C GLU C 283 9.84 14.62 37.83
N LEU C 284 10.74 14.01 38.59
CA LEU C 284 12.12 13.95 38.16
C LEU C 284 12.74 12.58 38.35
N LEU C 285 13.23 12.03 37.24
CA LEU C 285 13.92 10.74 37.26
C LEU C 285 15.25 10.75 36.50
N ILE C 286 16.35 10.71 37.24
CA ILE C 286 17.67 10.54 36.67
C ILE C 286 18.20 9.19 37.11
N PRO C 287 18.23 8.21 36.18
CA PRO C 287 18.68 6.81 36.40
C PRO C 287 20.09 6.65 36.97
N ASN C 288 20.15 5.97 38.12
CA ASN C 288 21.41 5.53 38.72
C ASN C 288 21.60 4.03 38.52
N THR C 289 22.83 3.57 38.76
CA THR C 289 23.26 2.18 38.47
C THR C 289 22.22 1.08 38.86
N ALA C 290 21.38 1.38 39.86
CA ALA C 290 20.27 0.51 40.30
C ALA C 290 19.05 0.56 39.36
N ILE C 291 18.52 1.77 39.13
CA ILE C 291 17.31 1.97 38.30
C ILE C 291 17.39 1.35 36.90
N ARG C 292 18.58 1.41 36.31
CA ARG C 292 18.89 0.82 35.00
C ARG C 292 18.39 -0.60 34.88
N ASN C 293 18.77 -1.45 35.83
CA ASN C 293 18.43 -2.87 35.82
C ASN C 293 16.95 -3.14 35.92
N LEU C 294 16.25 -2.25 36.61
CA LEU C 294 14.84 -2.42 36.78
C LEU C 294 14.15 -2.36 35.43
N ILE C 295 14.47 -1.30 34.69
CA ILE C 295 13.85 -1.02 33.40
C ILE C 295 14.24 -2.08 32.36
N ARG C 296 15.46 -2.61 32.50
CA ARG C 296 15.94 -3.72 31.72
C ARG C 296 14.98 -4.90 31.79
N GLU C 297 14.58 -5.22 33.02
CA GLU C 297 13.75 -6.38 33.27
C GLU C 297 12.28 -6.01 33.34
N ASN C 298 11.89 -5.02 32.56
CA ASN C 298 10.48 -4.59 32.41
C ASN C 298 9.85 -4.04 33.69
N LYS C 299 10.49 -4.30 34.83
CA LYS C 299 9.89 -4.04 36.13
C LYS C 299 9.76 -2.55 36.41
N LEU C 300 8.57 -1.99 36.12
CA LEU C 300 8.36 -0.51 36.07
C LEU C 300 7.84 0.20 37.35
N GLN C 301 6.62 -0.13 37.80
CA GLN C 301 6.06 0.45 39.05
C GLN C 301 6.89 0.09 40.28
N GLN C 302 7.83 -0.82 40.08
CA GLN C 302 8.93 -1.05 41.03
C GLN C 302 9.91 0.14 41.06
N VAL C 303 9.92 0.93 39.98
CA VAL C 303 10.69 2.18 39.97
C VAL C 303 9.85 3.25 40.65
N TYR C 304 8.53 3.16 40.52
CA TYR C 304 7.62 4.11 41.19
C TYR C 304 7.81 4.01 42.69
N SER C 305 7.93 2.76 43.17
CA SER C 305 8.27 2.43 44.58
C SER C 305 9.56 3.15 45.00
N LEU C 306 10.55 3.10 44.09
CA LEU C 306 11.89 3.66 44.29
C LEU C 306 12.01 5.18 44.04
N MSE C 307 10.89 5.90 43.92
CA MSE C 307 10.93 7.35 43.77
C MSE C 307 10.55 8.09 45.04
O MSE C 307 9.38 8.19 45.41
CB MSE C 307 10.15 7.80 42.54
CG MSE C 307 10.97 7.75 41.24
SE MSE C 307 9.95 7.45 39.54
CE MSE C 307 9.69 9.33 38.92
N GLN C 308 11.59 8.58 45.70
CA GLN C 308 11.51 9.31 46.96
C GLN C 308 12.81 10.06 47.36
N MSE C 316 14.48 9.55 41.84
CA MSE C 316 14.72 10.84 42.51
C MSE C 316 13.55 11.51 43.31
O MSE C 316 13.76 11.85 44.49
CB MSE C 316 15.36 11.86 41.54
CG MSE C 316 16.89 12.06 41.70
SE MSE C 316 17.72 13.13 43.27
CE MSE C 316 16.08 14.24 43.94
N GLN C 317 12.37 11.70 42.70
CA GLN C 317 11.24 12.46 43.34
C GLN C 317 9.90 12.44 42.57
N THR C 318 8.82 11.97 43.21
CA THR C 318 7.48 11.85 42.55
C THR C 318 6.81 13.19 42.22
N MSE C 319 5.69 13.16 41.49
CA MSE C 319 4.96 14.38 41.11
C MSE C 319 4.20 14.95 42.30
O MSE C 319 4.42 16.11 42.71
CB MSE C 319 3.96 14.12 39.97
CG MSE C 319 4.01 15.10 38.74
SE MSE C 319 3.96 17.10 38.92
CE MSE C 319 3.66 17.55 37.05
N ASN C 320 3.32 14.14 42.86
CA ASN C 320 2.62 14.50 44.08
C ASN C 320 3.57 15.07 45.12
N GLN C 321 4.72 14.39 45.27
CA GLN C 321 5.78 14.80 46.19
C GLN C 321 6.19 16.27 45.96
N THR C 322 6.25 16.71 44.70
CA THR C 322 6.61 18.09 44.40
C THR C 322 5.37 18.97 44.35
N LEU C 323 4.28 18.49 44.94
CA LEU C 323 3.10 19.31 45.18
C LEU C 323 2.90 19.52 46.66
N TYR C 324 3.22 18.48 47.46
CA TYR C 324 3.26 18.60 48.92
C TYR C 324 4.33 19.62 49.36
N LYS C 325 5.58 19.47 48.89
CA LYS C 325 6.69 20.42 49.14
C LYS C 325 6.44 21.84 48.55
N LEU C 326 5.38 21.96 47.74
CA LEU C 326 4.93 23.23 47.15
C LEU C 326 3.73 23.93 47.86
N TYR C 327 2.73 23.15 48.26
CA TYR C 327 1.57 23.69 48.94
C TYR C 327 1.84 24.04 50.42
N LYS C 328 2.54 23.15 51.14
CA LYS C 328 2.95 23.37 52.55
C LYS C 328 3.78 24.66 52.75
N GLN C 329 4.34 25.18 51.64
CA GLN C 329 5.09 26.42 51.67
C GLN C 329 4.15 27.58 51.27
N GLY C 330 2.91 27.21 50.89
CA GLY C 330 1.85 28.18 50.62
C GLY C 330 2.06 28.95 49.34
N LEU C 331 2.18 28.20 48.22
CA LEU C 331 2.30 28.79 46.88
C LEU C 331 1.17 28.34 45.93
N ILE C 332 0.68 27.12 46.15
CA ILE C 332 -0.40 26.55 45.33
C ILE C 332 -1.55 26.06 46.21
N THR C 333 -2.79 26.20 45.73
CA THR C 333 -3.99 25.81 46.53
C THR C 333 -4.17 24.28 46.72
N LEU C 334 -4.72 23.87 47.87
CA LEU C 334 -5.12 22.47 48.21
C LEU C 334 -6.08 21.87 47.15
N GLU C 335 -6.53 22.72 46.22
CA GLU C 335 -7.49 22.32 45.21
C GLU C 335 -7.02 22.48 43.78
N ASP C 336 -5.99 23.26 43.54
CA ASP C 336 -5.42 23.31 42.19
C ASP C 336 -4.46 22.14 41.94
N ALA C 337 -3.85 21.64 43.02
CA ALA C 337 -2.88 20.54 42.94
C ALA C 337 -3.47 19.13 43.14
N MSE C 338 -4.72 19.01 43.60
CA MSE C 338 -5.47 17.71 43.58
C MSE C 338 -6.27 17.62 42.30
O MSE C 338 -7.31 16.95 42.23
CB MSE C 338 -6.38 17.52 44.81
CG MSE C 338 -5.68 16.85 46.05
SE MSE C 338 -5.11 14.87 45.98
CE MSE C 338 -3.26 14.99 45.53
N GLU C 339 -5.72 18.28 41.28
CA GLU C 339 -6.33 18.55 40.00
C GLU C 339 -5.33 18.19 38.90
N ALA C 340 -4.10 18.67 39.05
CA ALA C 340 -3.01 18.35 38.13
C ALA C 340 -2.33 17.03 38.47
N SER C 341 -2.51 16.59 39.71
CA SER C 341 -1.92 15.35 40.25
C SER C 341 -2.54 14.10 39.63
N PRO C 342 -1.72 13.30 38.94
CA PRO C 342 -2.08 11.94 38.55
C PRO C 342 -2.87 11.16 39.63
N ASP C 343 -2.30 10.97 40.82
CA ASP C 343 -2.93 10.17 41.90
C ASP C 343 -3.41 10.98 43.13
N PRO C 344 -4.74 11.10 43.30
CA PRO C 344 -5.31 11.69 44.52
C PRO C 344 -4.85 11.03 45.84
N LYS C 345 -4.67 9.71 45.81
CA LYS C 345 -4.28 8.86 46.97
C LYS C 345 -3.00 9.22 47.74
N GLU C 346 -1.92 9.49 46.98
CA GLU C 346 -0.55 9.57 47.53
C GLU C 346 -0.23 10.89 48.27
N LEU C 347 -1.27 11.70 48.46
CA LEU C 347 -1.17 12.93 49.25
C LEU C 347 -2.40 13.08 50.17
N GLU C 348 -2.68 14.31 50.61
CA GLU C 348 -3.73 14.64 51.59
C GLU C 348 -3.54 13.88 52.93
N ARG C 349 -3.00 12.66 52.84
CA ARG C 349 -2.39 11.92 53.96
C ARG C 349 -1.25 12.79 54.51
N MSE C 350 -0.67 13.58 53.59
CA MSE C 350 0.36 14.62 53.83
C MSE C 350 -0.21 16.04 53.57
O MSE C 350 -0.23 16.89 54.48
CB MSE C 350 1.61 14.37 52.95
CG MSE C 350 2.15 12.90 52.93
SE MSE C 350 3.29 12.18 54.46
CE MSE C 350 2.19 10.75 55.26
N GLU D 1 39.92 38.04 1.65
CA GLU D 1 39.29 37.81 2.99
C GLU D 1 38.48 36.50 3.14
N LEU D 2 37.24 36.51 2.61
CA LEU D 2 36.26 35.40 2.75
C LEU D 2 36.17 34.53 1.51
N LYS D 3 37.20 33.72 1.29
CA LYS D 3 37.22 32.79 0.19
C LYS D 3 37.27 31.40 0.78
N ILE D 4 36.30 30.56 0.39
CA ILE D 4 36.19 29.19 0.91
C ILE D 4 37.53 28.47 0.85
N LEU D 5 38.11 28.52 -0.35
CA LEU D 5 39.41 27.92 -0.65
C LEU D 5 40.44 28.21 0.45
N GLU D 6 40.32 29.36 1.10
CA GLU D 6 41.29 29.86 2.07
C GLU D 6 40.88 29.56 3.53
N ILE D 7 39.63 29.16 3.71
CA ILE D 7 39.19 28.75 5.01
C ILE D 7 39.45 27.27 5.15
N ILE D 8 39.51 26.55 4.04
CA ILE D 8 40.04 25.19 4.06
C ILE D 8 41.56 25.19 4.32
N LYS D 9 42.24 26.24 3.85
CA LYS D 9 43.70 26.41 3.99
C LYS D 9 44.12 26.36 5.46
N GLU D 10 43.57 27.31 6.22
CA GLU D 10 43.77 27.39 7.65
C GLU D 10 43.14 26.23 8.43
N ALA D 11 42.33 25.39 7.76
CA ALA D 11 41.65 24.24 8.38
C ALA D 11 42.56 23.03 8.49
N ILE D 12 43.26 22.70 7.42
CA ILE D 12 44.19 21.58 7.49
C ILE D 12 45.56 22.00 8.03
N GLU D 13 45.84 23.30 7.91
CA GLU D 13 46.95 23.94 8.63
C GLU D 13 46.87 23.75 10.18
N LEU D 14 45.71 24.08 10.77
CA LEU D 14 45.51 23.92 12.22
C LEU D 14 45.33 22.44 12.63
N GLY D 15 45.40 21.56 11.61
CA GLY D 15 45.21 20.11 11.74
C GLY D 15 43.74 19.80 12.08
N ALA D 16 42.83 20.07 11.12
CA ALA D 16 41.36 19.98 11.36
C ALA D 16 40.72 18.65 10.91
N SER D 17 39.70 18.22 11.70
CA SER D 17 38.70 17.18 11.32
C SER D 17 37.50 17.78 10.51
N ASP D 18 37.08 19.01 10.86
CA ASP D 18 35.87 19.64 10.32
C ASP D 18 35.96 21.12 10.22
N ILE D 19 35.23 21.64 9.24
CA ILE D 19 34.91 23.08 9.24
C ILE D 19 33.40 23.22 9.39
N HIS D 20 33.00 24.31 10.03
CA HIS D 20 31.60 24.62 10.24
C HIS D 20 31.36 26.08 10.00
N LEU D 21 30.36 26.35 9.18
CA LEU D 21 29.92 27.72 8.99
C LEU D 21 28.52 27.94 9.58
N THR D 22 28.24 29.18 9.94
CA THR D 22 26.93 29.62 10.40
C THR D 22 26.90 31.11 10.20
N ALA D 23 25.70 31.70 10.32
CA ALA D 23 25.47 33.16 10.14
C ALA D 23 26.01 34.10 11.25
N GLY D 24 25.60 33.86 12.51
CA GLY D 24 25.86 34.77 13.64
C GLY D 24 27.26 34.84 14.25
N ALA D 25 28.19 34.05 13.72
CA ALA D 25 29.56 34.01 14.22
C ALA D 25 30.59 34.01 13.04
N PRO D 26 31.91 33.95 13.34
CA PRO D 26 32.90 33.64 12.32
C PRO D 26 33.13 32.13 12.16
N PRO D 27 33.60 31.73 10.98
CA PRO D 27 33.95 30.33 10.62
C PRO D 27 34.63 29.56 11.72
N ALA D 28 34.18 28.32 11.87
CA ALA D 28 34.60 27.48 12.96
C ALA D 28 35.26 26.24 12.42
N VAL D 29 36.13 25.68 13.26
CA VAL D 29 36.80 24.42 12.97
C VAL D 29 36.86 23.51 14.22
N ARG D 30 36.59 22.22 14.02
CA ARG D 30 36.76 21.33 15.11
C ARG D 30 38.20 20.89 15.05
N ILE D 31 38.86 20.98 16.19
CA ILE D 31 40.17 20.33 16.43
C ILE D 31 40.09 19.42 17.68
N ASP D 32 40.23 18.11 17.47
CA ASP D 32 40.25 17.18 18.59
C ASP D 32 38.87 16.76 19.09
N GLY D 33 37.86 17.55 18.73
CA GLY D 33 36.52 17.38 19.28
C GLY D 33 36.02 18.59 20.07
N TYR D 34 36.83 19.65 20.08
CA TYR D 34 36.41 20.96 20.62
C TYR D 34 36.44 21.97 19.49
N ILE D 35 35.54 22.94 19.56
CA ILE D 35 35.42 23.84 18.44
C ILE D 35 36.00 25.21 18.79
N LYS D 36 36.86 25.72 17.90
CA LYS D 36 37.45 27.07 18.00
C LYS D 36 37.22 27.91 16.73
N PHE D 37 36.82 29.16 16.94
CA PHE D 37 36.66 30.09 15.82
C PHE D 37 38.00 30.74 15.49
N LEU D 38 38.50 30.45 14.28
CA LEU D 38 39.65 31.19 13.73
C LEU D 38 39.21 32.56 13.13
N LYS D 39 38.71 33.43 14.04
CA LYS D 39 38.40 34.84 13.77
C LYS D 39 39.58 35.51 13.01
N ASP D 40 40.70 34.78 13.02
CA ASP D 40 41.99 35.18 12.50
C ASP D 40 41.87 36.17 11.37
N PHE D 41 41.12 35.81 10.33
CA PHE D 41 40.81 36.79 9.29
C PHE D 41 39.32 36.78 9.00
N PRO D 42 38.76 35.60 8.62
CA PRO D 42 37.31 35.59 8.36
C PRO D 42 36.55 36.29 9.48
N ARG D 43 35.73 37.27 9.11
CA ARG D 43 34.98 37.98 10.11
C ARG D 43 33.70 37.20 10.53
N LEU D 44 33.03 37.65 11.61
CA LEU D 44 31.66 37.18 11.97
C LEU D 44 30.85 37.12 10.66
N THR D 45 30.76 35.91 10.05
CA THR D 45 30.34 35.78 8.63
C THR D 45 28.93 36.37 8.38
N PRO D 46 28.73 37.12 7.25
CA PRO D 46 27.40 37.80 7.09
C PRO D 46 26.25 36.81 6.88
N GLU D 47 25.13 37.30 6.35
CA GLU D 47 24.10 36.42 5.86
C GLU D 47 24.67 35.69 4.64
N ASP D 48 25.81 36.18 4.17
CA ASP D 48 26.42 35.71 2.92
C ASP D 48 27.50 34.63 3.07
N THR D 49 27.17 33.68 3.95
CA THR D 49 27.69 32.31 3.89
C THR D 49 27.06 31.67 2.65
N GLN D 50 25.94 32.28 2.26
CA GLN D 50 25.25 32.10 0.98
C GLN D 50 26.27 31.98 -0.17
N LYS D 51 27.02 33.08 -0.40
CA LYS D 51 28.04 33.17 -1.45
C LYS D 51 29.16 32.11 -1.34
N LEU D 52 29.61 31.85 -0.11
CA LEU D 52 30.63 30.86 0.18
C LEU D 52 30.29 29.43 -0.23
N ALA D 53 29.14 28.96 0.20
CA ALA D 53 28.68 27.64 -0.14
C ALA D 53 28.31 27.59 -1.60
N TYR D 54 27.51 28.57 -2.03
CA TYR D 54 27.10 28.66 -3.42
C TYR D 54 28.25 28.37 -4.40
N SER D 55 29.45 28.75 -3.96
CA SER D 55 30.65 28.62 -4.77
C SER D 55 31.18 27.20 -4.88
N VAL D 56 30.71 26.30 -4.02
CA VAL D 56 31.19 24.93 -4.06
C VAL D 56 30.19 24.04 -4.83
N MSE D 57 28.90 24.36 -4.66
CA MSE D 57 27.85 23.50 -5.13
C MSE D 57 27.59 23.73 -6.60
O MSE D 57 27.44 24.88 -7.03
CB MSE D 57 26.57 23.79 -4.39
CG MSE D 57 26.72 23.96 -2.88
SE MSE D 57 25.21 25.04 -2.06
CE MSE D 57 23.71 23.69 -2.56
N SER D 58 27.55 22.61 -7.34
CA SER D 58 27.03 22.54 -8.71
C SER D 58 25.62 23.17 -8.81
N GLU D 59 25.18 23.44 -10.04
CA GLU D 59 23.82 23.87 -10.27
C GLU D 59 22.78 22.90 -9.72
N LYS D 60 23.11 21.62 -9.84
CA LYS D 60 22.28 20.48 -9.46
C LYS D 60 22.00 20.48 -7.96
N HIS D 61 22.86 21.15 -7.20
CA HIS D 61 22.72 21.12 -5.75
C HIS D 61 22.02 22.39 -5.29
N ARG D 62 22.29 23.51 -5.94
CA ARG D 62 21.68 24.78 -5.49
C ARG D 62 20.24 24.86 -5.94
N GLN D 63 19.84 23.94 -6.82
CA GLN D 63 18.43 23.70 -7.11
C GLN D 63 17.87 22.91 -5.95
N LYS D 64 18.47 21.75 -5.67
CA LYS D 64 18.00 20.83 -4.62
C LYS D 64 17.98 21.40 -3.20
N LEU D 65 18.70 22.50 -2.98
CA LEU D 65 18.70 23.13 -1.68
C LEU D 65 17.48 24.01 -1.49
N GLU D 66 16.75 24.21 -2.59
CA GLU D 66 15.49 24.95 -2.55
C GLU D 66 14.30 24.00 -2.34
N GLU D 67 14.34 22.85 -3.03
CA GLU D 67 13.30 21.80 -2.96
C GLU D 67 13.22 21.29 -1.52
N ASN D 68 14.34 20.81 -0.99
CA ASN D 68 14.38 20.42 0.39
C ASN D 68 15.10 21.54 1.09
N GLY D 69 15.45 21.33 2.35
CA GLY D 69 16.20 22.33 3.09
C GLY D 69 17.67 22.00 3.22
N GLN D 70 18.12 20.95 2.53
CA GLN D 70 19.51 20.48 2.64
C GLN D 70 19.98 19.57 1.51
N VAL D 71 21.30 19.47 1.38
CA VAL D 71 21.93 18.64 0.38
C VAL D 71 23.19 17.96 0.89
N ASP D 72 23.45 16.77 0.34
CA ASP D 72 24.58 15.94 0.77
C ASP D 72 25.46 15.49 -0.43
N PHE D 73 26.65 16.08 -0.54
CA PHE D 73 27.53 15.87 -1.70
C PHE D 73 29.02 15.99 -1.39
N SER D 74 29.81 15.84 -2.43
CA SER D 74 31.25 15.82 -2.29
C SER D 74 31.95 16.46 -3.48
N PHE D 75 32.83 17.41 -3.14
CA PHE D 75 33.62 18.18 -4.08
C PHE D 75 35.10 18.05 -3.69
N GLY D 76 35.98 18.32 -4.66
CA GLY D 76 37.43 18.23 -4.45
C GLY D 76 38.20 19.53 -4.64
N VAL D 77 39.05 19.83 -3.65
CA VAL D 77 40.12 20.82 -3.84
C VAL D 77 41.38 20.05 -4.24
N ARG D 78 41.76 20.24 -5.51
CA ARG D 78 42.92 19.58 -6.11
C ARG D 78 44.21 19.97 -5.36
N GLY D 79 44.24 21.22 -4.89
CA GLY D 79 45.26 21.71 -3.94
C GLY D 79 45.58 20.83 -2.71
N VAL D 80 44.53 20.25 -2.07
CA VAL D 80 44.70 19.36 -0.89
C VAL D 80 44.08 17.93 -1.05
N GLY D 81 42.79 17.80 -0.69
CA GLY D 81 42.07 16.53 -0.77
C GLY D 81 40.66 16.77 -1.27
N ARG D 82 39.76 15.86 -0.93
CA ARG D 82 38.35 16.02 -1.28
C ARG D 82 37.55 16.08 -0.02
N PHE D 83 36.40 16.75 -0.12
CA PHE D 83 35.61 16.98 1.09
C PHE D 83 34.20 16.48 1.00
N ARG D 84 33.57 16.43 2.17
CA ARG D 84 32.21 16.00 2.30
C ARG D 84 31.43 17.18 2.91
N ALA D 85 30.49 17.70 2.10
CA ALA D 85 29.66 18.86 2.42
C ALA D 85 28.25 18.53 2.88
N ASN D 86 27.57 19.57 3.33
CA ASN D 86 26.23 19.43 3.83
C ASN D 86 25.66 20.81 4.13
N VAL D 87 25.29 21.49 3.06
CA VAL D 87 24.79 22.80 3.18
C VAL D 87 23.37 22.69 3.65
N PHE D 88 22.93 23.58 4.54
CA PHE D 88 21.54 23.58 4.92
C PHE D 88 21.00 24.88 5.46
N TYR D 89 19.75 25.13 5.13
CA TYR D 89 19.00 26.26 5.67
C TYR D 89 18.85 26.10 7.16
N GLN D 90 18.93 27.23 7.85
CA GLN D 90 19.07 27.28 9.28
C GLN D 90 18.04 28.24 9.83
N ARG D 91 18.41 29.45 10.22
CA ARG D 91 17.36 30.42 10.60
C ARG D 91 17.12 31.49 9.54
N GLY D 92 16.42 31.07 8.48
CA GLY D 92 16.29 31.84 7.24
C GLY D 92 17.65 32.06 6.54
N SER D 93 18.72 31.59 7.18
CA SER D 93 20.11 31.77 6.72
C SER D 93 20.80 30.47 6.29
N VAL D 94 21.90 30.60 5.53
CA VAL D 94 22.66 29.42 5.07
C VAL D 94 23.70 28.96 6.09
N ALA D 95 24.07 27.66 6.03
CA ALA D 95 25.13 27.12 6.86
C ALA D 95 25.63 25.83 6.25
N ALA D 96 26.89 25.51 6.48
CA ALA D 96 27.42 24.26 5.99
C ALA D 96 28.29 23.59 7.03
N ALA D 97 28.72 22.38 6.68
CA ALA D 97 29.54 21.53 7.54
C ALA D 97 30.40 20.61 6.67
N LEU D 98 31.67 20.96 6.54
CA LEU D 98 32.54 20.19 5.68
C LEU D 98 33.44 19.33 6.51
N ARG D 99 33.55 18.07 6.05
CA ARG D 99 34.39 17.01 6.66
C ARG D 99 35.62 16.63 5.79
N SER D 100 36.44 15.68 6.32
CA SER D 100 37.47 14.99 5.54
C SER D 100 36.85 13.73 4.96
N LEU D 101 37.17 13.47 3.70
CA LEU D 101 36.95 12.15 3.14
C LEU D 101 38.22 11.35 3.41
N PRO D 102 38.09 10.02 3.49
CA PRO D 102 39.29 9.22 3.29
C PRO D 102 39.88 9.44 1.89
N ALA D 103 41.11 9.96 1.89
CA ALA D 103 41.94 10.10 0.69
C ALA D 103 42.67 8.79 0.36
N GLU D 104 42.45 7.75 1.19
CA GLU D 104 43.14 6.50 1.04
C GLU D 104 42.40 5.39 1.76
N ILE D 105 41.70 4.55 1.00
CA ILE D 105 41.22 3.22 1.39
C ILE D 105 42.12 2.45 2.40
N PRO D 106 41.53 1.82 3.43
CA PRO D 106 42.33 0.93 4.25
C PRO D 106 42.43 -0.50 3.71
N GLU D 107 43.63 -1.06 3.88
CA GLU D 107 43.95 -2.45 3.50
C GLU D 107 42.98 -3.38 4.25
N PHE D 108 42.52 -4.47 3.59
CA PHE D 108 41.43 -5.25 4.13
C PHE D 108 41.63 -5.83 5.54
N LYS D 109 42.88 -6.16 5.91
CA LYS D 109 43.18 -6.81 7.20
C LYS D 109 42.81 -5.99 8.47
N LYS D 110 43.20 -4.71 8.47
CA LYS D 110 42.85 -3.74 9.54
C LYS D 110 41.34 -3.59 9.85
N LEU D 111 40.50 -4.19 9.01
CA LEU D 111 39.05 -4.15 9.20
C LEU D 111 38.58 -5.05 10.35
N GLY D 112 39.00 -6.31 10.36
CA GLY D 112 38.67 -7.20 11.46
C GLY D 112 37.63 -8.18 11.00
N LEU D 113 37.72 -8.51 9.72
CA LEU D 113 36.89 -9.54 9.19
C LEU D 113 37.80 -10.72 8.89
N PRO D 114 37.22 -11.95 8.89
CA PRO D 114 37.87 -13.17 8.35
C PRO D 114 38.15 -13.12 6.81
N ASP D 115 38.78 -14.17 6.28
CA ASP D 115 39.20 -14.21 4.86
C ASP D 115 38.22 -14.93 3.90
N LYS D 116 37.25 -15.63 4.48
CA LYS D 116 36.16 -16.29 3.73
C LYS D 116 35.27 -15.22 3.07
N VAL D 117 35.35 -14.00 3.63
CA VAL D 117 34.79 -12.76 3.06
C VAL D 117 35.64 -12.27 1.91
N LEU D 118 36.90 -11.93 2.19
CA LEU D 118 37.83 -11.60 1.12
C LEU D 118 37.77 -12.60 0.01
N GLU D 119 37.41 -13.84 0.35
CA GLU D 119 37.22 -14.90 -0.64
C GLU D 119 36.04 -14.64 -1.62
N LEU D 120 34.99 -13.99 -1.14
CA LEU D 120 33.90 -13.57 -2.03
C LEU D 120 34.35 -12.76 -3.23
N CYS D 121 35.40 -11.94 -3.08
CA CYS D 121 36.00 -11.19 -4.19
C CYS D 121 36.52 -12.08 -5.33
N HIS D 122 36.50 -13.39 -5.12
CA HIS D 122 36.97 -14.37 -6.10
C HIS D 122 35.82 -15.08 -6.78
N ARG D 123 34.60 -14.62 -6.54
CA ARG D 123 33.47 -15.18 -7.24
C ARG D 123 33.33 -14.63 -8.67
N LYS D 124 32.62 -15.42 -9.48
CA LYS D 124 32.37 -15.12 -10.88
C LYS D 124 31.12 -14.25 -11.06
N MSE D 125 30.21 -14.31 -10.07
CA MSE D 125 28.91 -13.56 -10.09
C MSE D 125 28.03 -13.72 -8.85
O MSE D 125 28.13 -14.71 -8.10
CB MSE D 125 28.06 -13.98 -11.27
CG MSE D 125 27.40 -15.38 -11.09
SE MSE D 125 26.68 -16.18 -12.83
CE MSE D 125 28.58 -16.26 -14.02
N GLY D 126 27.12 -12.77 -8.66
CA GLY D 126 26.14 -12.88 -7.60
C GLY D 126 25.94 -11.64 -6.73
N LEU D 127 25.06 -11.78 -5.74
CA LEU D 127 24.82 -10.72 -4.82
C LEU D 127 25.76 -10.84 -3.64
N ILE D 128 26.38 -9.71 -3.27
CA ILE D 128 27.08 -9.55 -2.01
C ILE D 128 26.57 -8.31 -1.31
N LEU D 129 25.71 -8.51 -0.31
CA LEU D 129 25.08 -7.42 0.38
C LEU D 129 25.90 -7.06 1.58
N VAL D 130 26.08 -5.79 1.80
CA VAL D 130 26.78 -5.33 2.98
C VAL D 130 25.88 -4.34 3.72
N THR D 131 25.00 -4.89 4.56
CA THR D 131 23.98 -4.10 5.26
C THR D 131 24.54 -3.32 6.43
N GLY D 132 23.70 -2.52 7.07
CA GLY D 132 24.12 -1.87 8.30
C GLY D 132 23.77 -0.40 8.37
N PRO D 133 23.40 0.08 9.56
CA PRO D 133 22.89 1.42 9.82
C PRO D 133 23.95 2.49 9.76
N THR D 134 23.55 3.68 9.33
CA THR D 134 24.46 4.78 8.96
C THR D 134 25.57 5.06 9.95
N GLY D 135 26.81 5.00 9.45
CA GLY D 135 27.99 5.14 10.28
C GLY D 135 28.36 3.81 10.92
N SER D 136 28.23 2.75 10.14
CA SER D 136 28.75 1.42 10.51
C SER D 136 29.84 1.01 9.52
N GLY D 137 30.25 2.00 8.70
CA GLY D 137 31.35 1.88 7.72
C GLY D 137 31.16 0.75 6.73
N LYS D 138 30.05 0.83 5.97
CA LYS D 138 29.76 -0.24 4.99
C LYS D 138 30.51 0.11 3.73
N SER D 139 30.80 1.40 3.58
CA SER D 139 31.52 1.88 2.43
C SER D 139 32.97 1.55 2.60
N THR D 140 33.43 1.77 3.82
CA THR D 140 34.75 1.35 4.24
C THR D 140 35.02 -0.14 3.91
N THR D 141 34.10 -1.02 4.29
CA THR D 141 34.16 -2.47 4.00
C THR D 141 34.16 -2.73 2.51
N ILE D 142 33.12 -2.27 1.84
CA ILE D 142 33.07 -2.27 0.37
C ILE D 142 34.42 -1.76 -0.17
N ALA D 143 34.69 -0.46 -0.10
CA ALA D 143 35.94 0.14 -0.63
C ALA D 143 37.13 -0.82 -0.59
N SER D 144 37.24 -1.53 0.52
CA SER D 144 38.27 -2.55 0.74
C SER D 144 38.17 -3.64 -0.36
N MSE D 145 37.17 -4.50 -0.27
CA MSE D 145 37.03 -5.65 -1.16
C MSE D 145 37.14 -5.32 -2.64
O MSE D 145 37.74 -6.09 -3.41
CB MSE D 145 35.68 -6.25 -0.94
CG MSE D 145 35.47 -6.59 0.47
SE MSE D 145 33.68 -7.27 0.74
CE MSE D 145 33.72 -9.05 -0.27
N ILE D 146 36.51 -4.19 -3.01
CA ILE D 146 36.55 -3.59 -4.37
C ILE D 146 37.99 -3.26 -4.74
N ASP D 147 38.69 -2.46 -3.92
CA ASP D 147 40.16 -2.24 -4.15
C ASP D 147 41.06 -3.52 -4.22
N TYR D 148 40.84 -4.45 -3.30
CA TYR D 148 41.46 -5.73 -3.35
C TYR D 148 41.29 -6.28 -4.76
N ILE D 149 40.07 -6.19 -5.30
CA ILE D 149 39.77 -6.62 -6.67
C ILE D 149 40.44 -5.72 -7.70
N ASN D 150 40.45 -4.42 -7.44
CA ASN D 150 41.18 -3.48 -8.27
C ASN D 150 42.63 -3.90 -8.52
N GLN D 151 43.32 -4.30 -7.45
CA GLN D 151 44.70 -4.81 -7.55
C GLN D 151 44.82 -6.25 -8.10
N THR D 152 44.12 -7.19 -7.45
CA THR D 152 44.21 -8.62 -7.82
C THR D 152 43.79 -8.98 -9.28
N LYS D 153 42.70 -8.38 -9.78
CA LYS D 153 42.05 -8.86 -11.02
C LYS D 153 42.03 -7.87 -12.17
N SER D 154 42.06 -8.42 -13.37
CA SER D 154 42.12 -7.66 -14.60
C SER D 154 40.72 -7.29 -15.00
N TYR D 155 40.14 -6.32 -14.31
CA TYR D 155 38.69 -6.12 -14.38
C TYR D 155 38.25 -4.67 -14.70
N HIS D 156 36.96 -4.55 -14.99
CA HIS D 156 36.33 -3.25 -15.24
C HIS D 156 35.24 -3.05 -14.20
N ILE D 157 35.61 -2.41 -13.09
CA ILE D 157 34.66 -2.18 -12.00
C ILE D 157 34.05 -0.82 -12.14
N ILE D 158 32.76 -0.79 -11.78
CA ILE D 158 31.84 0.32 -12.02
C ILE D 158 31.01 0.51 -10.75
N THR D 159 30.98 1.73 -10.25
CA THR D 159 30.24 2.00 -9.04
C THR D 159 29.34 3.18 -9.24
N ILE D 160 28.16 3.09 -8.66
CA ILE D 160 27.19 4.13 -8.77
C ILE D 160 26.93 4.54 -7.36
N GLU D 161 27.62 5.55 -6.91
CA GLU D 161 27.56 5.85 -5.50
C GLU D 161 26.80 7.14 -5.23
N ASP D 162 26.44 7.33 -3.95
CA ASP D 162 25.89 8.61 -3.45
C ASP D 162 26.28 8.94 -2.01
N PRO D 163 27.30 9.81 -1.81
CA PRO D 163 28.18 10.30 -2.86
C PRO D 163 29.41 9.38 -2.97
N ILE D 164 30.36 9.68 -3.85
CA ILE D 164 31.56 8.85 -3.96
C ILE D 164 32.31 8.99 -2.67
N GLU D 165 32.41 7.90 -1.92
CA GLU D 165 33.01 7.98 -0.59
C GLU D 165 34.54 7.91 -0.66
N TYR D 166 35.00 6.87 -1.34
CA TYR D 166 36.42 6.64 -1.60
C TYR D 166 36.72 6.76 -3.11
N VAL D 167 37.81 7.46 -3.50
CA VAL D 167 38.27 7.44 -4.90
C VAL D 167 39.08 6.19 -5.13
N PHE D 168 38.74 5.41 -6.13
CA PHE D 168 39.56 4.28 -6.42
C PHE D 168 40.76 4.71 -7.28
N LYS D 169 41.90 4.06 -7.08
CA LYS D 169 43.13 4.32 -7.86
C LYS D 169 43.42 3.30 -8.99
N HIS D 170 44.51 3.48 -9.73
CA HIS D 170 44.66 2.69 -10.97
C HIS D 170 45.65 1.50 -11.01
N LYS D 171 45.10 0.28 -10.96
CA LYS D 171 45.87 -0.97 -10.96
C LYS D 171 45.43 -1.88 -12.09
N LYS D 172 45.22 -3.15 -11.75
CA LYS D 172 44.95 -4.24 -12.71
C LYS D 172 43.61 -4.05 -13.37
N SER D 173 42.66 -3.59 -12.58
CA SER D 173 41.32 -3.26 -13.03
C SER D 173 41.14 -1.76 -13.25
N ILE D 174 40.16 -1.44 -14.11
CA ILE D 174 39.85 -0.06 -14.52
C ILE D 174 38.49 0.44 -13.98
N VAL D 175 38.54 1.55 -13.25
CA VAL D 175 37.45 1.89 -12.31
C VAL D 175 36.72 3.19 -12.60
N ASN D 176 35.48 3.02 -13.07
CA ASN D 176 34.55 4.10 -13.26
C ASN D 176 33.69 4.24 -12.02
N GLN D 177 33.64 5.45 -11.47
CA GLN D 177 32.70 5.78 -10.40
C GLN D 177 31.81 6.92 -10.82
N ARG D 178 30.52 6.70 -10.64
CA ARG D 178 29.50 7.63 -11.10
C ARG D 178 28.73 8.16 -9.89
N GLU D 179 28.99 9.42 -9.55
CA GLU D 179 28.32 10.07 -8.45
C GLU D 179 26.93 10.45 -8.90
N VAL D 180 25.92 10.17 -8.08
CA VAL D 180 24.53 10.55 -8.43
C VAL D 180 24.22 12.03 -8.10
N GLY D 181 23.49 12.69 -9.00
CA GLY D 181 23.32 14.13 -8.94
C GLY D 181 24.30 14.67 -9.96
N GLU D 182 25.58 14.37 -9.75
CA GLU D 182 26.67 14.89 -10.57
C GLU D 182 26.72 14.35 -12.01
N ASP D 183 26.69 13.02 -12.12
CA ASP D 183 27.06 12.31 -13.35
C ASP D 183 25.94 11.38 -13.91
N THR D 184 24.87 11.21 -13.13
CA THR D 184 23.64 10.61 -13.64
C THR D 184 22.48 11.27 -12.94
N LYS D 185 21.30 11.05 -13.52
CA LYS D 185 20.05 11.66 -13.04
C LYS D 185 19.46 10.87 -11.89
N SER D 186 19.81 9.59 -11.83
CA SER D 186 19.16 8.71 -10.89
C SER D 186 19.92 7.44 -10.86
N PHE D 187 19.87 6.75 -9.71
CA PHE D 187 20.30 5.33 -9.58
C PHE D 187 19.68 4.42 -10.66
N ALA D 188 18.50 4.84 -11.13
CA ALA D 188 17.74 4.13 -12.13
C ALA D 188 18.54 3.92 -13.38
N ASP D 189 18.52 4.93 -14.25
CA ASP D 189 19.22 4.89 -15.53
C ASP D 189 20.74 4.75 -15.43
N ALA D 190 21.31 5.11 -14.26
CA ALA D 190 22.76 5.03 -14.05
C ALA D 190 23.14 3.60 -14.05
N LEU D 191 22.40 2.80 -13.28
CA LEU D 191 22.58 1.36 -13.27
C LEU D 191 22.29 0.81 -14.64
N ARG D 192 21.06 1.00 -15.07
CA ARG D 192 20.56 0.44 -16.30
C ARG D 192 21.56 0.57 -17.47
N ALA D 193 22.38 1.64 -17.45
CA ALA D 193 23.37 1.93 -18.49
C ALA D 193 24.61 1.16 -18.15
N ALA D 194 24.97 1.18 -16.87
CA ALA D 194 26.05 0.36 -16.40
C ALA D 194 25.94 -1.04 -17.00
N LEU D 195 24.72 -1.54 -17.10
CA LEU D 195 24.46 -2.89 -17.64
C LEU D 195 24.80 -3.10 -19.11
N ARG D 196 25.16 -2.01 -19.77
CA ARG D 196 25.49 -2.00 -21.19
C ARG D 196 26.93 -1.57 -21.39
N GLU D 197 27.42 -0.82 -20.42
CA GLU D 197 28.79 -0.33 -20.44
C GLU D 197 29.84 -1.43 -20.21
N ASP D 198 29.41 -2.69 -20.38
CA ASP D 198 30.27 -3.90 -20.25
C ASP D 198 31.09 -3.91 -18.93
N PRO D 199 30.44 -4.32 -17.85
CA PRO D 199 31.08 -4.28 -16.54
C PRO D 199 31.51 -5.66 -16.04
N ASP D 200 32.35 -5.67 -15.00
CA ASP D 200 32.79 -6.90 -14.37
C ASP D 200 32.19 -7.02 -12.96
N VAL D 201 32.29 -5.92 -12.24
CA VAL D 201 31.74 -5.79 -10.93
C VAL D 201 30.99 -4.47 -10.86
N ILE D 202 29.71 -4.53 -10.46
CA ILE D 202 28.84 -3.38 -10.34
C ILE D 202 28.50 -3.13 -8.92
N PHE D 203 28.62 -1.88 -8.51
CA PHE D 203 28.26 -1.50 -7.16
C PHE D 203 27.01 -0.58 -7.12
N VAL D 204 25.85 -1.20 -6.94
CA VAL D 204 24.61 -0.46 -6.80
C VAL D 204 24.67 0.20 -5.43
N GLY D 205 24.72 1.52 -5.40
CA GLY D 205 25.06 2.28 -4.17
C GLY D 205 24.23 2.04 -2.93
N GLU D 206 22.91 1.92 -3.15
CA GLU D 206 21.92 1.61 -2.13
C GLU D 206 20.70 0.96 -2.83
N MSE D 207 20.00 0.07 -2.13
CA MSE D 207 18.87 -0.63 -2.72
C MSE D 207 17.52 -0.36 -2.04
O MSE D 207 16.81 -1.27 -1.55
CB MSE D 207 19.20 -2.11 -2.81
CG MSE D 207 20.23 -2.35 -3.91
SE MSE D 207 20.70 -4.22 -4.26
CE MSE D 207 19.22 -5.15 -3.02
N ARG D 208 17.18 0.93 -2.08
CA ARG D 208 15.98 1.53 -1.50
C ARG D 208 14.73 1.18 -2.33
N ASP D 209 14.94 0.95 -3.62
CA ASP D 209 13.90 1.09 -4.63
C ASP D 209 13.68 -0.18 -5.43
N LEU D 210 12.42 -0.59 -5.52
CA LEU D 210 11.97 -1.80 -6.23
C LEU D 210 12.64 -2.05 -7.59
N GLU D 211 12.82 -0.99 -8.37
CA GLU D 211 13.34 -1.11 -9.73
C GLU D 211 14.85 -1.30 -9.73
N THR D 212 15.53 -0.53 -8.89
CA THR D 212 16.92 -0.76 -8.60
C THR D 212 17.14 -2.24 -8.30
N VAL D 213 16.54 -2.74 -7.23
CA VAL D 213 16.70 -4.12 -6.80
C VAL D 213 16.54 -5.07 -7.96
N GLU D 214 15.49 -4.85 -8.73
CA GLU D 214 15.16 -5.70 -9.83
C GLU D 214 16.38 -5.99 -10.69
N THR D 215 16.97 -4.94 -11.26
CA THR D 215 18.05 -5.10 -12.20
C THR D 215 19.27 -5.55 -11.47
N ALA D 216 19.49 -4.96 -10.29
CA ALA D 216 20.60 -5.38 -9.45
C ALA D 216 20.62 -6.90 -9.35
N LEU D 217 19.46 -7.53 -9.38
CA LEU D 217 19.42 -8.97 -9.37
C LEU D 217 19.72 -9.46 -10.75
N ARG D 218 18.93 -8.97 -11.67
CA ARG D 218 19.05 -9.32 -13.06
C ARG D 218 20.52 -9.21 -13.61
N ALA D 219 21.33 -8.38 -12.97
CA ALA D 219 22.72 -8.20 -13.33
C ALA D 219 23.58 -9.21 -12.62
N ALA D 220 23.18 -9.64 -11.43
CA ALA D 220 23.96 -10.60 -10.67
C ALA D 220 23.76 -11.95 -11.26
N GLU D 221 22.54 -12.19 -11.72
CA GLU D 221 22.17 -13.51 -12.20
C GLU D 221 22.68 -13.76 -13.60
N THR D 222 23.36 -12.75 -14.14
CA THR D 222 23.73 -12.74 -15.55
C THR D 222 25.25 -12.55 -15.88
N GLY D 223 26.11 -12.90 -14.93
CA GLY D 223 27.53 -12.91 -15.19
C GLY D 223 28.34 -11.84 -14.49
N HIS D 224 27.73 -11.12 -13.56
CA HIS D 224 28.40 -9.99 -12.90
C HIS D 224 28.43 -10.13 -11.35
N LEU D 225 29.41 -9.50 -10.73
CA LEU D 225 29.35 -9.35 -9.32
C LEU D 225 28.60 -8.09 -8.97
N VAL D 226 27.51 -8.26 -8.23
CA VAL D 226 26.71 -7.13 -7.81
C VAL D 226 26.83 -6.93 -6.31
N PHE D 227 27.59 -5.91 -5.93
CA PHE D 227 27.69 -5.52 -4.54
C PHE D 227 26.56 -4.59 -4.26
N GLY D 228 25.74 -4.96 -3.28
CA GLY D 228 24.67 -4.08 -2.82
C GLY D 228 24.91 -3.67 -1.37
N THR D 229 24.20 -2.65 -0.90
CA THR D 229 24.21 -2.31 0.51
C THR D 229 22.84 -1.80 0.92
N LEU D 230 22.51 -1.96 2.19
CA LEU D 230 21.18 -1.63 2.66
C LEU D 230 21.23 -1.01 4.02
N HIS D 231 20.11 -1.03 4.73
CA HIS D 231 20.03 -0.56 6.12
C HIS D 231 19.48 -1.56 7.15
N THR D 232 19.31 -2.82 6.75
CA THR D 232 18.84 -3.86 7.68
C THR D 232 19.94 -4.28 8.64
N ASN D 233 19.55 -5.00 9.70
CA ASN D 233 20.42 -5.23 10.83
C ASN D 233 20.98 -6.62 10.97
N THR D 234 20.19 -7.62 10.63
CA THR D 234 20.66 -9.01 10.58
C THR D 234 20.52 -9.58 9.18
N ALA D 235 21.10 -10.76 8.97
CA ALA D 235 21.03 -11.45 7.70
C ALA D 235 19.59 -11.72 7.30
N ILE D 236 18.87 -12.48 8.13
CA ILE D 236 17.49 -12.88 7.82
C ILE D 236 16.54 -11.69 7.71
N ASP D 237 16.94 -10.55 8.26
CA ASP D 237 16.20 -9.33 8.07
C ASP D 237 16.38 -8.89 6.66
N THR D 238 17.62 -8.86 6.19
CA THR D 238 17.97 -8.41 4.84
C THR D 238 17.14 -9.16 3.83
N ILE D 239 17.28 -10.48 3.83
CA ILE D 239 16.63 -11.32 2.84
C ILE D 239 15.11 -11.41 2.99
N HIS D 240 14.56 -10.91 4.10
CA HIS D 240 13.13 -10.69 4.18
C HIS D 240 12.87 -9.41 3.44
N ARG D 241 13.56 -8.37 3.89
CA ARG D 241 13.29 -6.99 3.52
C ARG D 241 13.51 -6.64 2.04
N ILE D 242 14.30 -7.42 1.31
CA ILE D 242 14.36 -7.16 -0.13
C ILE D 242 13.19 -7.87 -0.84
N VAL D 243 12.77 -9.01 -0.30
CA VAL D 243 11.66 -9.75 -0.89
C VAL D 243 10.36 -9.02 -0.57
N ASP D 244 10.37 -8.30 0.54
CA ASP D 244 9.21 -7.56 1.02
C ASP D 244 8.89 -6.30 0.25
N ILE D 245 9.77 -5.88 -0.66
CA ILE D 245 9.49 -4.71 -1.50
C ILE D 245 8.92 -5.10 -2.88
N PHE D 246 8.78 -6.40 -3.11
CA PHE D 246 8.12 -6.94 -4.31
C PHE D 246 6.60 -7.06 -4.08
N PRO D 247 5.78 -7.02 -5.17
CA PRO D 247 4.40 -7.51 -5.12
C PRO D 247 4.37 -9.01 -4.90
N LEU D 248 3.61 -9.48 -3.92
CA LEU D 248 3.66 -10.89 -3.49
C LEU D 248 3.06 -11.89 -4.49
N ASN D 249 2.46 -11.34 -5.54
CA ASN D 249 1.98 -12.10 -6.68
C ASN D 249 3.00 -13.15 -7.13
N GLN D 250 4.25 -12.73 -7.22
CA GLN D 250 5.35 -13.58 -7.64
C GLN D 250 6.40 -13.67 -6.54
N GLN D 251 6.13 -12.98 -5.42
CA GLN D 251 7.11 -12.81 -4.35
C GLN D 251 7.99 -14.03 -4.15
N GLU D 252 7.35 -15.20 -4.12
CA GLU D 252 8.04 -16.50 -4.03
C GLU D 252 9.24 -16.61 -4.95
N GLN D 253 9.07 -16.11 -6.17
CA GLN D 253 10.01 -16.33 -7.24
C GLN D 253 11.36 -15.69 -7.03
N VAL D 254 11.38 -14.66 -6.19
CA VAL D 254 12.61 -13.96 -5.87
C VAL D 254 13.40 -14.76 -4.81
N ARG D 255 12.69 -15.24 -3.81
CA ARG D 255 13.28 -16.09 -2.77
C ARG D 255 14.12 -17.21 -3.41
N ILE D 256 13.59 -17.81 -4.48
CA ILE D 256 14.28 -18.90 -5.17
C ILE D 256 15.54 -18.39 -5.86
N VAL D 257 15.38 -17.41 -6.75
CA VAL D 257 16.51 -16.76 -7.45
C VAL D 257 17.55 -16.29 -6.43
N LEU D 258 17.05 -15.83 -5.28
CA LEU D 258 17.92 -15.33 -4.24
C LEU D 258 18.73 -16.45 -3.63
N SER D 259 18.13 -17.63 -3.56
CA SER D 259 18.76 -18.87 -3.03
C SER D 259 19.55 -19.61 -4.10
N PHE D 260 20.18 -18.81 -4.94
CA PHE D 260 21.13 -19.26 -5.94
C PHE D 260 22.20 -18.17 -6.15
N ILE D 261 21.77 -16.92 -6.09
CA ILE D 261 22.63 -15.83 -6.50
C ILE D 261 23.05 -14.96 -5.33
N LEU D 262 22.48 -15.29 -4.18
CA LEU D 262 22.97 -14.77 -2.91
C LEU D 262 24.33 -15.37 -2.65
N GLN D 263 25.32 -14.53 -2.45
CA GLN D 263 26.64 -15.06 -2.30
C GLN D 263 27.28 -14.64 -1.00
N GLY D 264 26.73 -13.62 -0.35
CA GLY D 264 27.21 -13.24 0.97
C GLY D 264 26.48 -12.08 1.59
N ILE D 265 26.06 -12.25 2.85
CA ILE D 265 25.43 -11.19 3.60
C ILE D 265 26.26 -10.85 4.83
N ILE D 266 26.70 -9.61 4.91
CA ILE D 266 27.52 -9.14 6.02
C ILE D 266 26.92 -7.87 6.67
N SER D 267 26.14 -8.07 7.74
CA SER D 267 25.61 -6.95 8.53
C SER D 267 26.70 -6.38 9.44
N GLN D 268 26.74 -5.07 9.62
CA GLN D 268 27.83 -4.46 10.35
C GLN D 268 27.36 -3.48 11.39
N ARG D 269 28.20 -3.24 12.39
CA ARG D 269 28.04 -2.12 13.33
C ARG D 269 29.35 -1.71 13.95
N LEU D 270 29.55 -0.41 14.05
CA LEU D 270 30.79 0.12 14.58
C LEU D 270 30.57 0.44 16.02
N LEU D 271 31.55 0.09 16.87
CA LEU D 271 31.49 0.30 18.33
C LEU D 271 32.68 1.10 18.88
N PRO D 272 32.51 1.70 20.07
CA PRO D 272 33.60 2.27 20.88
C PRO D 272 34.51 1.21 21.55
N LYS D 273 35.78 1.20 21.12
CA LYS D 273 36.80 0.32 21.67
C LYS D 273 37.35 0.87 22.99
N ILE D 274 37.87 -0.05 23.80
CA ILE D 274 38.54 0.24 25.06
C ILE D 274 39.75 1.19 24.84
N GLY D 275 40.32 1.18 23.64
CA GLY D 275 41.47 2.02 23.27
C GLY D 275 41.16 3.36 22.59
N GLY D 276 41.26 3.38 21.25
CA GLY D 276 40.98 4.58 20.43
C GLY D 276 39.57 4.65 19.80
N GLY D 277 38.66 3.78 20.27
CA GLY D 277 37.25 3.81 19.89
C GLY D 277 36.83 3.12 18.59
N ARG D 278 37.76 2.38 17.96
CA ARG D 278 37.60 1.89 16.58
C ARG D 278 37.48 0.37 16.48
N VAL D 279 36.34 -0.22 16.78
CA VAL D 279 36.23 -1.66 16.56
C VAL D 279 34.87 -2.10 15.99
N LEU D 280 34.89 -3.03 15.02
CA LEU D 280 33.68 -3.39 14.26
C LEU D 280 33.15 -4.77 14.62
N ALA D 281 31.82 -4.91 14.63
CA ALA D 281 31.15 -6.20 14.87
C ALA D 281 30.27 -6.52 13.72
N TYR D 282 30.14 -7.82 13.44
CA TYR D 282 29.46 -8.26 12.23
C TYR D 282 28.78 -9.59 12.37
N GLU D 283 27.81 -9.83 11.50
CA GLU D 283 27.18 -11.13 11.40
C GLU D 283 27.45 -11.59 10.00
N LEU D 284 27.74 -12.88 9.86
CA LEU D 284 28.27 -13.35 8.59
C LEU D 284 27.62 -14.62 8.02
N LEU D 285 27.06 -14.51 6.83
CA LEU D 285 26.41 -15.62 6.17
C LEU D 285 26.86 -15.78 4.71
N ILE D 286 27.66 -16.80 4.45
CA ILE D 286 27.99 -17.22 3.09
C ILE D 286 27.33 -18.57 2.78
N PRO D 287 26.27 -18.56 1.95
CA PRO D 287 25.49 -19.76 1.63
C PRO D 287 26.31 -20.91 1.05
N ASN D 288 26.22 -22.04 1.74
CA ASN D 288 26.72 -23.34 1.22
C ASN D 288 25.58 -24.23 0.70
N THR D 289 25.95 -25.27 -0.06
CA THR D 289 25.01 -26.18 -0.78
C THR D 289 23.74 -26.52 0.06
N ALA D 290 23.91 -26.55 1.40
CA ALA D 290 22.82 -26.80 2.33
C ALA D 290 21.91 -25.59 2.49
N ILE D 291 22.49 -24.45 2.88
CA ILE D 291 21.74 -23.24 3.19
C ILE D 291 20.85 -22.76 2.04
N ARG D 292 21.29 -22.99 0.82
CA ARG D 292 20.52 -22.68 -0.42
C ARG D 292 19.08 -23.20 -0.37
N ASN D 293 18.94 -24.49 -0.10
CA ASN D 293 17.63 -25.19 -0.06
C ASN D 293 16.66 -24.68 0.98
N LEU D 294 17.21 -24.21 2.09
CA LEU D 294 16.40 -23.69 3.17
C LEU D 294 15.64 -22.43 2.70
N ILE D 295 16.38 -21.51 2.11
CA ILE D 295 15.81 -20.25 1.67
C ILE D 295 14.81 -20.47 0.54
N ARG D 296 15.10 -21.48 -0.27
CA ARG D 296 14.21 -21.89 -1.37
C ARG D 296 12.84 -22.19 -0.83
N GLU D 297 12.79 -22.95 0.24
CA GLU D 297 11.53 -23.42 0.78
C GLU D 297 11.06 -22.50 1.90
N ASN D 298 11.43 -21.21 1.80
CA ASN D 298 10.98 -20.17 2.74
C ASN D 298 11.51 -20.30 4.20
N LYS D 299 12.05 -21.46 4.53
CA LYS D 299 12.40 -21.82 5.90
C LYS D 299 13.60 -21.00 6.40
N LEU D 300 13.29 -19.89 7.07
CA LEU D 300 14.30 -18.89 7.41
C LEU D 300 15.00 -19.02 8.77
N GLN D 301 14.26 -18.89 9.87
CA GLN D 301 14.84 -19.05 11.24
C GLN D 301 15.38 -20.46 11.50
N GLN D 302 15.16 -21.33 10.52
CA GLN D 302 15.87 -22.61 10.38
C GLN D 302 17.31 -22.40 9.90
N VAL D 303 17.56 -21.26 9.27
CA VAL D 303 18.91 -20.84 8.96
C VAL D 303 19.56 -20.20 10.18
N TYR D 304 18.77 -19.51 10.99
CA TYR D 304 19.25 -18.92 12.24
C TYR D 304 19.75 -20.02 13.16
N SER D 305 19.00 -21.12 13.25
CA SER D 305 19.43 -22.32 13.95
C SER D 305 20.83 -22.77 13.49
N LEU D 306 21.00 -22.76 12.16
CA LEU D 306 22.23 -23.23 11.45
C LEU D 306 23.41 -22.24 11.43
N MSE D 307 23.32 -21.14 12.17
CA MSE D 307 24.42 -20.19 12.24
C MSE D 307 25.20 -20.35 13.53
O MSE D 307 24.75 -19.97 14.62
CB MSE D 307 23.94 -18.75 12.00
CG MSE D 307 23.98 -18.37 10.52
SE MSE D 307 22.62 -17.07 9.86
CE MSE D 307 23.64 -15.31 10.00
N GLN D 308 26.37 -20.98 13.38
CA GLN D 308 27.32 -21.25 14.47
C GLN D 308 28.72 -21.70 13.96
N MSE D 316 27.24 -19.33 8.83
CA MSE D 316 28.62 -19.13 9.31
C MSE D 316 28.81 -18.68 10.80
O MSE D 316 29.57 -19.34 11.53
CB MSE D 316 29.43 -18.25 8.34
CG MSE D 316 30.47 -18.97 7.45
SE MSE D 316 32.26 -19.62 8.16
CE MSE D 316 32.54 -18.54 9.87
N GLN D 317 28.13 -17.60 11.23
CA GLN D 317 28.38 -16.93 12.56
C GLN D 317 27.38 -15.79 12.92
N THR D 318 26.67 -15.93 14.03
CA THR D 318 25.66 -14.92 14.46
C THR D 318 26.25 -13.59 14.90
N MSE D 319 25.39 -12.60 15.13
CA MSE D 319 25.85 -11.27 15.57
C MSE D 319 26.32 -11.34 17.01
O MSE D 319 27.47 -11.05 17.33
CB MSE D 319 24.73 -10.23 15.44
CG MSE D 319 25.10 -8.92 14.66
SE MSE D 319 26.60 -7.73 15.19
CE MSE D 319 26.20 -6.18 14.12
N ASN D 320 25.41 -11.73 17.90
CA ASN D 320 25.72 -11.93 19.32
C ASN D 320 27.03 -12.69 19.49
N GLN D 321 27.17 -13.75 18.71
CA GLN D 321 28.35 -14.59 18.72
C GLN D 321 29.61 -13.75 18.49
N THR D 322 29.55 -12.75 17.62
CA THR D 322 30.72 -11.91 17.37
C THR D 322 30.77 -10.72 18.33
N LEU D 323 30.01 -10.82 19.41
CA LEU D 323 30.13 -9.89 20.53
C LEU D 323 30.74 -10.59 21.72
N TYR D 324 30.39 -11.86 21.91
CA TYR D 324 30.98 -12.68 22.96
C TYR D 324 32.46 -12.83 22.68
N LYS D 325 32.79 -13.22 21.44
CA LYS D 325 34.19 -13.39 20.99
C LYS D 325 34.96 -12.06 21.01
N LEU D 326 34.20 -10.96 21.17
CA LEU D 326 34.77 -9.60 21.23
C LEU D 326 34.94 -9.02 22.65
N TYR D 327 33.95 -9.24 23.50
CA TYR D 327 33.99 -8.77 24.88
C TYR D 327 34.92 -9.61 25.78
N LYS D 328 34.87 -10.94 25.60
CA LYS D 328 35.75 -11.89 26.33
C LYS D 328 37.25 -11.65 26.09
N GLN D 329 37.59 -10.88 25.05
CA GLN D 329 38.97 -10.50 24.77
C GLN D 329 39.27 -9.10 25.32
N GLY D 330 38.23 -8.47 25.84
CA GLY D 330 38.34 -7.19 26.50
C GLY D 330 38.60 -6.04 25.55
N LEU D 331 37.68 -5.84 24.61
CA LEU D 331 37.71 -4.69 23.69
C LEU D 331 36.41 -3.85 23.74
N ILE D 332 35.29 -4.48 24.07
CA ILE D 332 34.00 -3.81 24.18
C ILE D 332 33.35 -4.09 25.52
N THR D 333 32.64 -3.10 26.07
CA THR D 333 31.96 -3.23 27.39
C THR D 333 30.74 -4.16 27.41
N LEU D 334 30.51 -4.81 28.55
CA LEU D 334 29.34 -5.70 28.82
C LEU D 334 28.02 -4.95 28.62
N GLU D 335 28.12 -3.64 28.42
CA GLU D 335 26.96 -2.76 28.29
C GLU D 335 26.79 -2.02 26.96
N ASP D 336 27.88 -1.88 26.20
CA ASP D 336 27.76 -1.33 24.86
C ASP D 336 27.22 -2.38 23.89
N ALA D 337 27.56 -3.63 24.15
CA ALA D 337 27.18 -4.73 23.26
C ALA D 337 25.83 -5.39 23.61
N MSE D 338 25.31 -5.15 24.81
CA MSE D 338 23.95 -5.60 25.10
C MSE D 338 23.01 -4.49 24.67
O MSE D 338 21.93 -4.33 25.21
CB MSE D 338 23.78 -5.93 26.58
CG MSE D 338 24.02 -7.39 26.94
SE MSE D 338 22.56 -8.63 26.45
CE MSE D 338 23.41 -9.49 24.69
N GLU D 339 23.46 -3.73 23.66
CA GLU D 339 22.86 -2.49 23.24
C GLU D 339 22.67 -2.50 21.72
N ALA D 340 23.72 -2.95 21.04
CA ALA D 340 23.72 -3.09 19.60
C ALA D 340 23.16 -4.44 19.17
N SER D 341 23.17 -5.38 20.10
CA SER D 341 22.74 -6.74 19.86
C SER D 341 21.25 -6.83 19.69
N PRO D 342 20.81 -7.33 18.53
CA PRO D 342 19.44 -7.77 18.28
C PRO D 342 18.80 -8.53 19.45
N ASP D 343 19.35 -9.66 19.87
CA ASP D 343 18.70 -10.41 20.95
C ASP D 343 19.50 -10.48 22.29
N PRO D 344 18.98 -9.83 23.35
CA PRO D 344 19.56 -9.94 24.69
C PRO D 344 19.72 -11.38 25.20
N LYS D 345 18.75 -12.22 24.87
CA LYS D 345 18.69 -13.62 25.32
C LYS D 345 19.94 -14.51 25.00
N GLU D 346 20.44 -14.41 23.77
CA GLU D 346 21.41 -15.39 23.22
C GLU D 346 22.84 -15.21 23.75
N LEU D 347 22.98 -14.29 24.70
CA LEU D 347 24.26 -14.07 25.37
C LEU D 347 24.05 -13.95 26.87
N GLU D 348 25.02 -13.34 27.57
CA GLU D 348 25.06 -13.25 29.04
C GLU D 348 25.08 -14.66 29.74
N ARG D 349 24.38 -15.62 29.11
CA ARG D 349 24.52 -17.07 29.39
C ARG D 349 26.00 -17.42 29.12
N MSE D 350 26.58 -16.63 28.21
CA MSE D 350 27.97 -16.68 27.85
C MSE D 350 28.64 -15.38 28.32
O MSE D 350 29.57 -15.40 29.13
CB MSE D 350 28.10 -16.88 26.32
CG MSE D 350 27.26 -18.06 25.73
SE MSE D 350 27.97 -19.95 26.06
CE MSE D 350 26.49 -20.84 27.03
N GLU E 1 48.61 10.59 -32.63
CA GLU E 1 48.62 9.95 -31.28
C GLU E 1 47.24 9.43 -30.82
N LEU E 2 46.35 10.33 -30.39
CA LEU E 2 45.04 10.01 -29.77
C LEU E 2 43.86 10.23 -30.69
N LYS E 3 43.74 9.33 -31.65
CA LYS E 3 42.67 9.37 -32.63
C LYS E 3 41.87 8.11 -32.47
N ILE E 4 40.57 8.27 -32.27
CA ILE E 4 39.72 7.12 -31.98
C ILE E 4 39.91 6.04 -33.01
N LEU E 5 39.83 6.47 -34.26
CA LEU E 5 40.00 5.61 -35.41
C LEU E 5 41.19 4.64 -35.25
N GLU E 6 42.21 5.09 -34.56
CA GLU E 6 43.46 4.36 -34.47
C GLU E 6 43.51 3.50 -33.20
N ILE E 7 42.60 3.77 -32.30
CA ILE E 7 42.55 3.00 -31.09
C ILE E 7 41.72 1.78 -31.43
N ILE E 8 40.80 1.93 -32.37
CA ILE E 8 40.07 0.77 -32.88
C ILE E 8 41.00 -0.12 -33.69
N LYS E 9 41.98 0.51 -34.33
CA LYS E 9 42.93 -0.20 -35.17
C LYS E 9 43.65 -1.26 -34.36
N GLU E 10 44.27 -0.82 -33.27
CA GLU E 10 44.98 -1.70 -32.38
C GLU E 10 44.02 -2.54 -31.56
N ALA E 11 42.73 -2.27 -31.66
CA ALA E 11 41.79 -3.08 -30.89
C ALA E 11 41.44 -4.40 -31.58
N ILE E 12 41.21 -4.38 -32.89
CA ILE E 12 40.91 -5.64 -33.62
C ILE E 12 42.16 -6.36 -34.10
N GLU E 13 43.27 -5.60 -34.20
CA GLU E 13 44.65 -6.16 -34.32
C GLU E 13 45.01 -7.13 -33.14
N LEU E 14 44.83 -6.67 -31.89
CA LEU E 14 45.12 -7.48 -30.71
C LEU E 14 44.09 -8.58 -30.58
N GLY E 15 43.04 -8.52 -31.42
CA GLY E 15 41.92 -9.46 -31.36
C GLY E 15 40.97 -9.16 -30.20
N ALA E 16 40.33 -8.00 -30.27
CA ALA E 16 39.54 -7.50 -29.14
C ALA E 16 38.01 -7.76 -29.23
N SER E 17 37.40 -7.96 -28.03
CA SER E 17 35.92 -7.92 -27.78
C SER E 17 35.41 -6.50 -27.44
N ASP E 18 36.23 -5.73 -26.72
CA ASP E 18 35.84 -4.41 -26.23
C ASP E 18 36.95 -3.41 -26.18
N ILE E 19 36.60 -2.13 -26.38
CA ILE E 19 37.50 -1.05 -25.95
C ILE E 19 36.82 -0.30 -24.81
N HIS E 20 37.64 0.25 -23.92
CA HIS E 20 37.16 0.97 -22.75
C HIS E 20 38.02 2.17 -22.58
N LEU E 21 37.38 3.33 -22.49
CA LEU E 21 38.10 4.55 -22.13
C LEU E 21 37.71 4.99 -20.72
N THR E 22 38.65 5.70 -20.08
CA THR E 22 38.44 6.40 -18.81
C THR E 22 39.46 7.52 -18.68
N ALA E 23 39.19 8.42 -17.74
CA ALA E 23 40.04 9.56 -17.52
C ALA E 23 41.43 9.23 -16.96
N GLY E 24 41.45 8.54 -15.81
CA GLY E 24 42.70 8.38 -14.99
C GLY E 24 43.78 7.41 -15.48
N ALA E 25 43.49 6.71 -16.57
CA ALA E 25 44.42 5.73 -17.15
C ALA E 25 44.62 5.90 -18.70
N PRO E 26 45.39 4.98 -19.33
CA PRO E 26 45.35 4.89 -20.78
C PRO E 26 44.26 3.94 -21.27
N PRO E 27 43.74 4.15 -22.51
CA PRO E 27 42.77 3.33 -23.21
C PRO E 27 43.02 1.89 -23.03
N ALA E 28 41.93 1.18 -22.77
CA ALA E 28 41.95 -0.23 -22.37
C ALA E 28 41.23 -1.09 -23.37
N VAL E 29 41.61 -2.34 -23.43
CA VAL E 29 40.94 -3.32 -24.25
C VAL E 29 40.74 -4.66 -23.48
N ARG E 30 39.57 -5.25 -23.63
CA ARG E 30 39.37 -6.57 -23.09
C ARG E 30 39.80 -7.57 -24.13
N ILE E 31 40.66 -8.48 -23.73
CA ILE E 31 40.95 -9.61 -24.57
C ILE E 31 40.70 -10.87 -23.74
N ASP E 32 39.73 -11.66 -24.18
CA ASP E 32 39.45 -12.93 -23.55
C ASP E 32 38.53 -12.79 -22.37
N GLY E 33 38.47 -11.58 -21.80
CA GLY E 33 37.77 -11.36 -20.54
C GLY E 33 38.70 -10.90 -19.43
N TYR E 34 39.95 -10.59 -19.81
CA TYR E 34 40.87 -9.84 -18.97
C TYR E 34 41.23 -8.50 -19.67
N ILE E 35 41.49 -7.46 -18.89
CA ILE E 35 41.63 -6.17 -19.51
C ILE E 35 43.09 -5.77 -19.44
N LYS E 36 43.63 -5.32 -20.58
CA LYS E 36 45.01 -4.78 -20.65
C LYS E 36 45.05 -3.38 -21.28
N PHE E 37 45.83 -2.48 -20.68
CA PHE E 37 46.03 -1.18 -21.27
C PHE E 37 47.14 -1.27 -22.33
N LEU E 38 46.79 -0.97 -23.57
CA LEU E 38 47.80 -0.74 -24.61
C LEU E 38 48.39 0.71 -24.53
N LYS E 39 49.09 0.99 -23.44
CA LYS E 39 49.86 2.23 -23.22
C LYS E 39 50.74 2.51 -24.44
N ASP E 40 50.79 1.50 -25.31
CA ASP E 40 51.61 1.43 -26.54
C ASP E 40 51.90 2.79 -27.15
N PHE E 41 50.84 3.53 -27.46
CA PHE E 41 50.98 4.92 -27.86
C PHE E 41 50.02 5.83 -27.07
N PRO E 42 48.69 5.57 -27.18
CA PRO E 42 47.80 6.41 -26.39
C PRO E 42 48.34 6.57 -24.95
N ARG E 43 48.43 7.82 -24.51
CA ARG E 43 48.88 8.08 -23.16
C ARG E 43 47.75 8.02 -22.11
N LEU E 44 48.11 8.00 -20.81
CA LEU E 44 47.15 8.13 -19.69
C LEU E 44 46.19 9.23 -20.15
N THR E 45 45.05 8.82 -20.69
CA THR E 45 44.19 9.74 -21.45
C THR E 45 43.78 10.95 -20.57
N PRO E 46 43.79 12.19 -21.12
CA PRO E 46 43.50 13.36 -20.25
C PRO E 46 42.04 13.41 -19.77
N GLU E 47 41.59 14.56 -19.32
CA GLU E 47 40.16 14.79 -19.14
C GLU E 47 39.48 14.80 -20.53
N ASP E 48 40.29 14.83 -21.58
CA ASP E 48 39.79 15.01 -22.95
C ASP E 48 39.65 13.72 -23.75
N THR E 49 39.10 12.72 -23.04
CA THR E 49 38.35 11.60 -23.65
C THR E 49 37.08 12.23 -24.19
N GLN E 50 36.84 13.44 -23.69
CA GLN E 50 35.82 14.38 -24.15
C GLN E 50 35.89 14.48 -25.67
N LYS E 51 37.05 14.94 -26.15
CA LYS E 51 37.33 15.07 -27.57
C LYS E 51 37.18 13.78 -28.43
N LEU E 52 37.65 12.65 -27.89
CA LEU E 52 37.59 11.31 -28.54
C LEU E 52 36.18 10.81 -28.81
N ALA E 53 35.32 10.88 -27.81
CA ALA E 53 33.96 10.39 -27.93
C ALA E 53 33.17 11.37 -28.75
N TYR E 54 33.35 12.65 -28.43
CA TYR E 54 32.67 13.71 -29.12
C TYR E 54 32.78 13.58 -30.62
N SER E 55 33.87 12.97 -31.04
CA SER E 55 34.14 12.75 -32.45
C SER E 55 33.35 11.60 -33.09
N VAL E 56 32.69 10.78 -32.28
CA VAL E 56 31.92 9.65 -32.83
C VAL E 56 30.45 9.97 -32.84
N MSE E 57 30.03 10.70 -31.80
CA MSE E 57 28.61 10.97 -31.60
C MSE E 57 28.07 12.11 -32.46
O MSE E 57 28.67 13.21 -32.54
CB MSE E 57 28.33 11.35 -30.16
CG MSE E 57 29.03 10.54 -29.13
SE MSE E 57 28.98 11.63 -27.48
CE MSE E 57 27.19 11.58 -27.01
N SER E 58 26.90 11.82 -33.04
CA SER E 58 26.10 12.82 -33.75
C SER E 58 25.80 14.00 -32.79
N GLU E 59 25.34 15.12 -33.37
CA GLU E 59 24.75 16.24 -32.60
C GLU E 59 23.62 15.79 -31.64
N LYS E 60 22.80 14.86 -32.16
CA LYS E 60 21.68 14.24 -31.46
C LYS E 60 22.07 13.51 -30.16
N HIS E 61 23.32 13.08 -30.08
CA HIS E 61 23.76 12.31 -28.94
C HIS E 61 24.44 13.19 -27.94
N ARG E 62 25.21 14.17 -28.43
CA ARG E 62 26.00 15.10 -27.57
C ARG E 62 25.10 16.17 -26.91
N GLN E 63 23.88 16.28 -27.43
CA GLN E 63 22.82 16.94 -26.72
C GLN E 63 22.36 16.01 -25.59
N LYS E 64 21.97 14.76 -25.95
CA LYS E 64 21.40 13.75 -25.02
C LYS E 64 22.31 13.27 -23.89
N LEU E 65 23.60 13.47 -24.05
CA LEU E 65 24.54 13.20 -23.01
C LEU E 65 24.49 14.28 -21.93
N GLU E 66 23.84 15.41 -22.22
CA GLU E 66 23.72 16.51 -21.25
C GLU E 66 22.44 16.44 -20.43
N GLU E 67 21.35 16.08 -21.12
CA GLU E 67 20.00 15.83 -20.52
C GLU E 67 20.06 14.71 -19.49
N ASN E 68 20.49 13.51 -19.92
CA ASN E 68 20.81 12.45 -18.99
C ASN E 68 22.36 12.41 -18.76
N GLY E 69 22.85 11.38 -18.05
CA GLY E 69 24.28 11.15 -17.90
C GLY E 69 24.91 10.11 -18.84
N GLN E 70 24.14 9.63 -19.83
CA GLN E 70 24.60 8.59 -20.77
C GLN E 70 23.80 8.47 -22.06
N VAL E 71 24.37 7.83 -23.07
CA VAL E 71 23.68 7.60 -24.34
C VAL E 71 24.07 6.22 -24.85
N ASP E 72 23.21 5.62 -25.68
CA ASP E 72 23.41 4.26 -26.19
C ASP E 72 23.14 4.20 -27.68
N PHE E 73 24.19 4.08 -28.47
CA PHE E 73 24.05 4.21 -29.90
C PHE E 73 25.01 3.32 -30.68
N SER E 74 25.03 3.53 -31.99
CA SER E 74 25.81 2.72 -32.89
C SER E 74 26.28 3.47 -34.18
N PHE E 75 27.59 3.38 -34.39
CA PHE E 75 28.29 4.03 -35.49
C PHE E 75 29.17 2.99 -36.20
N GLY E 76 29.53 3.31 -37.44
CA GLY E 76 30.34 2.42 -38.24
C GLY E 76 31.64 3.05 -38.74
N VAL E 77 32.74 2.31 -38.57
CA VAL E 77 33.98 2.60 -39.26
C VAL E 77 33.95 1.73 -40.49
N ARG E 78 33.84 2.38 -41.65
CA ARG E 78 33.75 1.68 -42.92
C ARG E 78 35.06 0.88 -43.21
N GLY E 79 36.17 1.38 -42.65
CA GLY E 79 37.44 0.64 -42.59
C GLY E 79 37.38 -0.80 -42.07
N VAL E 80 36.65 -1.03 -40.97
CA VAL E 80 36.51 -2.38 -40.41
C VAL E 80 35.03 -2.88 -40.31
N GLY E 81 34.36 -2.57 -39.19
CA GLY E 81 32.97 -2.96 -38.96
C GLY E 81 32.13 -1.86 -38.36
N ARG E 82 31.08 -2.23 -37.64
CA ARG E 82 30.26 -1.27 -36.91
C ARG E 82 30.37 -1.52 -35.41
N PHE E 83 30.19 -0.47 -34.62
CA PHE E 83 30.34 -0.63 -33.20
C PHE E 83 29.17 -0.14 -32.41
N ARG E 84 29.18 -0.51 -31.14
CA ARG E 84 28.11 -0.21 -30.23
C ARG E 84 28.76 0.54 -29.07
N ALA E 85 28.45 1.83 -28.99
CA ALA E 85 29.03 2.74 -28.01
C ALA E 85 28.20 2.86 -26.74
N ASN E 86 28.76 3.59 -25.78
CA ASN E 86 28.02 3.91 -24.59
C ASN E 86 28.78 4.94 -23.76
N VAL E 87 28.69 6.20 -24.17
CA VAL E 87 29.45 7.27 -23.52
C VAL E 87 28.72 7.61 -22.27
N PHE E 88 29.45 7.85 -21.18
CA PHE E 88 28.77 8.30 -19.97
C PHE E 88 29.62 9.03 -18.99
N TYR E 89 29.02 10.08 -18.43
CA TYR E 89 29.67 10.85 -17.35
C TYR E 89 30.01 9.97 -16.16
N GLN E 90 31.17 10.24 -15.58
CA GLN E 90 31.83 9.35 -14.63
C GLN E 90 32.21 10.15 -13.37
N ARG E 91 33.43 10.64 -13.23
CA ARG E 91 33.63 11.50 -12.09
C ARG E 91 33.84 12.88 -12.56
N GLY E 92 32.75 13.57 -12.87
CA GLY E 92 32.82 14.85 -13.55
C GLY E 92 33.51 14.74 -14.91
N SER E 93 33.95 13.51 -15.29
CA SER E 93 34.73 13.21 -16.54
C SER E 93 34.01 12.33 -17.58
N VAL E 94 34.43 12.32 -18.83
CA VAL E 94 33.81 11.44 -19.82
C VAL E 94 34.44 10.07 -19.86
N ALA E 95 33.70 9.08 -20.35
CA ALA E 95 34.18 7.72 -20.49
C ALA E 95 33.26 6.94 -21.39
N ALA E 96 33.80 5.97 -22.08
CA ALA E 96 32.99 5.20 -23.00
C ALA E 96 33.35 3.75 -22.91
N ALA E 97 32.61 2.94 -23.68
CA ALA E 97 32.79 1.50 -23.74
C ALA E 97 32.25 1.04 -25.09
N LEU E 98 33.15 0.68 -26.00
CA LEU E 98 32.78 0.22 -27.33
C LEU E 98 32.94 -1.30 -27.47
N ARG E 99 31.90 -1.94 -28.05
CA ARG E 99 31.79 -3.38 -28.38
C ARG E 99 31.94 -3.54 -29.92
N SER E 100 32.13 -4.73 -30.51
CA SER E 100 32.49 -4.79 -31.98
C SER E 100 31.40 -5.38 -32.89
N LEU E 101 30.36 -4.58 -33.13
CA LEU E 101 29.01 -5.07 -33.62
C LEU E 101 28.74 -5.26 -35.15
N PRO E 102 28.75 -6.53 -35.64
CA PRO E 102 28.57 -6.84 -37.09
C PRO E 102 27.13 -6.88 -37.73
N ALA E 103 27.09 -6.57 -39.04
CA ALA E 103 25.94 -6.67 -40.00
C ALA E 103 26.39 -7.66 -41.09
N GLU E 104 25.49 -8.44 -41.68
CA GLU E 104 25.91 -9.59 -42.49
C GLU E 104 26.50 -10.54 -41.45
N ILE E 105 25.64 -11.45 -40.99
CA ILE E 105 25.93 -12.83 -40.47
C ILE E 105 27.04 -13.56 -41.25
N PRO E 106 27.98 -14.20 -40.56
CA PRO E 106 28.98 -14.93 -41.32
C PRO E 106 28.52 -16.35 -41.61
N GLU E 107 28.92 -16.83 -42.80
CA GLU E 107 28.64 -18.18 -43.28
C GLU E 107 29.26 -19.14 -42.29
N PHE E 108 28.55 -20.21 -42.00
CA PHE E 108 28.95 -21.09 -40.90
C PHE E 108 30.42 -21.59 -40.90
N LYS E 109 31.02 -21.83 -42.09
CA LYS E 109 32.36 -22.45 -42.19
C LYS E 109 33.49 -21.57 -41.59
N LYS E 110 33.44 -20.26 -41.86
CA LYS E 110 34.41 -19.32 -41.31
C LYS E 110 34.55 -19.31 -39.78
N LEU E 111 33.60 -19.96 -39.11
CA LEU E 111 33.57 -20.04 -37.63
C LEU E 111 34.65 -20.92 -37.04
N GLY E 112 34.83 -22.15 -37.53
CA GLY E 112 35.90 -23.02 -37.02
C GLY E 112 35.32 -24.08 -36.12
N LEU E 113 34.09 -24.45 -36.42
CA LEU E 113 33.42 -25.59 -35.80
C LEU E 113 33.25 -26.69 -36.83
N PRO E 114 33.24 -27.95 -36.37
CA PRO E 114 32.86 -29.13 -37.18
C PRO E 114 31.38 -29.09 -37.66
N ASP E 115 30.98 -30.08 -38.47
CA ASP E 115 29.65 -30.12 -39.11
C ASP E 115 28.64 -30.99 -38.37
N LYS E 116 29.11 -31.71 -37.36
CA LYS E 116 28.26 -32.49 -36.45
C LYS E 116 27.42 -31.50 -35.60
N VAL E 117 27.94 -30.27 -35.49
CA VAL E 117 27.24 -29.06 -35.00
C VAL E 117 26.14 -28.54 -35.96
N LEU E 118 26.55 -28.05 -37.12
CA LEU E 118 25.61 -27.71 -38.16
C LEU E 118 24.55 -28.78 -38.36
N GLU E 119 24.89 -30.03 -38.03
CA GLU E 119 23.95 -31.13 -38.13
C GLU E 119 22.82 -31.00 -37.12
N LEU E 120 23.10 -30.40 -35.96
CA LEU E 120 22.06 -30.07 -34.98
C LEU E 120 20.87 -29.29 -35.57
N CYS E 121 21.15 -28.42 -36.54
CA CYS E 121 20.14 -27.66 -37.25
C CYS E 121 19.15 -28.54 -37.99
N HIS E 122 19.38 -29.85 -37.95
CA HIS E 122 18.53 -30.80 -38.66
C HIS E 122 17.67 -31.57 -37.72
N ARG E 123 17.76 -31.24 -36.44
CA ARG E 123 16.90 -31.91 -35.50
C ARG E 123 15.46 -31.43 -35.62
N LYS E 124 14.58 -32.25 -35.04
CA LYS E 124 13.14 -32.01 -34.95
C LYS E 124 12.73 -31.23 -33.66
N MSE E 125 13.61 -31.27 -32.64
CA MSE E 125 13.33 -30.65 -31.34
C MSE E 125 14.44 -30.88 -30.30
O MSE E 125 15.27 -31.78 -30.43
CB MSE E 125 12.04 -31.21 -30.77
CG MSE E 125 12.26 -32.62 -30.22
SE MSE E 125 10.75 -33.87 -30.09
CE MSE E 125 9.63 -33.42 -31.86
N GLY E 126 14.41 -30.07 -29.26
CA GLY E 126 15.33 -30.19 -28.12
C GLY E 126 16.09 -28.94 -27.71
N LEU E 127 16.90 -29.06 -26.67
CA LEU E 127 17.72 -27.96 -26.24
C LEU E 127 19.02 -27.93 -26.99
N ILE E 128 19.42 -26.75 -27.49
CA ILE E 128 20.76 -26.56 -27.99
C ILE E 128 21.32 -25.36 -27.25
N LEU E 129 22.17 -25.59 -26.27
CA LEU E 129 22.74 -24.50 -25.48
C LEU E 129 24.05 -24.03 -26.07
N VAL E 130 24.27 -22.72 -26.13
CA VAL E 130 25.51 -22.18 -26.64
C VAL E 130 26.07 -21.29 -25.59
N THR E 131 26.72 -21.87 -24.60
CA THR E 131 27.22 -21.15 -23.42
C THR E 131 28.46 -20.32 -23.76
N GLY E 132 28.91 -19.49 -22.81
CA GLY E 132 30.18 -18.77 -22.95
C GLY E 132 30.17 -17.34 -22.46
N PRO E 133 31.29 -16.89 -21.87
CA PRO E 133 31.43 -15.57 -21.24
C PRO E 133 31.49 -14.40 -22.26
N THR E 134 30.93 -13.26 -21.84
CA THR E 134 30.64 -12.14 -22.74
C THR E 134 31.79 -11.75 -23.64
N GLY E 135 31.49 -11.71 -24.93
CA GLY E 135 32.49 -11.46 -25.96
C GLY E 135 33.24 -12.72 -26.37
N SER E 136 32.50 -13.84 -26.37
CA SER E 136 32.97 -15.15 -26.91
C SER E 136 32.22 -15.55 -28.20
N GLY E 137 31.46 -14.57 -28.71
CA GLY E 137 30.72 -14.63 -29.97
C GLY E 137 29.72 -15.76 -29.99
N LYS E 138 28.87 -15.84 -28.95
CA LYS E 138 27.84 -16.91 -28.91
C LYS E 138 26.63 -16.59 -29.80
N SER E 139 26.32 -15.30 -29.96
CA SER E 139 25.30 -14.81 -30.89
C SER E 139 25.78 -15.04 -32.34
N THR E 140 27.06 -14.74 -32.57
CA THR E 140 27.75 -15.02 -33.81
C THR E 140 27.55 -16.47 -34.25
N THR E 141 27.80 -17.41 -33.34
CA THR E 141 27.55 -18.85 -33.56
C THR E 141 26.09 -19.16 -33.83
N ILE E 142 25.23 -18.76 -32.88
CA ILE E 142 23.79 -18.84 -33.06
C ILE E 142 23.41 -18.27 -34.44
N ALA E 143 23.52 -16.95 -34.61
CA ALA E 143 23.21 -16.29 -35.89
C ALA E 143 23.49 -17.16 -37.12
N SER E 144 24.59 -17.89 -37.04
CA SER E 144 25.02 -18.73 -38.11
C SER E 144 23.98 -19.80 -38.25
N MSE E 145 23.90 -20.68 -37.26
CA MSE E 145 23.10 -21.88 -37.37
C MSE E 145 21.65 -21.63 -37.69
O MSE E 145 21.04 -22.36 -38.48
CB MSE E 145 23.12 -22.61 -36.08
CG MSE E 145 24.51 -22.89 -35.67
SE MSE E 145 24.50 -23.59 -33.85
CE MSE E 145 23.60 -25.46 -34.16
N ILE E 146 21.11 -20.61 -37.02
CA ILE E 146 19.77 -20.09 -37.28
C ILE E 146 19.66 -19.70 -38.77
N ASP E 147 20.55 -18.83 -39.29
CA ASP E 147 20.52 -18.44 -40.73
C ASP E 147 20.66 -19.61 -41.71
N TYR E 148 21.54 -20.55 -41.37
CA TYR E 148 21.63 -21.82 -42.05
C TYR E 148 20.26 -22.49 -42.16
N ILE E 149 19.47 -22.50 -41.06
CA ILE E 149 18.04 -22.99 -41.07
C ILE E 149 17.06 -22.09 -41.83
N ASN E 150 17.23 -20.78 -41.68
CA ASN E 150 16.61 -19.77 -42.53
C ASN E 150 16.65 -20.07 -44.06
N GLN E 151 17.84 -20.36 -44.60
CA GLN E 151 17.94 -20.77 -45.99
C GLN E 151 17.46 -22.20 -46.20
N THR E 152 17.98 -23.15 -45.42
CA THR E 152 17.70 -24.53 -45.72
C THR E 152 16.24 -24.89 -45.54
N LYS E 153 15.62 -24.50 -44.44
CA LYS E 153 14.32 -25.12 -44.09
C LYS E 153 13.10 -24.21 -44.20
N SER E 154 11.98 -24.82 -44.56
CA SER E 154 10.70 -24.10 -44.71
C SER E 154 10.06 -23.87 -43.33
N TYR E 155 10.57 -22.85 -42.62
CA TYR E 155 10.37 -22.71 -41.20
C TYR E 155 9.96 -21.30 -40.71
N HIS E 156 9.44 -21.24 -39.49
CA HIS E 156 9.03 -19.98 -38.88
C HIS E 156 9.84 -19.84 -37.59
N ILE E 157 10.97 -19.16 -37.71
CA ILE E 157 11.85 -18.99 -36.56
C ILE E 157 11.54 -17.68 -35.91
N ILE E 158 11.63 -17.72 -34.59
CA ILE E 158 11.24 -16.65 -33.70
C ILE E 158 12.34 -16.46 -32.64
N THR E 159 12.83 -15.23 -32.50
CA THR E 159 13.90 -14.98 -31.52
C THR E 159 13.52 -13.89 -30.57
N ILE E 160 13.86 -14.10 -29.30
CA ILE E 160 13.55 -13.12 -28.27
C ILE E 160 14.86 -12.63 -27.74
N GLU E 161 15.38 -11.56 -28.32
CA GLU E 161 16.77 -11.20 -28.09
C GLU E 161 16.90 -10.01 -27.21
N ASP E 162 18.08 -9.82 -26.64
CA ASP E 162 18.41 -8.57 -25.94
C ASP E 162 19.92 -8.12 -26.08
N PRO E 163 20.18 -7.13 -26.99
CA PRO E 163 19.23 -6.63 -27.99
C PRO E 163 19.29 -7.54 -29.26
N ILE E 164 18.64 -7.16 -30.36
CA ILE E 164 18.83 -7.87 -31.64
C ILE E 164 20.26 -7.59 -32.12
N GLU E 165 21.07 -8.66 -32.17
CA GLU E 165 22.49 -8.55 -32.53
C GLU E 165 22.60 -8.56 -34.04
N TYR E 166 22.06 -9.61 -34.66
CA TYR E 166 22.03 -9.75 -36.12
C TYR E 166 20.59 -9.55 -36.62
N VAL E 167 20.39 -8.85 -37.73
CA VAL E 167 19.09 -8.89 -38.42
C VAL E 167 19.05 -10.12 -39.31
N PHE E 168 18.01 -10.94 -39.20
CA PHE E 168 17.90 -12.07 -40.11
C PHE E 168 17.23 -11.67 -41.43
N LYS E 169 17.70 -12.21 -42.58
CA LYS E 169 17.11 -11.89 -43.92
C LYS E 169 16.11 -12.92 -44.46
N HIS E 170 15.50 -12.63 -45.61
CA HIS E 170 14.34 -13.44 -46.01
C HIS E 170 14.52 -14.56 -47.06
N LYS E 171 14.48 -15.79 -46.56
CA LYS E 171 14.63 -16.97 -47.40
C LYS E 171 13.50 -17.97 -47.21
N LYS E 172 13.82 -19.25 -47.03
CA LYS E 172 12.84 -20.35 -47.02
C LYS E 172 11.99 -20.31 -45.77
N SER E 173 12.62 -19.85 -44.70
CA SER E 173 11.95 -19.63 -43.45
C SER E 173 11.64 -18.13 -43.22
N ILE E 174 10.69 -17.92 -42.32
CA ILE E 174 10.11 -16.62 -41.99
C ILE E 174 10.45 -16.22 -40.51
N VAL E 175 11.14 -15.09 -40.37
CA VAL E 175 11.84 -14.79 -39.13
C VAL E 175 11.38 -13.55 -38.43
N ASN E 176 10.70 -13.79 -37.30
CA ASN E 176 10.34 -12.79 -36.30
C ASN E 176 11.40 -12.63 -35.21
N GLN E 177 11.91 -11.41 -35.06
CA GLN E 177 12.83 -11.09 -33.96
C GLN E 177 12.27 -10.04 -33.05
N ARG E 178 12.24 -10.39 -31.77
CA ARG E 178 11.58 -9.59 -30.77
C ARG E 178 12.61 -9.08 -29.81
N GLU E 179 12.89 -7.77 -29.94
CA GLU E 179 13.80 -7.05 -29.05
C GLU E 179 13.11 -6.75 -27.71
N VAL E 180 13.75 -7.06 -26.59
CA VAL E 180 13.13 -6.84 -25.26
C VAL E 180 13.32 -5.38 -24.85
N GLY E 181 12.31 -4.82 -24.20
CA GLY E 181 12.30 -3.40 -23.92
C GLY E 181 11.54 -2.70 -25.02
N GLU E 182 11.97 -2.91 -26.25
CA GLU E 182 11.27 -2.35 -27.40
C GLU E 182 9.87 -2.96 -27.72
N ASP E 183 9.80 -4.28 -27.81
CA ASP E 183 8.68 -4.99 -28.43
C ASP E 183 7.97 -5.97 -27.48
N THR E 184 8.58 -6.22 -26.32
CA THR E 184 7.90 -6.93 -25.25
C THR E 184 8.36 -6.37 -23.92
N LYS E 185 7.62 -6.70 -22.88
CA LYS E 185 7.91 -6.19 -21.58
C LYS E 185 8.94 -7.01 -20.87
N SER E 186 9.06 -8.29 -21.25
CA SER E 186 9.98 -9.18 -20.55
C SER E 186 10.21 -10.41 -21.36
N PHE E 187 11.42 -10.95 -21.23
CA PHE E 187 11.66 -12.31 -21.67
C PHE E 187 10.48 -13.23 -21.29
N ALA E 188 9.81 -12.91 -20.17
CA ALA E 188 8.75 -13.76 -19.59
C ALA E 188 7.58 -13.98 -20.55
N ASP E 189 6.70 -13.01 -20.61
CA ASP E 189 5.58 -13.10 -21.51
C ASP E 189 6.01 -13.18 -22.97
N ALA E 190 7.20 -12.65 -23.30
CA ALA E 190 7.68 -12.64 -24.69
C ALA E 190 7.79 -14.06 -25.21
N LEU E 191 8.53 -14.88 -24.47
CA LEU E 191 8.58 -16.30 -24.74
C LEU E 191 7.14 -16.83 -24.68
N ARG E 192 6.46 -16.57 -23.56
CA ARG E 192 5.19 -17.21 -23.26
C ARG E 192 4.15 -17.04 -24.35
N ALA E 193 4.31 -15.98 -25.13
CA ALA E 193 3.46 -15.74 -26.26
C ALA E 193 4.05 -16.43 -27.48
N ALA E 194 5.38 -16.38 -27.63
CA ALA E 194 6.07 -17.15 -28.67
C ALA E 194 5.56 -18.61 -28.74
N LEU E 195 5.36 -19.22 -27.58
CA LEU E 195 4.76 -20.56 -27.49
C LEU E 195 3.34 -20.75 -28.08
N ARG E 196 2.73 -19.65 -28.52
CA ARG E 196 1.36 -19.65 -29.04
C ARG E 196 1.35 -19.13 -30.47
N GLU E 197 2.35 -18.31 -30.77
CA GLU E 197 2.51 -17.75 -32.08
C GLU E 197 2.92 -18.76 -33.17
N ASP E 198 2.78 -20.05 -32.86
CA ASP E 198 3.10 -21.18 -33.77
C ASP E 198 4.52 -21.12 -34.33
N PRO E 199 5.51 -21.54 -33.53
CA PRO E 199 6.91 -21.46 -33.91
C PRO E 199 7.52 -22.80 -34.30
N ASP E 200 8.67 -22.75 -34.96
CA ASP E 200 9.38 -23.95 -35.38
C ASP E 200 10.66 -24.02 -34.58
N VAL E 201 11.38 -22.89 -34.58
CA VAL E 201 12.60 -22.70 -33.80
C VAL E 201 12.50 -21.42 -32.96
N ILE E 202 12.70 -21.57 -31.64
CA ILE E 202 12.61 -20.49 -30.67
C ILE E 202 14.00 -20.21 -30.11
N PHE E 203 14.33 -18.93 -30.02
CA PHE E 203 15.59 -18.55 -29.43
C PHE E 203 15.39 -17.71 -28.17
N VAL E 204 15.33 -18.42 -27.04
CA VAL E 204 15.28 -17.77 -25.75
C VAL E 204 16.63 -17.08 -25.54
N GLY E 205 16.63 -15.75 -25.55
CA GLY E 205 17.86 -14.95 -25.57
C GLY E 205 18.97 -15.21 -24.54
N GLU E 206 18.58 -15.44 -23.29
CA GLU E 206 19.50 -15.75 -22.18
C GLU E 206 18.66 -16.45 -21.14
N MSE E 207 19.25 -17.43 -20.46
CA MSE E 207 18.51 -18.25 -19.50
C MSE E 207 18.85 -18.01 -18.04
O MSE E 207 19.25 -18.94 -17.32
CB MSE E 207 18.63 -19.72 -19.85
CG MSE E 207 17.82 -20.07 -21.08
SE MSE E 207 17.35 -22.00 -21.28
CE MSE E 207 18.51 -22.75 -20.00
N ARG E 208 18.65 -16.75 -17.64
CA ARG E 208 19.04 -16.21 -16.33
C ARG E 208 18.08 -16.64 -15.23
N ASP E 209 16.86 -16.95 -15.67
CA ASP E 209 15.72 -16.94 -14.80
C ASP E 209 14.98 -18.28 -14.80
N LEU E 210 14.71 -18.80 -13.59
CA LEU E 210 13.98 -20.05 -13.36
C LEU E 210 12.73 -20.26 -14.20
N GLU E 211 11.96 -19.19 -14.39
CA GLU E 211 10.72 -19.30 -15.15
C GLU E 211 11.01 -19.40 -16.64
N THR E 212 11.97 -18.61 -17.13
CA THR E 212 12.43 -18.69 -18.52
C THR E 212 12.86 -20.12 -18.83
N VAL E 213 13.76 -20.65 -18.04
CA VAL E 213 14.25 -22.01 -18.22
C VAL E 213 13.10 -22.98 -18.33
N GLU E 214 12.20 -22.87 -17.38
CA GLU E 214 11.09 -23.79 -17.23
C GLU E 214 10.41 -24.03 -18.57
N THR E 215 9.94 -22.94 -19.21
CA THR E 215 9.20 -23.01 -20.48
C THR E 215 10.15 -23.33 -21.60
N ALA E 216 11.35 -22.75 -21.57
CA ALA E 216 12.38 -23.05 -22.57
C ALA E 216 12.54 -24.53 -22.70
N LEU E 217 12.38 -25.24 -21.59
CA LEU E 217 12.35 -26.68 -21.61
C LEU E 217 11.03 -27.19 -22.15
N ARG E 218 9.96 -26.81 -21.48
CA ARG E 218 8.60 -27.20 -21.82
C ARG E 218 8.28 -27.03 -23.30
N ALA E 219 9.07 -26.17 -23.99
CA ALA E 219 8.95 -25.89 -25.42
C ALA E 219 9.83 -26.79 -26.30
N ALA E 220 10.96 -27.21 -25.73
CA ALA E 220 11.86 -28.14 -26.40
C ALA E 220 11.28 -29.51 -26.37
N GLU E 221 10.68 -29.86 -25.24
CA GLU E 221 10.14 -31.21 -25.05
C GLU E 221 8.81 -31.41 -25.78
N THR E 222 8.41 -30.43 -26.56
CA THR E 222 7.09 -30.47 -27.10
C THR E 222 7.02 -30.13 -28.58
N GLY E 223 8.14 -30.31 -29.28
CA GLY E 223 8.12 -30.26 -30.74
C GLY E 223 8.87 -29.12 -31.40
N HIS E 224 9.64 -28.39 -30.61
CA HIS E 224 10.28 -27.20 -31.12
C HIS E 224 11.77 -27.24 -30.88
N LEU E 225 12.54 -26.56 -31.73
CA LEU E 225 13.94 -26.38 -31.42
C LEU E 225 14.11 -25.18 -30.51
N VAL E 226 14.68 -25.42 -29.34
CA VAL E 226 14.92 -24.36 -28.42
C VAL E 226 16.43 -24.09 -28.25
N PHE E 227 16.87 -22.99 -28.86
CA PHE E 227 18.23 -22.54 -28.74
C PHE E 227 18.29 -21.71 -27.52
N GLY E 228 19.10 -22.11 -26.54
CA GLY E 228 19.32 -21.29 -25.35
C GLY E 228 20.73 -20.77 -25.33
N THR E 229 21.01 -19.76 -24.51
CA THR E 229 22.41 -19.36 -24.25
C THR E 229 22.60 -19.01 -22.81
N LEU E 230 23.84 -19.18 -22.36
CA LEU E 230 24.22 -18.98 -20.96
C LEU E 230 25.61 -18.31 -20.78
N HIS E 231 26.13 -18.32 -19.54
CA HIS E 231 27.46 -17.78 -19.19
C HIS E 231 28.41 -18.80 -18.48
N THR E 232 28.01 -20.08 -18.43
CA THR E 232 28.87 -21.16 -17.90
C THR E 232 30.00 -21.47 -18.87
N ASN E 233 31.03 -22.15 -18.38
CA ASN E 233 32.29 -22.31 -19.13
C ASN E 233 32.59 -23.65 -19.80
N THR E 234 32.17 -24.74 -19.14
CA THR E 234 32.24 -26.12 -19.66
C THR E 234 30.85 -26.75 -19.71
N ALA E 235 30.79 -27.92 -20.33
CA ALA E 235 29.53 -28.59 -20.55
C ALA E 235 28.90 -28.99 -19.24
N ILE E 236 29.62 -29.82 -18.49
CA ILE E 236 29.13 -30.27 -17.18
C ILE E 236 28.84 -29.13 -16.19
N ASP E 237 29.35 -27.92 -16.46
CA ASP E 237 29.02 -26.72 -15.67
C ASP E 237 27.64 -26.27 -16.04
N THR E 238 27.39 -26.21 -17.35
CA THR E 238 26.12 -25.81 -17.85
C THR E 238 25.07 -26.69 -17.23
N ILE E 239 25.15 -28.00 -17.44
CA ILE E 239 24.07 -28.92 -17.01
C ILE E 239 23.92 -29.16 -15.50
N HIS E 240 24.88 -28.64 -14.73
CA HIS E 240 24.71 -28.48 -13.30
C HIS E 240 23.88 -27.20 -13.07
N ARG E 241 24.42 -26.10 -13.57
CA ARG E 241 23.97 -24.76 -13.29
C ARG E 241 22.53 -24.46 -13.75
N ILE E 242 21.97 -25.23 -14.68
CA ILE E 242 20.57 -25.03 -14.99
C ILE E 242 19.72 -25.84 -14.03
N VAL E 243 20.23 -26.97 -13.61
CA VAL E 243 19.48 -27.77 -12.68
C VAL E 243 19.55 -27.12 -11.31
N ASP E 244 20.65 -26.40 -11.07
CA ASP E 244 20.91 -25.73 -9.79
C ASP E 244 19.99 -24.53 -9.45
N ILE E 245 19.24 -24.05 -10.46
CA ILE E 245 18.31 -22.93 -10.28
C ILE E 245 16.89 -23.43 -10.04
N PHE E 246 16.73 -24.75 -10.02
CA PHE E 246 15.49 -25.38 -9.57
C PHE E 246 15.44 -25.55 -8.05
N PRO E 247 14.23 -25.58 -7.44
CA PRO E 247 14.09 -26.14 -6.08
C PRO E 247 14.39 -27.64 -6.10
N LEU E 248 15.23 -28.12 -5.18
CA LEU E 248 15.67 -29.54 -5.24
C LEU E 248 14.66 -30.57 -4.77
N ASN E 249 13.50 -30.10 -4.32
CA ASN E 249 12.33 -30.93 -4.09
C ASN E 249 12.09 -31.95 -5.24
N GLN E 250 12.15 -31.44 -6.47
CA GLN E 250 11.97 -32.19 -7.72
C GLN E 250 13.23 -32.16 -8.60
N GLN E 251 14.26 -31.44 -8.16
CA GLN E 251 15.49 -31.20 -8.93
C GLN E 251 15.91 -32.38 -9.82
N GLU E 252 15.89 -33.58 -9.24
CA GLU E 252 16.14 -34.83 -9.96
C GLU E 252 15.42 -34.85 -11.32
N GLN E 253 14.14 -34.50 -11.30
CA GLN E 253 13.22 -34.66 -12.45
C GLN E 253 13.59 -33.90 -13.71
N VAL E 254 14.48 -32.91 -13.56
CA VAL E 254 14.93 -32.09 -14.67
C VAL E 254 16.13 -32.75 -15.28
N ARG E 255 17.01 -33.24 -14.43
CA ARG E 255 18.16 -34.02 -14.88
C ARG E 255 17.72 -35.10 -15.90
N ILE E 256 16.60 -35.76 -15.61
CA ILE E 256 16.05 -36.82 -16.47
C ILE E 256 15.51 -36.25 -17.77
N VAL E 257 14.57 -35.32 -17.69
CA VAL E 257 14.05 -34.64 -18.88
C VAL E 257 15.21 -34.04 -19.70
N LEU E 258 16.27 -33.61 -19.00
CA LEU E 258 17.42 -32.98 -19.64
C LEU E 258 18.23 -33.99 -20.42
N SER E 259 18.28 -35.22 -19.89
CA SER E 259 18.93 -36.34 -20.54
C SER E 259 17.99 -37.06 -21.50
N PHE E 260 17.22 -36.27 -22.24
CA PHE E 260 16.41 -36.73 -23.38
C PHE E 260 16.26 -35.57 -24.37
N ILE E 261 16.23 -34.36 -23.84
CA ILE E 261 15.94 -33.23 -24.70
C ILE E 261 17.17 -32.31 -24.90
N LEU E 262 18.21 -32.64 -24.16
CA LEU E 262 19.49 -32.04 -24.39
C LEU E 262 19.96 -32.55 -25.72
N GLN E 263 20.26 -31.65 -26.63
CA GLN E 263 20.68 -32.11 -27.92
C GLN E 263 22.04 -31.60 -28.33
N GLY E 264 22.56 -30.62 -27.61
CA GLY E 264 23.91 -30.11 -27.84
C GLY E 264 24.34 -28.97 -26.92
N ILE E 265 25.53 -29.10 -26.36
CA ILE E 265 26.10 -28.03 -25.55
C ILE E 265 27.43 -27.61 -26.13
N ILE E 266 27.57 -26.34 -26.49
CA ILE E 266 28.79 -25.82 -27.12
C ILE E 266 29.33 -24.62 -26.36
N SER E 267 30.24 -24.84 -25.43
CA SER E 267 30.84 -23.72 -24.71
C SER E 267 31.89 -23.09 -25.59
N GLN E 268 32.02 -21.77 -25.54
CA GLN E 268 32.92 -21.03 -26.43
C GLN E 268 33.83 -20.05 -25.73
N ARG E 269 34.93 -19.71 -26.39
CA ARG E 269 35.77 -18.57 -25.98
C ARG E 269 36.53 -18.06 -27.17
N LEU E 270 36.63 -16.74 -27.27
CA LEU E 270 37.35 -16.10 -28.36
C LEU E 270 38.76 -15.71 -27.95
N LEU E 271 39.76 -16.04 -28.77
CA LEU E 271 41.18 -15.82 -28.46
C LEU E 271 41.89 -14.97 -29.52
N PRO E 272 43.00 -14.29 -29.12
CA PRO E 272 43.96 -13.60 -30.03
C PRO E 272 44.81 -14.55 -30.90
N LYS E 273 44.59 -14.50 -32.21
CA LYS E 273 45.31 -15.32 -33.16
C LYS E 273 46.70 -14.71 -33.40
N ILE E 274 47.62 -15.56 -33.83
CA ILE E 274 48.95 -15.18 -34.30
C ILE E 274 48.89 -14.22 -35.53
N GLY E 275 47.80 -14.25 -36.30
CA GLY E 275 47.61 -13.31 -37.44
C GLY E 275 46.82 -12.03 -37.18
N GLY E 276 45.52 -12.06 -37.45
CA GLY E 276 44.60 -10.92 -37.20
C GLY E 276 43.77 -10.95 -35.90
N GLY E 277 44.13 -11.85 -34.97
CA GLY E 277 43.50 -11.96 -33.64
C GLY E 277 42.13 -12.65 -33.50
N ARG E 278 41.69 -13.34 -34.54
CA ARG E 278 40.32 -13.85 -34.59
C ARG E 278 40.22 -15.35 -34.56
N VAL E 279 40.42 -16.01 -33.43
CA VAL E 279 40.25 -17.47 -33.45
C VAL E 279 39.47 -18.02 -32.25
N LEU E 280 38.57 -18.97 -32.51
CA LEU E 280 37.67 -19.47 -31.47
C LEU E 280 37.99 -20.88 -30.96
N ALA E 281 37.80 -21.10 -29.67
CA ALA E 281 38.00 -22.42 -29.07
C ALA E 281 36.73 -22.87 -28.41
N TYR E 282 36.47 -24.16 -28.44
CA TYR E 282 35.19 -24.68 -27.98
C TYR E 282 35.27 -26.06 -27.35
N GLU E 283 34.29 -26.39 -26.54
CA GLU E 283 34.13 -27.73 -26.00
C GLU E 283 32.80 -28.22 -26.48
N LEU E 284 32.74 -29.47 -26.88
CA LEU E 284 31.59 -29.92 -27.64
C LEU E 284 31.03 -31.21 -27.13
N LEU E 285 29.74 -31.20 -26.80
CA LEU E 285 29.05 -32.40 -26.36
C LEU E 285 27.69 -32.58 -27.05
N ILE E 286 27.61 -33.58 -27.94
CA ILE E 286 26.34 -33.99 -28.52
C ILE E 286 26.00 -35.39 -28.01
N PRO E 287 24.98 -35.49 -27.13
CA PRO E 287 24.56 -36.73 -26.51
C PRO E 287 24.16 -37.84 -27.49
N ASN E 288 24.83 -38.98 -27.33
CA ASN E 288 24.47 -40.27 -27.99
C ASN E 288 23.82 -41.25 -27.00
N THR E 289 23.23 -42.32 -27.56
CA THR E 289 22.40 -43.27 -26.81
C THR E 289 23.03 -43.69 -25.46
N ALA E 290 24.37 -43.63 -25.38
CA ALA E 290 25.12 -43.92 -24.14
C ALA E 290 25.09 -42.75 -23.15
N ILE E 291 25.56 -41.58 -23.58
CA ILE E 291 25.69 -40.41 -22.69
C ILE E 291 24.37 -40.03 -21.97
N ARG E 292 23.26 -40.28 -22.65
CA ARG E 292 21.94 -40.07 -22.08
C ARG E 292 21.79 -40.69 -20.70
N ASN E 293 22.08 -41.99 -20.60
CA ASN E 293 21.89 -42.77 -19.35
C ASN E 293 22.75 -42.32 -18.20
N LEU E 294 23.91 -41.77 -18.52
CA LEU E 294 24.83 -41.28 -17.52
C LEU E 294 24.20 -40.10 -16.79
N ILE E 295 23.68 -39.15 -17.57
CA ILE E 295 23.05 -37.92 -17.05
C ILE E 295 21.76 -38.23 -16.27
N ARG E 296 21.05 -39.26 -16.71
CA ARG E 296 19.86 -39.77 -16.02
C ARG E 296 20.17 -40.15 -14.59
N GLU E 297 21.27 -40.88 -14.41
CA GLU E 297 21.69 -41.39 -13.10
C GLU E 297 22.69 -40.46 -12.39
N ASN E 298 22.60 -39.15 -12.67
CA ASN E 298 23.39 -38.11 -11.99
C ASN E 298 24.90 -38.13 -12.36
N LYS E 299 25.35 -39.27 -12.91
CA LYS E 299 26.78 -39.56 -13.04
C LYS E 299 27.45 -38.67 -14.08
N LEU E 300 28.00 -37.56 -13.61
CA LEU E 300 28.44 -36.47 -14.49
C LEU E 300 29.90 -36.51 -14.94
N GLN E 301 30.88 -36.36 -14.04
CA GLN E 301 32.34 -36.44 -14.38
C GLN E 301 32.75 -37.81 -14.95
N GLN E 302 31.78 -38.73 -14.97
CA GLN E 302 31.81 -39.95 -15.76
C GLN E 302 31.54 -39.68 -17.24
N VAL E 303 30.90 -38.53 -17.52
CA VAL E 303 30.78 -38.03 -18.89
C VAL E 303 32.05 -37.27 -19.28
N TYR E 304 32.71 -36.62 -18.32
CA TYR E 304 34.00 -35.97 -18.57
C TYR E 304 35.05 -37.00 -19.01
N SER E 305 35.08 -38.15 -18.30
CA SER E 305 35.90 -39.33 -18.68
C SER E 305 35.69 -39.69 -20.17
N LEU E 306 34.40 -39.74 -20.55
CA LEU E 306 33.91 -40.12 -21.89
C LEU E 306 34.03 -39.03 -22.98
N MSE E 307 34.74 -37.93 -22.70
CA MSE E 307 34.94 -36.91 -23.72
C MSE E 307 36.33 -36.97 -24.30
O MSE E 307 37.32 -36.58 -23.67
CB MSE E 307 34.56 -35.50 -23.22
CG MSE E 307 33.08 -35.12 -23.49
SE MSE E 307 32.27 -33.82 -22.22
CE MSE E 307 32.40 -32.14 -23.13
N GLN E 308 36.38 -37.56 -25.50
CA GLN E 308 37.59 -37.74 -26.32
C GLN E 308 37.29 -38.14 -27.78
N MSE E 316 31.93 -35.96 -27.02
CA MSE E 316 32.62 -35.66 -28.29
C MSE E 316 34.06 -35.10 -28.19
O MSE E 316 34.95 -35.63 -28.87
CB MSE E 316 31.76 -34.77 -29.21
CG MSE E 316 31.08 -35.49 -30.42
SE MSE E 316 32.12 -36.01 -32.13
CE MSE E 316 33.79 -34.80 -32.04
N GLN E 317 34.31 -34.05 -27.40
CA GLN E 317 35.64 -33.38 -27.38
C GLN E 317 35.82 -32.32 -26.29
N THR E 318 36.84 -32.49 -25.44
CA THR E 318 37.09 -31.55 -24.31
C THR E 318 37.58 -30.17 -24.75
N MSE E 319 37.59 -29.22 -23.82
CA MSE E 319 38.04 -27.83 -24.07
C MSE E 319 39.55 -27.82 -24.30
O MSE E 319 40.03 -27.43 -25.38
CB MSE E 319 37.69 -26.90 -22.90
CG MSE E 319 36.93 -25.60 -23.27
SE MSE E 319 37.73 -24.33 -24.56
CE MSE E 319 36.44 -22.79 -24.36
N ASN E 320 40.30 -28.26 -23.28
CA ASN E 320 41.76 -28.35 -23.39
C ASN E 320 42.18 -29.04 -24.68
N GLN E 321 41.45 -30.10 -25.02
CA GLN E 321 41.65 -30.87 -26.22
C GLN E 321 41.59 -29.97 -27.48
N THR E 322 40.67 -29.01 -27.50
CA THR E 322 40.57 -28.08 -28.64
C THR E 322 41.48 -26.87 -28.44
N LEU E 323 42.43 -26.99 -27.52
CA LEU E 323 43.51 -26.02 -27.41
C LEU E 323 44.84 -26.64 -27.87
N TYR E 324 45.04 -27.92 -27.53
CA TYR E 324 46.21 -28.67 -27.99
C TYR E 324 46.18 -28.76 -29.51
N LYS E 325 45.04 -29.15 -30.06
CA LYS E 325 44.82 -29.24 -31.51
C LYS E 325 44.87 -27.84 -32.18
N LEU E 326 44.88 -26.79 -31.35
CA LEU E 326 44.95 -25.41 -31.81
C LEU E 326 46.36 -24.79 -31.71
N TYR E 327 47.05 -25.04 -30.61
CA TYR E 327 48.42 -24.53 -30.40
C TYR E 327 49.51 -25.28 -31.22
N LYS E 328 49.40 -26.62 -31.30
CA LYS E 328 50.31 -27.48 -32.10
C LYS E 328 50.31 -27.14 -33.61
N GLN E 329 49.28 -26.43 -34.07
CA GLN E 329 49.20 -25.93 -35.45
C GLN E 329 49.75 -24.49 -35.54
N GLY E 330 50.08 -23.91 -34.39
CA GLY E 330 50.70 -22.58 -34.31
C GLY E 330 49.77 -21.44 -34.63
N LEU E 331 48.67 -21.36 -33.89
CA LEU E 331 47.68 -20.28 -34.02
C LEU E 331 47.49 -19.50 -32.70
N ILE E 332 47.63 -20.19 -31.56
CA ILE E 332 47.48 -19.59 -30.22
C ILE E 332 48.76 -19.82 -29.37
N THR E 333 49.14 -18.85 -28.52
CA THR E 333 50.34 -18.99 -27.67
C THR E 333 50.18 -20.00 -26.49
N LEU E 334 51.30 -20.65 -26.13
CA LEU E 334 51.40 -21.64 -25.00
C LEU E 334 50.95 -21.00 -23.67
N GLU E 335 50.75 -19.68 -23.72
CA GLU E 335 50.43 -18.87 -22.53
C GLU E 335 49.05 -18.19 -22.54
N ASP E 336 48.47 -18.03 -23.72
CA ASP E 336 47.12 -17.50 -23.79
C ASP E 336 46.09 -18.62 -23.49
N ALA E 337 46.47 -19.86 -23.84
CA ALA E 337 45.56 -21.01 -23.70
C ALA E 337 45.69 -21.78 -22.37
N MSE E 338 46.78 -21.55 -21.62
CA MSE E 338 46.88 -22.04 -20.22
C MSE E 338 46.28 -20.99 -19.29
O MSE E 338 46.64 -20.91 -18.11
CB MSE E 338 48.35 -22.34 -19.81
CG MSE E 338 48.87 -23.74 -20.15
SE MSE E 338 48.35 -25.16 -18.91
CE MSE E 338 46.69 -25.93 -20.02
N GLU E 339 45.34 -20.23 -19.85
CA GLU E 339 44.78 -19.02 -19.28
C GLU E 339 43.26 -19.12 -19.36
N ALA E 340 42.78 -19.45 -20.54
CA ALA E 340 41.36 -19.65 -20.78
C ALA E 340 40.90 -21.05 -20.36
N SER E 341 41.87 -21.96 -20.27
CA SER E 341 41.62 -23.38 -19.96
C SER E 341 41.19 -23.59 -18.54
N PRO E 342 39.98 -24.14 -18.35
CA PRO E 342 39.54 -24.62 -17.06
C PRO E 342 40.65 -25.34 -16.29
N ASP E 343 41.20 -26.43 -16.84
CA ASP E 343 42.19 -27.26 -16.09
C ASP E 343 43.62 -27.20 -16.68
N PRO E 344 44.56 -26.55 -15.95
CA PRO E 344 45.98 -26.59 -16.32
C PRO E 344 46.57 -28.02 -16.45
N LYS E 345 46.07 -28.97 -15.65
CA LYS E 345 46.56 -30.36 -15.60
C LYS E 345 46.51 -31.16 -16.93
N GLU E 346 45.37 -31.08 -17.63
CA GLU E 346 45.04 -32.02 -18.74
C GLU E 346 45.76 -31.75 -20.06
N LEU E 347 46.69 -30.80 -20.02
CA LEU E 347 47.56 -30.50 -21.13
C LEU E 347 49.01 -30.36 -20.67
N GLU E 348 49.83 -29.62 -21.44
CA GLU E 348 51.29 -29.45 -21.24
C GLU E 348 52.04 -30.82 -21.22
N ARG E 349 51.34 -31.83 -20.68
CA ARG E 349 51.64 -33.26 -20.87
C ARG E 349 51.61 -33.54 -22.39
N MSE E 350 50.77 -32.75 -23.07
CA MSE E 350 50.66 -32.71 -24.53
C MSE E 350 51.19 -31.35 -25.05
O MSE E 350 52.15 -31.28 -25.83
CB MSE E 350 49.20 -32.97 -24.95
CG MSE E 350 48.56 -34.24 -24.29
SE MSE E 350 48.94 -36.09 -25.10
CE MSE E 350 49.68 -37.05 -23.48
N GLU F 1 -6.75 -6.80 -53.91
CA GLU F 1 -5.42 -7.46 -53.67
C GLU F 1 -5.22 -7.95 -52.22
N LEU F 2 -4.91 -7.02 -51.31
CA LEU F 2 -4.55 -7.33 -49.92
C LEU F 2 -5.69 -7.14 -48.93
N LYS F 3 -6.66 -8.05 -48.97
CA LYS F 3 -7.80 -8.00 -48.07
C LYS F 3 -7.77 -9.22 -47.18
N ILE F 4 -7.76 -9.02 -45.87
CA ILE F 4 -7.62 -10.15 -44.95
C ILE F 4 -8.59 -11.26 -45.31
N LEU F 5 -9.84 -10.86 -45.43
CA LEU F 5 -10.93 -11.74 -45.74
C LEU F 5 -10.61 -12.74 -46.88
N GLU F 6 -9.71 -12.34 -47.76
CA GLU F 6 -9.44 -13.07 -48.98
C GLU F 6 -8.16 -13.86 -48.86
N ILE F 7 -7.41 -13.58 -47.80
CA ILE F 7 -6.23 -14.35 -47.53
C ILE F 7 -6.65 -15.56 -46.73
N ILE F 8 -7.70 -15.40 -45.94
CA ILE F 8 -8.34 -16.54 -45.31
C ILE F 8 -9.01 -17.41 -46.36
N LYS F 9 -9.48 -16.80 -47.45
CA LYS F 9 -10.15 -17.52 -48.53
C LYS F 9 -9.24 -18.58 -49.13
N GLU F 10 -8.05 -18.16 -49.55
CA GLU F 10 -7.03 -19.07 -50.09
C GLU F 10 -6.34 -19.93 -49.03
N ALA F 11 -6.61 -19.64 -47.77
CA ALA F 11 -6.07 -20.44 -46.68
C ALA F 11 -6.82 -21.74 -46.46
N ILE F 12 -8.15 -21.72 -46.42
CA ILE F 12 -8.91 -22.95 -46.25
C ILE F 12 -9.16 -23.68 -47.57
N GLU F 13 -9.07 -22.94 -48.66
CA GLU F 13 -9.00 -23.53 -50.00
C GLU F 13 -7.79 -24.45 -50.14
N LEU F 14 -6.60 -23.95 -49.78
CA LEU F 14 -5.38 -24.77 -49.81
C LEU F 14 -5.38 -25.91 -48.75
N GLY F 15 -6.42 -25.93 -47.91
CA GLY F 15 -6.55 -26.84 -46.76
C GLY F 15 -5.54 -26.51 -45.65
N ALA F 16 -5.68 -25.34 -45.02
CA ALA F 16 -4.65 -24.81 -44.08
C ALA F 16 -4.93 -25.05 -42.60
N SER F 17 -3.84 -25.21 -41.84
CA SER F 17 -3.88 -25.15 -40.36
C SER F 17 -3.66 -23.73 -39.84
N ASP F 18 -2.80 -22.96 -40.53
CA ASP F 18 -2.39 -21.66 -40.08
C ASP F 18 -2.17 -20.66 -41.18
N ILE F 19 -2.41 -19.38 -40.89
CA ILE F 19 -1.88 -18.31 -41.72
C ILE F 19 -0.90 -17.52 -40.88
N HIS F 20 0.12 -16.99 -41.53
CA HIS F 20 1.15 -16.22 -40.86
C HIS F 20 1.47 -15.02 -41.69
N LEU F 21 1.51 -13.86 -41.06
CA LEU F 21 1.96 -12.67 -41.75
C LEU F 21 3.24 -12.20 -41.12
N THR F 22 4.02 -11.50 -41.93
CA THR F 22 5.21 -10.78 -41.47
C THR F 22 5.52 -9.73 -42.50
N ALA F 23 6.44 -8.81 -42.16
CA ALA F 23 6.76 -7.60 -42.98
C ALA F 23 7.53 -7.87 -44.26
N GLY F 24 8.68 -8.54 -44.11
CA GLY F 24 9.61 -8.74 -45.23
C GLY F 24 9.26 -9.71 -46.36
N ALA F 25 8.16 -10.45 -46.23
CA ALA F 25 7.78 -11.50 -47.17
C ALA F 25 6.32 -11.34 -47.62
N PRO F 26 5.81 -12.25 -48.48
CA PRO F 26 4.35 -12.31 -48.68
C PRO F 26 3.72 -13.24 -47.69
N PRO F 27 2.43 -13.07 -47.45
CA PRO F 27 1.59 -13.91 -46.63
C PRO F 27 1.86 -15.41 -46.77
N ALA F 28 1.96 -16.07 -45.62
CA ALA F 28 2.36 -17.46 -45.51
C ALA F 28 1.29 -18.31 -44.87
N VAL F 29 1.26 -19.57 -45.24
CA VAL F 29 0.31 -20.53 -44.69
C VAL F 29 1.00 -21.83 -44.35
N ARG F 30 0.61 -22.42 -43.22
CA ARG F 30 1.10 -23.75 -42.88
C ARG F 30 0.15 -24.80 -43.44
N ILE F 31 0.71 -25.71 -44.23
CA ILE F 31 -0.04 -26.86 -44.69
C ILE F 31 0.76 -28.09 -44.32
N ASP F 32 0.21 -28.88 -43.40
CA ASP F 32 0.81 -30.14 -43.01
C ASP F 32 1.85 -30.00 -41.92
N GLY F 33 2.35 -28.78 -41.74
CA GLY F 33 3.52 -28.52 -40.90
C GLY F 33 4.74 -28.02 -41.66
N TYR F 34 4.56 -27.74 -42.95
CA TYR F 34 5.53 -27.00 -43.78
C TYR F 34 4.89 -25.68 -44.23
N ILE F 35 5.71 -24.65 -44.36
CA ILE F 35 5.19 -23.33 -44.65
C ILE F 35 5.50 -22.89 -46.11
N LYS F 36 4.45 -22.52 -46.85
CA LYS F 36 4.56 -22.06 -48.23
C LYS F 36 3.91 -20.72 -48.42
N PHE F 37 4.61 -19.83 -49.11
CA PHE F 37 4.08 -18.50 -49.42
C PHE F 37 3.20 -18.55 -50.67
N LEU F 38 1.92 -18.23 -50.50
CA LEU F 38 1.05 -18.05 -51.66
C LEU F 38 1.19 -16.65 -52.24
N LYS F 39 2.40 -16.34 -52.72
CA LYS F 39 2.70 -15.12 -53.48
C LYS F 39 1.66 -14.88 -54.57
N ASP F 40 0.78 -15.88 -54.72
CA ASP F 40 -0.28 -15.97 -55.73
C ASP F 40 -0.82 -14.63 -56.17
N PHE F 41 -1.35 -13.89 -55.19
CA PHE F 41 -1.73 -12.50 -55.42
C PHE F 41 -1.07 -11.59 -54.35
N PRO F 42 -1.38 -11.85 -53.05
CA PRO F 42 -0.77 -10.97 -52.06
C PRO F 42 0.73 -10.74 -52.35
N ARG F 43 1.14 -9.48 -52.38
CA ARG F 43 2.54 -9.21 -52.63
C ARG F 43 3.38 -9.28 -51.35
N LEU F 44 4.72 -9.26 -51.49
CA LEU F 44 5.67 -9.14 -50.34
C LEU F 44 5.08 -8.04 -49.45
N THR F 45 4.38 -8.43 -48.38
CA THR F 45 3.50 -7.48 -47.67
C THR F 45 4.28 -6.25 -47.16
N PRO F 46 3.72 -5.02 -47.31
CA PRO F 46 4.52 -3.85 -46.92
C PRO F 46 4.77 -3.78 -45.39
N GLU F 47 5.12 -2.60 -44.89
CA GLU F 47 5.05 -2.33 -43.45
C GLU F 47 3.56 -2.32 -42.99
N ASP F 48 2.65 -2.34 -43.95
CA ASP F 48 1.21 -2.22 -43.70
C ASP F 48 0.46 -3.54 -43.69
N THR F 49 1.06 -4.49 -42.98
CA THR F 49 0.35 -5.58 -42.33
C THR F 49 -0.38 -4.95 -41.17
N GLN F 50 0.13 -3.79 -40.80
CA GLN F 50 -0.56 -2.84 -39.95
C GLN F 50 -2.07 -2.79 -40.32
N LYS F 51 -2.38 -2.34 -41.53
CA LYS F 51 -3.75 -2.19 -41.98
C LYS F 51 -4.57 -3.49 -41.94
N LEU F 52 -3.94 -4.60 -42.27
CA LEU F 52 -4.57 -5.92 -42.34
C LEU F 52 -5.04 -6.44 -41.02
N ALA F 53 -4.18 -6.36 -40.02
CA ALA F 53 -4.50 -6.79 -38.67
C ALA F 53 -5.45 -5.79 -38.07
N TYR F 54 -5.10 -4.51 -38.16
CA TYR F 54 -5.94 -3.45 -37.63
C TYR F 54 -7.41 -3.64 -37.97
N SER F 55 -7.66 -4.27 -39.12
CA SER F 55 -9.01 -4.50 -39.62
C SER F 55 -9.78 -5.63 -38.93
N VAL F 56 -9.07 -6.46 -38.18
CA VAL F 56 -9.72 -7.57 -37.44
C VAL F 56 -10.03 -7.14 -35.99
N MSE F 57 -9.09 -6.39 -35.40
CA MSE F 57 -9.10 -6.13 -33.98
C MSE F 57 -10.04 -5.02 -33.63
O MSE F 57 -10.10 -4.00 -34.30
CB MSE F 57 -7.72 -5.74 -33.48
CG MSE F 57 -6.60 -6.62 -33.94
SE MSE F 57 -4.95 -5.61 -33.82
CE MSE F 57 -4.75 -5.51 -31.93
N SER F 58 -10.77 -5.26 -32.56
CA SER F 58 -11.61 -4.28 -31.91
C SER F 58 -10.75 -3.13 -31.43
N GLU F 59 -11.39 -2.02 -31.08
CA GLU F 59 -10.74 -0.90 -30.41
C GLU F 59 -9.97 -1.30 -29.16
N LYS F 60 -10.56 -2.24 -28.43
CA LYS F 60 -10.06 -2.79 -27.16
C LYS F 60 -8.74 -3.54 -27.29
N HIS F 61 -8.44 -4.00 -28.49
CA HIS F 61 -7.21 -4.72 -28.73
C HIS F 61 -6.10 -3.81 -29.27
N ARG F 62 -6.46 -2.87 -30.13
CA ARG F 62 -5.50 -2.00 -30.78
C ARG F 62 -5.02 -0.96 -29.81
N GLN F 63 -5.72 -0.85 -28.70
CA GLN F 63 -5.18 -0.14 -27.57
C GLN F 63 -4.18 -1.06 -26.92
N LYS F 64 -4.60 -2.29 -26.62
CA LYS F 64 -3.76 -3.20 -25.83
C LYS F 64 -2.52 -3.62 -26.55
N LEU F 65 -2.50 -3.44 -27.87
CA LEU F 65 -1.31 -3.75 -28.66
C LEU F 65 -0.25 -2.69 -28.50
N GLU F 66 -0.60 -1.58 -27.86
CA GLU F 66 0.36 -0.50 -27.58
C GLU F 66 0.96 -0.62 -26.18
N GLU F 67 0.10 -1.01 -25.23
CA GLU F 67 0.44 -1.18 -23.82
C GLU F 67 1.51 -2.24 -23.72
N ASN F 68 1.19 -3.44 -24.16
CA ASN F 68 2.17 -4.51 -24.27
C ASN F 68 2.62 -4.59 -25.72
N GLY F 69 3.33 -5.65 -26.09
CA GLY F 69 3.70 -5.83 -27.48
C GLY F 69 2.88 -6.86 -28.24
N GLN F 70 1.80 -7.35 -27.65
CA GLN F 70 1.01 -8.41 -28.25
C GLN F 70 -0.38 -8.55 -27.64
N VAL F 71 -1.27 -9.21 -28.36
CA VAL F 71 -2.64 -9.48 -27.90
C VAL F 71 -3.13 -10.83 -28.32
N ASP F 72 -4.05 -11.41 -27.56
CA ASP F 72 -4.52 -12.79 -27.80
C ASP F 72 -6.05 -12.90 -27.78
N PHE F 73 -6.66 -12.98 -28.97
CA PHE F 73 -8.10 -12.90 -29.09
C PHE F 73 -8.65 -13.73 -30.21
N SER F 74 -9.95 -13.60 -30.42
CA SER F 74 -10.66 -14.44 -31.36
C SER F 74 -11.81 -13.71 -32.02
N PHE F 75 -11.82 -13.77 -33.35
CA PHE F 75 -12.84 -13.13 -34.15
C PHE F 75 -13.44 -14.14 -35.10
N GLY F 76 -14.60 -13.81 -35.68
CA GLY F 76 -15.30 -14.73 -36.59
C GLY F 76 -15.60 -14.20 -37.99
N VAL F 77 -15.25 -14.99 -38.99
CA VAL F 77 -15.72 -14.74 -40.33
C VAL F 77 -16.91 -15.64 -40.50
N ARG F 78 -18.09 -15.02 -40.53
CA ARG F 78 -19.32 -15.79 -40.61
C ARG F 78 -19.37 -16.63 -41.88
N GLY F 79 -18.69 -16.12 -42.92
CA GLY F 79 -18.45 -16.84 -44.18
C GLY F 79 -17.86 -18.24 -44.06
N VAL F 80 -16.92 -18.42 -43.13
CA VAL F 80 -16.38 -19.76 -42.92
C VAL F 80 -16.53 -20.20 -41.48
N GLY F 81 -15.53 -19.90 -40.65
CA GLY F 81 -15.53 -20.21 -39.22
C GLY F 81 -15.00 -19.08 -38.34
N ARG F 82 -14.45 -19.44 -37.19
CA ARG F 82 -13.88 -18.48 -36.27
C ARG F 82 -12.43 -18.78 -36.15
N PHE F 83 -11.66 -17.76 -35.79
CA PHE F 83 -10.23 -17.91 -35.75
C PHE F 83 -9.62 -17.44 -34.45
N ARG F 84 -8.37 -17.77 -34.26
CA ARG F 84 -7.69 -17.38 -33.08
C ARG F 84 -6.48 -16.62 -33.53
N ALA F 85 -6.41 -15.36 -33.14
CA ALA F 85 -5.36 -14.46 -33.62
C ALA F 85 -4.26 -14.30 -32.61
N ASN F 86 -3.26 -13.54 -33.02
CA ASN F 86 -2.15 -13.18 -32.18
C ASN F 86 -1.22 -12.21 -32.88
N VAL F 87 -1.64 -10.95 -32.93
CA VAL F 87 -0.88 -9.85 -33.54
C VAL F 87 0.23 -9.43 -32.63
N PHE F 88 1.40 -9.16 -33.18
CA PHE F 88 2.50 -8.74 -32.34
C PHE F 88 3.57 -7.96 -33.05
N TYR F 89 4.07 -6.97 -32.33
CA TYR F 89 5.16 -6.18 -32.78
C TYR F 89 6.35 -7.10 -32.91
N GLN F 90 7.12 -6.82 -33.95
CA GLN F 90 8.21 -7.67 -34.38
C GLN F 90 9.47 -6.81 -34.52
N ARG F 91 9.83 -6.38 -35.70
CA ARG F 91 10.97 -5.53 -35.73
C ARG F 91 10.46 -4.19 -36.07
N GLY F 92 9.88 -3.56 -35.06
CA GLY F 92 9.25 -2.28 -35.19
C GLY F 92 8.07 -2.40 -36.13
N SER F 93 7.85 -3.61 -36.64
CA SER F 93 6.78 -3.85 -37.62
C SER F 93 5.66 -4.74 -37.03
N VAL F 94 4.50 -4.79 -37.69
CA VAL F 94 3.38 -5.64 -37.24
C VAL F 94 3.46 -7.03 -37.87
N ALA F 95 2.92 -8.03 -37.18
CA ALA F 95 2.82 -9.40 -37.71
C ALA F 95 1.76 -10.14 -36.94
N ALA F 96 1.14 -11.14 -37.56
CA ALA F 96 0.12 -11.91 -36.88
C ALA F 96 0.27 -13.39 -37.14
N ALA F 97 -0.54 -14.18 -36.47
CA ALA F 97 -0.53 -15.63 -36.61
C ALA F 97 -1.89 -16.20 -36.32
N LEU F 98 -2.66 -16.50 -37.36
CA LEU F 98 -4.04 -16.90 -37.18
C LEU F 98 -4.15 -18.40 -37.28
N ARG F 99 -4.86 -19.01 -36.34
CA ARG F 99 -5.10 -20.45 -36.35
C ARG F 99 -6.50 -20.71 -36.77
N SER F 100 -6.86 -21.93 -37.07
CA SER F 100 -8.26 -22.15 -37.17
C SER F 100 -8.66 -22.60 -35.81
N LEU F 101 -9.61 -21.93 -35.19
CA LEU F 101 -10.22 -22.55 -34.05
C LEU F 101 -11.08 -23.66 -34.65
N PRO F 102 -11.22 -24.79 -33.95
CA PRO F 102 -12.08 -25.95 -34.24
C PRO F 102 -13.57 -25.62 -34.51
N ALA F 103 -14.39 -26.62 -34.88
CA ALA F 103 -15.81 -26.39 -35.25
C ALA F 103 -16.87 -27.46 -34.90
N GLU F 104 -16.46 -28.59 -34.33
CA GLU F 104 -17.21 -29.21 -33.21
C GLU F 104 -16.02 -29.17 -32.24
N ILE F 105 -16.10 -29.39 -30.90
CA ILE F 105 -16.49 -30.50 -29.95
C ILE F 105 -16.45 -32.01 -30.27
N PRO F 106 -15.43 -32.73 -29.74
CA PRO F 106 -15.49 -34.17 -29.87
C PRO F 106 -16.34 -34.81 -28.78
N GLU F 107 -17.09 -35.86 -29.19
CA GLU F 107 -17.89 -36.74 -28.32
C GLU F 107 -16.95 -37.36 -27.29
N PHE F 108 -17.41 -37.45 -26.04
CA PHE F 108 -16.51 -37.78 -24.93
C PHE F 108 -15.71 -39.10 -25.05
N LYS F 109 -16.27 -40.10 -25.72
CA LYS F 109 -15.64 -41.42 -25.80
C LYS F 109 -14.30 -41.40 -26.55
N LYS F 110 -14.22 -40.67 -27.67
CA LYS F 110 -12.97 -40.58 -28.46
C LYS F 110 -11.76 -40.03 -27.68
N LEU F 111 -12.03 -39.53 -26.48
CA LEU F 111 -11.00 -38.89 -25.66
C LEU F 111 -10.01 -39.88 -25.06
N GLY F 112 -10.52 -40.91 -24.38
CA GLY F 112 -9.67 -41.97 -23.84
C GLY F 112 -9.64 -41.93 -22.35
N LEU F 113 -10.73 -41.45 -21.79
CA LEU F 113 -10.93 -41.48 -20.36
C LEU F 113 -12.01 -42.51 -20.03
N PRO F 114 -11.99 -43.02 -18.79
CA PRO F 114 -13.08 -43.77 -18.18
C PRO F 114 -14.35 -42.96 -17.90
N ASP F 115 -15.42 -43.64 -17.47
CA ASP F 115 -16.77 -43.03 -17.31
C ASP F 115 -17.06 -42.57 -15.90
N LYS F 116 -16.19 -42.96 -14.98
CA LYS F 116 -16.24 -42.46 -13.61
C LYS F 116 -15.95 -40.94 -13.65
N VAL F 117 -15.30 -40.48 -14.74
CA VAL F 117 -15.05 -39.06 -15.06
C VAL F 117 -16.31 -38.39 -15.54
N LEU F 118 -16.81 -38.89 -16.68
CA LEU F 118 -18.11 -38.50 -17.16
C LEU F 118 -19.20 -38.57 -16.08
N GLU F 119 -18.96 -39.38 -15.05
CA GLU F 119 -19.89 -39.40 -13.96
C GLU F 119 -19.85 -38.09 -13.15
N LEU F 120 -18.67 -37.46 -13.05
CA LEU F 120 -18.54 -36.16 -12.37
C LEU F 120 -19.57 -35.14 -12.83
N CYS F 121 -19.88 -35.17 -14.11
CA CYS F 121 -20.87 -34.30 -14.69
C CYS F 121 -22.25 -34.49 -14.09
N HIS F 122 -22.36 -35.44 -13.17
CA HIS F 122 -23.64 -35.71 -12.52
C HIS F 122 -23.68 -35.19 -11.08
N ARG F 123 -22.61 -34.52 -10.69
CA ARG F 123 -22.61 -34.01 -9.35
C ARG F 123 -23.50 -32.79 -9.23
N LYS F 124 -23.80 -32.49 -8.00
CA LYS F 124 -24.61 -31.36 -7.67
C LYS F 124 -23.74 -30.12 -7.40
N MSE F 125 -22.44 -30.29 -7.12
CA MSE F 125 -21.53 -29.15 -6.80
C MSE F 125 -20.10 -29.54 -6.53
O MSE F 125 -19.83 -30.69 -6.22
CB MSE F 125 -22.02 -28.33 -5.59
CG MSE F 125 -21.90 -29.01 -4.17
SE MSE F 125 -23.14 -28.35 -2.63
CE MSE F 125 -24.96 -28.40 -3.55
N GLY F 126 -19.21 -28.55 -6.59
CA GLY F 126 -17.83 -28.76 -6.18
C GLY F 126 -16.79 -28.39 -7.21
N LEU F 127 -15.54 -28.57 -6.86
CA LEU F 127 -14.43 -28.33 -7.76
C LEU F 127 -14.11 -29.54 -8.66
N ILE F 128 -13.82 -29.31 -9.93
CA ILE F 128 -13.34 -30.35 -10.80
C ILE F 128 -12.22 -29.74 -11.55
N LEU F 129 -11.01 -29.95 -11.12
CA LEU F 129 -9.88 -29.35 -11.80
C LEU F 129 -9.33 -30.19 -12.93
N VAL F 130 -8.92 -29.60 -14.01
CA VAL F 130 -8.41 -30.35 -15.12
C VAL F 130 -7.11 -29.73 -15.49
N THR F 131 -6.11 -30.03 -14.71
CA THR F 131 -4.78 -29.41 -14.84
C THR F 131 -4.05 -29.83 -16.10
N GLY F 132 -2.86 -29.30 -16.35
CA GLY F 132 -2.02 -29.81 -17.43
C GLY F 132 -1.39 -28.73 -18.26
N PRO F 133 -0.13 -28.96 -18.71
CA PRO F 133 0.70 -28.00 -19.40
C PRO F 133 0.26 -27.78 -20.84
N THR F 134 0.45 -26.54 -21.32
CA THR F 134 -0.16 -26.03 -22.57
C THR F 134 -0.08 -26.94 -23.80
N GLY F 135 -1.21 -27.25 -24.41
CA GLY F 135 -1.23 -28.20 -25.52
C GLY F 135 -1.28 -29.63 -25.01
N SER F 136 -1.97 -29.81 -23.88
CA SER F 136 -2.35 -31.13 -23.35
C SER F 136 -3.89 -31.36 -23.41
N GLY F 137 -4.56 -30.44 -24.12
CA GLY F 137 -5.97 -30.56 -24.48
C GLY F 137 -6.83 -30.59 -23.26
N LYS F 138 -6.65 -29.60 -22.38
CA LYS F 138 -7.55 -29.49 -21.19
C LYS F 138 -8.90 -28.79 -21.51
N SER F 139 -8.89 -27.88 -22.49
CA SER F 139 -10.14 -27.31 -23.02
C SER F 139 -10.92 -28.37 -23.78
N THR F 140 -10.23 -29.14 -24.61
CA THR F 140 -10.74 -30.33 -25.26
C THR F 140 -11.51 -31.26 -24.30
N THR F 141 -10.87 -31.69 -23.24
CA THR F 141 -11.52 -32.44 -22.16
C THR F 141 -12.74 -31.69 -21.59
N ILE F 142 -12.48 -30.49 -21.10
CA ILE F 142 -13.52 -29.68 -20.54
C ILE F 142 -14.65 -29.69 -21.56
N ALA F 143 -14.42 -29.03 -22.67
CA ALA F 143 -15.46 -28.85 -23.67
C ALA F 143 -16.37 -30.07 -23.77
N SER F 144 -15.77 -31.25 -23.62
CA SER F 144 -16.51 -32.50 -23.76
C SER F 144 -17.55 -32.59 -22.67
N MSE F 145 -17.07 -32.56 -21.44
CA MSE F 145 -17.92 -32.74 -20.26
C MSE F 145 -19.03 -31.69 -20.13
O MSE F 145 -20.20 -32.00 -19.82
CB MSE F 145 -17.06 -32.72 -19.03
CG MSE F 145 -15.90 -33.62 -19.12
SE MSE F 145 -14.72 -33.49 -17.62
CE MSE F 145 -16.04 -34.08 -16.05
N ILE F 146 -18.63 -30.45 -20.35
CA ILE F 146 -19.55 -29.37 -20.36
C ILE F 146 -20.61 -29.75 -21.40
N ASP F 147 -20.22 -30.01 -22.66
CA ASP F 147 -21.21 -30.33 -23.73
C ASP F 147 -22.12 -31.51 -23.37
N TYR F 148 -21.49 -32.52 -22.78
CA TYR F 148 -22.24 -33.65 -22.25
C TYR F 148 -23.35 -33.14 -21.35
N ILE F 149 -23.03 -32.16 -20.49
CA ILE F 149 -24.02 -31.53 -19.62
C ILE F 149 -25.00 -30.68 -20.41
N ASN F 150 -24.51 -29.96 -21.41
CA ASN F 150 -25.35 -29.19 -22.28
C ASN F 150 -26.50 -30.02 -22.86
N GLN F 151 -26.20 -31.24 -23.29
CA GLN F 151 -27.23 -32.10 -23.82
C GLN F 151 -28.03 -32.75 -22.72
N THR F 152 -27.34 -33.38 -21.78
CA THR F 152 -28.04 -34.18 -20.79
C THR F 152 -28.92 -33.38 -19.84
N LYS F 153 -28.44 -32.24 -19.35
CA LYS F 153 -29.12 -31.52 -18.23
C LYS F 153 -29.77 -30.16 -18.55
N SER F 154 -30.90 -29.89 -17.90
CA SER F 154 -31.66 -28.65 -18.11
C SER F 154 -31.04 -27.49 -17.32
N TYR F 155 -29.97 -26.96 -17.89
CA TYR F 155 -28.98 -26.23 -17.11
C TYR F 155 -28.56 -24.86 -17.73
N HIS F 156 -27.98 -23.98 -16.91
CA HIS F 156 -27.52 -22.69 -17.38
C HIS F 156 -26.03 -22.59 -17.15
N ILE F 157 -25.27 -23.06 -18.11
CA ILE F 157 -23.84 -23.09 -17.95
C ILE F 157 -23.30 -21.78 -18.44
N ILE F 158 -22.24 -21.35 -17.77
CA ILE F 158 -21.57 -20.08 -17.97
C ILE F 158 -20.06 -20.36 -17.99
N THR F 159 -19.37 -19.86 -19.02
CA THR F 159 -17.90 -20.00 -19.08
C THR F 159 -17.15 -18.67 -19.24
N ILE F 160 -16.07 -18.51 -18.49
CA ILE F 160 -15.33 -17.30 -18.53
C ILE F 160 -13.99 -17.66 -19.13
N GLU F 161 -13.87 -17.72 -20.45
CA GLU F 161 -12.68 -18.29 -21.10
C GLU F 161 -11.69 -17.27 -21.56
N ASP F 162 -10.47 -17.68 -21.86
CA ASP F 162 -9.52 -16.82 -22.54
C ASP F 162 -8.59 -17.55 -23.46
N PRO F 163 -8.88 -17.54 -24.77
CA PRO F 163 -10.08 -17.05 -25.37
C PRO F 163 -11.13 -18.17 -25.42
N ILE F 164 -12.25 -17.94 -26.07
CA ILE F 164 -13.24 -19.01 -26.26
C ILE F 164 -12.65 -20.00 -27.24
N GLU F 165 -12.47 -21.22 -26.76
CA GLU F 165 -11.82 -22.22 -27.58
C GLU F 165 -12.89 -22.92 -28.44
N TYR F 166 -13.93 -23.42 -27.79
CA TYR F 166 -14.96 -24.13 -28.52
C TYR F 166 -16.19 -23.28 -28.37
N VAL F 167 -17.00 -23.18 -29.41
CA VAL F 167 -18.34 -22.61 -29.24
C VAL F 167 -19.25 -23.71 -28.74
N PHE F 168 -20.04 -23.45 -27.70
CA PHE F 168 -21.08 -24.41 -27.32
C PHE F 168 -22.38 -24.21 -28.11
N LYS F 169 -23.09 -25.28 -28.42
CA LYS F 169 -24.32 -25.18 -29.22
C LYS F 169 -25.57 -25.35 -28.36
N HIS F 170 -26.76 -25.28 -28.98
CA HIS F 170 -27.97 -25.14 -28.16
C HIS F 170 -28.87 -26.37 -27.94
N LYS F 171 -28.79 -26.95 -26.72
CA LYS F 171 -29.59 -28.13 -26.33
C LYS F 171 -30.44 -27.88 -25.08
N LYS F 172 -30.35 -28.80 -24.09
CA LYS F 172 -31.22 -28.78 -22.89
C LYS F 172 -30.82 -27.72 -21.93
N SER F 173 -29.53 -27.42 -21.93
CA SER F 173 -28.93 -26.30 -21.19
C SER F 173 -28.60 -25.07 -22.08
N ILE F 174 -28.56 -23.90 -21.44
CA ILE F 174 -28.46 -22.60 -22.09
C ILE F 174 -27.08 -21.99 -21.74
N VAL F 175 -26.28 -21.71 -22.76
CA VAL F 175 -24.87 -21.54 -22.53
C VAL F 175 -24.33 -20.21 -22.89
N ASN F 176 -23.93 -19.47 -21.85
CA ASN F 176 -23.24 -18.19 -21.99
C ASN F 176 -21.72 -18.42 -21.97
N GLN F 177 -21.00 -17.91 -22.97
CA GLN F 177 -19.57 -17.86 -22.85
C GLN F 177 -19.10 -16.41 -22.88
N ARG F 178 -18.12 -16.07 -22.02
CA ARG F 178 -17.62 -14.72 -21.87
C ARG F 178 -16.14 -14.66 -22.09
N GLU F 179 -15.75 -14.16 -23.23
CA GLU F 179 -14.36 -14.07 -23.58
C GLU F 179 -13.80 -12.91 -22.83
N VAL F 180 -12.67 -13.07 -22.18
CA VAL F 180 -12.03 -11.98 -21.52
C VAL F 180 -11.25 -11.09 -22.47
N GLY F 181 -11.33 -9.80 -22.23
CA GLY F 181 -10.76 -8.82 -23.14
C GLY F 181 -11.92 -8.32 -23.96
N GLU F 182 -12.64 -9.24 -24.58
CA GLU F 182 -13.78 -8.88 -25.40
C GLU F 182 -15.00 -8.44 -24.60
N ASP F 183 -15.40 -9.24 -23.62
CA ASP F 183 -16.73 -9.07 -23.05
C ASP F 183 -16.70 -8.80 -21.53
N THR F 184 -15.51 -8.80 -20.96
CA THR F 184 -15.34 -8.39 -19.58
C THR F 184 -13.94 -7.89 -19.47
N LYS F 185 -13.65 -7.23 -18.37
CA LYS F 185 -12.41 -6.51 -18.18
C LYS F 185 -11.39 -7.42 -17.53
N SER F 186 -11.85 -8.46 -16.85
CA SER F 186 -10.95 -9.30 -16.09
C SER F 186 -11.65 -10.54 -15.59
N PHE F 187 -10.91 -11.64 -15.51
CA PHE F 187 -11.44 -12.83 -14.90
C PHE F 187 -12.12 -12.46 -13.59
N ALA F 188 -11.60 -11.41 -12.95
CA ALA F 188 -12.06 -11.03 -11.62
C ALA F 188 -13.55 -10.73 -11.64
N ASP F 189 -13.91 -9.55 -12.10
CA ASP F 189 -15.29 -9.15 -12.10
C ASP F 189 -16.13 -10.03 -13.00
N ALA F 190 -15.51 -10.73 -13.95
CA ALA F 190 -16.27 -11.55 -14.86
C ALA F 190 -16.89 -12.71 -14.13
N LEU F 191 -16.06 -13.40 -13.34
CA LEU F 191 -16.57 -14.42 -12.44
C LEU F 191 -17.58 -13.75 -11.48
N ARG F 192 -17.13 -12.73 -10.75
CA ARG F 192 -17.82 -12.15 -9.61
C ARG F 192 -19.24 -11.82 -9.94
N ALA F 193 -19.48 -11.61 -11.22
CA ALA F 193 -20.82 -11.36 -11.73
C ALA F 193 -21.45 -12.68 -12.10
N ALA F 194 -20.72 -13.54 -12.76
CA ALA F 194 -21.27 -14.84 -13.01
C ALA F 194 -22.01 -15.36 -11.76
N LEU F 195 -21.45 -15.13 -10.59
CA LEU F 195 -22.01 -15.59 -9.31
C LEU F 195 -23.35 -15.01 -8.97
N ARG F 196 -23.80 -14.07 -9.80
CA ARG F 196 -25.04 -13.36 -9.54
C ARG F 196 -25.99 -13.69 -10.66
N GLU F 197 -25.40 -14.04 -11.81
CA GLU F 197 -26.13 -14.27 -13.06
C GLU F 197 -26.89 -15.59 -13.03
N ASP F 198 -27.06 -16.13 -11.82
CA ASP F 198 -27.77 -17.40 -11.55
C ASP F 198 -27.26 -18.51 -12.48
N PRO F 199 -26.13 -19.14 -12.10
CA PRO F 199 -25.50 -20.19 -12.85
C PRO F 199 -25.68 -21.56 -12.20
N ASP F 200 -25.46 -22.60 -13.01
CA ASP F 200 -25.56 -24.01 -12.61
C ASP F 200 -24.17 -24.61 -12.61
N VAL F 201 -23.46 -24.37 -13.69
CA VAL F 201 -22.08 -24.75 -13.81
C VAL F 201 -21.27 -23.55 -14.28
N ILE F 202 -20.19 -23.23 -13.57
CA ILE F 202 -19.31 -22.09 -13.91
C ILE F 202 -17.94 -22.60 -14.32
N PHE F 203 -17.32 -22.00 -15.30
CA PHE F 203 -16.01 -22.47 -15.71
C PHE F 203 -14.95 -21.41 -15.60
N VAL F 204 -14.35 -21.29 -14.45
CA VAL F 204 -13.31 -20.30 -14.28
C VAL F 204 -12.19 -20.69 -15.17
N GLY F 205 -11.86 -19.87 -16.13
CA GLY F 205 -11.00 -20.28 -17.23
C GLY F 205 -9.58 -20.70 -16.94
N GLU F 206 -8.94 -20.02 -15.98
CA GLU F 206 -7.61 -20.39 -15.44
C GLU F 206 -7.52 -19.85 -14.03
N MSE F 207 -6.82 -20.56 -13.13
CA MSE F 207 -6.78 -20.17 -11.70
C MSE F 207 -5.42 -19.70 -11.21
O MSE F 207 -4.91 -20.18 -10.19
CB MSE F 207 -7.36 -21.25 -10.79
CG MSE F 207 -8.86 -21.44 -11.01
SE MSE F 207 -9.85 -22.40 -9.58
CE MSE F 207 -8.28 -23.13 -8.63
N ARG F 208 -4.88 -18.74 -11.97
CA ARG F 208 -3.57 -18.11 -11.76
C ARG F 208 -3.48 -17.28 -10.49
N ASP F 209 -4.63 -16.78 -10.04
CA ASP F 209 -4.72 -15.62 -9.17
C ASP F 209 -5.49 -15.86 -7.87
N LEU F 210 -4.89 -15.46 -6.76
CA LEU F 210 -5.45 -15.67 -5.43
C LEU F 210 -6.95 -15.35 -5.29
N GLU F 211 -7.38 -14.28 -5.96
CA GLU F 211 -8.75 -13.80 -5.78
C GLU F 211 -9.72 -14.65 -6.59
N THR F 212 -9.34 -14.94 -7.82
CA THR F 212 -10.06 -15.92 -8.61
C THR F 212 -10.34 -17.19 -7.78
N VAL F 213 -9.27 -17.87 -7.36
CA VAL F 213 -9.38 -19.13 -6.63
C VAL F 213 -10.39 -18.96 -5.55
N GLU F 214 -10.29 -17.84 -4.84
CA GLU F 214 -11.07 -17.63 -3.65
C GLU F 214 -12.54 -17.85 -3.93
N THR F 215 -13.05 -17.15 -4.94
CA THR F 215 -14.46 -17.22 -5.29
C THR F 215 -14.75 -18.55 -5.96
N ALA F 216 -13.87 -18.98 -6.87
CA ALA F 216 -14.06 -20.28 -7.51
C ALA F 216 -14.42 -21.35 -6.48
N LEU F 217 -13.86 -21.22 -5.28
CA LEU F 217 -14.16 -22.12 -4.21
C LEU F 217 -15.48 -21.75 -3.69
N ARG F 218 -15.57 -20.51 -3.24
CA ARG F 218 -16.75 -19.97 -2.62
C ARG F 218 -18.03 -20.23 -3.43
N ALA F 219 -17.83 -20.55 -4.71
CA ALA F 219 -18.92 -20.83 -5.67
C ALA F 219 -19.23 -22.32 -5.74
N ALA F 220 -18.19 -23.11 -5.52
CA ALA F 220 -18.31 -24.57 -5.50
C ALA F 220 -18.96 -25.05 -4.22
N GLU F 221 -18.59 -24.39 -3.13
CA GLU F 221 -19.07 -24.78 -1.83
C GLU F 221 -20.45 -24.24 -1.57
N THR F 222 -21.05 -23.65 -2.59
CA THR F 222 -22.32 -22.98 -2.40
C THR F 222 -23.46 -23.37 -3.38
N GLY F 223 -23.33 -24.52 -4.04
CA GLY F 223 -24.41 -25.05 -4.90
C GLY F 223 -24.14 -25.09 -6.39
N HIS F 224 -22.89 -24.86 -6.77
CA HIS F 224 -22.57 -24.82 -8.18
C HIS F 224 -21.44 -25.78 -8.54
N LEU F 225 -21.41 -26.17 -9.81
CA LEU F 225 -20.28 -26.91 -10.29
C LEU F 225 -19.25 -25.95 -10.84
N VAL F 226 -18.07 -26.01 -10.26
CA VAL F 226 -17.01 -25.13 -10.63
C VAL F 226 -15.89 -25.85 -11.31
N PHE F 227 -15.81 -25.77 -12.62
CA PHE F 227 -14.74 -26.40 -13.34
C PHE F 227 -13.61 -25.43 -13.32
N GLY F 228 -12.44 -25.83 -12.87
CA GLY F 228 -11.27 -24.97 -12.93
C GLY F 228 -10.27 -25.56 -13.86
N THR F 229 -9.20 -24.87 -14.18
CA THR F 229 -8.08 -25.50 -14.85
C THR F 229 -6.81 -24.83 -14.45
N LEU F 230 -5.69 -25.55 -14.55
CA LEU F 230 -4.39 -25.07 -14.07
C LEU F 230 -3.23 -25.53 -14.95
N HIS F 231 -2.00 -25.36 -14.44
CA HIS F 231 -0.79 -25.83 -15.14
C HIS F 231 0.11 -26.88 -14.39
N THR F 232 -0.37 -27.43 -13.26
CA THR F 232 0.39 -28.41 -12.47
C THR F 232 0.32 -29.75 -13.17
N ASN F 233 1.20 -30.66 -12.75
CA ASN F 233 1.40 -31.92 -13.47
C ASN F 233 0.79 -33.18 -12.89
N THR F 234 0.81 -33.28 -11.56
CA THR F 234 0.15 -34.38 -10.83
C THR F 234 -0.95 -33.85 -9.91
N ALA F 235 -1.75 -34.77 -9.37
CA ALA F 235 -2.84 -34.46 -8.45
C ALA F 235 -2.34 -33.75 -7.20
N ILE F 236 -1.45 -34.39 -6.47
CA ILE F 236 -0.92 -33.84 -5.22
C ILE F 236 -0.12 -32.53 -5.45
N ASP F 237 0.27 -32.28 -6.68
CA ASP F 237 0.90 -31.04 -7.02
C ASP F 237 -0.16 -29.96 -7.04
N THR F 238 -1.26 -30.27 -7.73
CA THR F 238 -2.39 -29.37 -7.85
C THR F 238 -2.79 -28.91 -6.47
N ILE F 239 -3.27 -29.83 -5.66
CA ILE F 239 -3.79 -29.49 -4.34
C ILE F 239 -2.76 -28.96 -3.35
N HIS F 240 -1.48 -29.01 -3.69
CA HIS F 240 -0.50 -28.25 -2.94
C HIS F 240 -0.58 -26.83 -3.47
N ARG F 241 -0.43 -26.73 -4.77
CA ARG F 241 -0.17 -25.48 -5.44
C ARG F 241 -1.33 -24.47 -5.39
N ILE F 242 -2.56 -24.91 -5.12
CA ILE F 242 -3.65 -23.94 -4.92
C ILE F 242 -3.68 -23.46 -3.49
N VAL F 243 -3.29 -24.33 -2.57
CA VAL F 243 -3.23 -23.92 -1.17
C VAL F 243 -1.99 -23.04 -0.97
N ASP F 244 -0.98 -23.24 -1.80
CA ASP F 244 0.30 -22.50 -1.72
C ASP F 244 0.22 -21.04 -2.15
N ILE F 245 -0.91 -20.64 -2.74
CA ILE F 245 -1.11 -19.26 -3.16
C ILE F 245 -1.94 -18.48 -2.14
N PHE F 246 -2.33 -19.16 -1.07
CA PHE F 246 -2.93 -18.51 0.08
C PHE F 246 -1.87 -18.01 1.07
N PRO F 247 -2.22 -16.99 1.89
CA PRO F 247 -1.44 -16.70 3.11
C PRO F 247 -1.62 -17.81 4.16
N LEU F 248 -0.49 -18.31 4.71
CA LEU F 248 -0.52 -19.49 5.57
C LEU F 248 -1.09 -19.25 6.95
N ASN F 249 -1.36 -17.99 7.24
CA ASN F 249 -2.13 -17.61 8.42
C ASN F 249 -3.32 -18.56 8.60
N GLN F 250 -4.06 -18.78 7.52
CA GLN F 250 -5.26 -19.60 7.54
C GLN F 250 -5.10 -20.79 6.63
N GLN F 251 -3.95 -20.86 5.96
CA GLN F 251 -3.72 -21.86 4.92
C GLN F 251 -4.39 -23.20 5.16
N GLU F 252 -4.26 -23.69 6.39
CA GLU F 252 -4.90 -24.93 6.81
C GLU F 252 -6.34 -24.98 6.34
N GLN F 253 -7.06 -23.87 6.51
CA GLN F 253 -8.51 -23.83 6.41
C GLN F 253 -9.03 -24.12 5.03
N VAL F 254 -8.14 -24.05 4.05
CA VAL F 254 -8.52 -24.32 2.69
C VAL F 254 -8.40 -25.80 2.43
N ARG F 255 -7.30 -26.38 2.91
CA ARG F 255 -7.07 -27.84 2.85
C ARG F 255 -8.33 -28.61 3.28
N ILE F 256 -8.95 -28.15 4.37
CA ILE F 256 -10.17 -28.74 4.89
C ILE F 256 -11.31 -28.54 3.90
N VAL F 257 -11.67 -27.30 3.60
CA VAL F 257 -12.73 -27.00 2.64
C VAL F 257 -12.50 -27.76 1.32
N LEU F 258 -11.22 -27.93 0.99
CA LEU F 258 -10.84 -28.61 -0.21
C LEU F 258 -11.12 -30.09 -0.12
N SER F 259 -10.97 -30.63 1.07
CA SER F 259 -11.27 -32.02 1.29
C SER F 259 -12.75 -32.22 1.64
N PHE F 260 -13.59 -31.45 0.98
CA PHE F 260 -15.02 -31.67 1.05
C PHE F 260 -15.62 -31.23 -0.29
N ILE F 261 -15.00 -30.24 -0.91
CA ILE F 261 -15.53 -29.73 -2.18
C ILE F 261 -14.70 -30.05 -3.43
N LEU F 262 -13.56 -30.70 -3.20
CA LEU F 262 -12.81 -31.35 -4.24
C LEU F 262 -13.64 -32.54 -4.73
N GLN F 263 -13.87 -32.63 -6.03
CA GLN F 263 -14.69 -33.69 -6.50
C GLN F 263 -14.03 -34.40 -7.63
N GLY F 264 -12.92 -33.86 -8.14
CA GLY F 264 -12.10 -34.56 -9.13
C GLY F 264 -10.90 -33.81 -9.64
N ILE F 265 -9.75 -34.46 -9.71
CA ILE F 265 -8.59 -33.85 -10.29
C ILE F 265 -8.09 -34.72 -11.41
N ILE F 266 -7.96 -34.16 -12.61
CA ILE F 266 -7.53 -34.89 -13.80
C ILE F 266 -6.35 -34.20 -14.53
N SER F 267 -5.12 -34.52 -14.17
CA SER F 267 -3.97 -33.97 -14.88
C SER F 267 -3.82 -34.65 -16.23
N GLN F 268 -3.33 -33.95 -17.23
CA GLN F 268 -3.31 -34.55 -18.55
C GLN F 268 -2.03 -34.28 -19.25
N ARG F 269 -1.75 -35.07 -20.30
CA ARG F 269 -0.69 -34.78 -21.27
C ARG F 269 -0.94 -35.47 -22.58
N LEU F 270 -0.60 -34.79 -23.66
CA LEU F 270 -0.80 -35.32 -25.00
C LEU F 270 0.50 -35.86 -25.58
N LEU F 271 0.43 -37.06 -26.14
CA LEU F 271 1.59 -37.75 -26.67
C LEU F 271 1.44 -38.13 -28.12
N PRO F 272 2.57 -38.31 -28.82
CA PRO F 272 2.65 -38.92 -30.15
C PRO F 272 2.34 -40.46 -30.18
N LYS F 273 1.27 -40.82 -30.88
CA LYS F 273 0.87 -42.22 -31.06
C LYS F 273 1.69 -42.87 -32.16
N ILE F 274 1.77 -44.20 -32.10
CA ILE F 274 2.35 -45.05 -33.15
C ILE F 274 1.66 -44.91 -34.55
N GLY F 275 0.40 -44.44 -34.54
CA GLY F 275 -0.39 -44.18 -35.76
C GLY F 275 -0.46 -42.74 -36.28
N GLY F 276 -1.50 -42.00 -35.88
CA GLY F 276 -1.71 -40.61 -36.32
C GLY F 276 -1.22 -39.54 -35.35
N GLY F 277 -0.51 -39.96 -34.30
CA GLY F 277 0.08 -39.04 -33.31
C GLY F 277 -0.80 -38.49 -32.15
N ARG F 278 -2.01 -39.04 -32.01
CA ARG F 278 -3.07 -38.49 -31.14
C ARG F 278 -3.43 -39.37 -29.98
N VAL F 279 -2.63 -39.40 -28.93
CA VAL F 279 -3.05 -40.18 -27.76
C VAL F 279 -2.78 -39.51 -26.40
N LEU F 280 -3.77 -39.59 -25.50
CA LEU F 280 -3.73 -38.88 -24.23
C LEU F 280 -3.47 -39.77 -23.02
N ALA F 281 -2.66 -39.25 -22.10
CA ALA F 281 -2.38 -39.91 -20.82
C ALA F 281 -2.80 -39.04 -19.67
N TYR F 282 -3.25 -39.67 -18.59
CA TYR F 282 -3.83 -38.93 -17.50
C TYR F 282 -3.59 -39.58 -16.18
N GLU F 283 -3.74 -38.78 -15.14
CA GLU F 283 -3.73 -39.26 -13.77
C GLU F 283 -5.08 -38.86 -13.19
N LEU F 284 -5.70 -39.72 -12.39
CA LEU F 284 -7.09 -39.54 -12.03
C LEU F 284 -7.38 -39.77 -10.56
N LEU F 285 -7.93 -38.76 -9.92
CA LEU F 285 -8.28 -38.84 -8.51
C LEU F 285 -9.67 -38.32 -8.24
N ILE F 286 -10.60 -39.23 -7.97
CA ILE F 286 -11.91 -38.86 -7.50
C ILE F 286 -12.09 -39.27 -6.04
N PRO F 287 -12.04 -38.31 -5.08
CA PRO F 287 -12.15 -38.54 -3.64
C PRO F 287 -13.39 -39.31 -3.17
N ASN F 288 -13.14 -40.43 -2.48
CA ASN F 288 -14.15 -41.23 -1.76
C ASN F 288 -14.06 -41.01 -0.26
N THR F 289 -15.10 -41.40 0.46
CA THR F 289 -15.22 -41.11 1.89
C THR F 289 -13.90 -41.29 2.70
N ALA F 290 -12.99 -42.14 2.21
CA ALA F 290 -11.68 -42.33 2.82
C ALA F 290 -10.71 -41.18 2.51
N ILE F 291 -10.43 -40.96 1.22
CA ILE F 291 -9.43 -39.97 0.78
C ILE F 291 -9.63 -38.57 1.39
N ARG F 292 -10.89 -38.25 1.66
CA ARG F 292 -11.29 -37.00 2.27
C ARG F 292 -10.49 -36.74 3.51
N ASN F 293 -10.55 -37.69 4.43
CA ASN F 293 -9.90 -37.54 5.72
C ASN F 293 -8.39 -37.37 5.65
N LEU F 294 -7.80 -37.91 4.60
CA LEU F 294 -6.36 -37.83 4.48
C LEU F 294 -5.95 -36.39 4.25
N ILE F 295 -6.64 -35.75 3.33
CA ILE F 295 -6.32 -34.40 2.89
C ILE F 295 -6.63 -33.40 4.02
N ARG F 296 -7.65 -33.72 4.80
CA ARG F 296 -8.05 -32.97 5.99
C ARG F 296 -6.88 -32.84 6.94
N GLU F 297 -6.20 -33.95 7.14
CA GLU F 297 -5.11 -33.97 8.09
C GLU F 297 -3.75 -33.79 7.37
N ASN F 298 -3.74 -33.01 6.29
CA ASN F 298 -2.50 -32.65 5.57
C ASN F 298 -1.78 -33.85 4.92
N LYS F 299 -2.16 -35.07 5.30
CA LYS F 299 -1.44 -36.28 4.93
C LYS F 299 -1.60 -36.60 3.44
N LEU F 300 -0.64 -36.15 2.64
CA LEU F 300 -0.75 -36.13 1.17
C LEU F 300 -0.13 -37.35 0.42
N GLN F 301 1.21 -37.55 0.48
CA GLN F 301 1.85 -38.70 -0.20
C GLN F 301 1.37 -40.05 0.38
N GLN F 302 0.56 -39.94 1.44
CA GLN F 302 -0.27 -41.04 1.92
C GLN F 302 -1.48 -41.30 0.98
N VAL F 303 -1.87 -40.28 0.22
CA VAL F 303 -2.85 -40.45 -0.86
C VAL F 303 -2.15 -41.03 -2.10
N TYR F 304 -0.90 -40.66 -2.34
CA TYR F 304 -0.13 -41.24 -3.44
C TYR F 304 -0.02 -42.76 -3.26
N SER F 305 0.28 -43.18 -2.03
CA SER F 305 0.25 -44.58 -1.65
C SER F 305 -1.08 -45.19 -2.13
N LEU F 306 -2.18 -44.51 -1.79
CA LEU F 306 -3.55 -45.00 -2.01
C LEU F 306 -4.02 -44.92 -3.45
N MSE F 307 -3.12 -44.62 -4.38
CA MSE F 307 -3.52 -44.52 -5.77
C MSE F 307 -3.09 -45.78 -6.56
O MSE F 307 -1.90 -46.00 -6.85
CB MSE F 307 -3.10 -43.18 -6.42
CG MSE F 307 -4.17 -42.04 -6.29
SE MSE F 307 -3.53 -40.12 -6.20
CE MSE F 307 -3.61 -39.57 -8.11
N GLN F 308 -4.10 -46.62 -6.81
CA GLN F 308 -3.96 -47.86 -7.58
C GLN F 308 -5.30 -48.51 -7.99
N MSE F 316 -7.67 -43.29 -7.20
CA MSE F 316 -8.11 -44.04 -8.39
C MSE F 316 -7.03 -44.66 -9.31
O MSE F 316 -7.11 -45.87 -9.61
CB MSE F 316 -9.11 -43.23 -9.24
CG MSE F 316 -10.57 -43.66 -9.11
SE MSE F 316 -11.15 -45.43 -9.85
CE MSE F 316 -9.88 -45.77 -11.43
N GLN F 317 -6.06 -43.87 -9.78
CA GLN F 317 -5.04 -44.35 -10.77
C GLN F 317 -3.87 -43.38 -11.01
N THR F 318 -2.62 -43.83 -10.81
CA THR F 318 -1.43 -42.96 -11.00
C THR F 318 -1.10 -42.64 -12.45
N MSE F 319 -0.20 -41.69 -12.66
CA MSE F 319 0.16 -41.24 -13.99
C MSE F 319 0.97 -42.36 -14.63
O MSE F 319 0.54 -42.93 -15.66
CB MSE F 319 0.99 -39.91 -13.95
CG MSE F 319 0.53 -38.71 -14.85
SE MSE F 319 0.11 -38.95 -16.79
CE MSE F 319 0.07 -37.14 -17.39
N ASN F 320 2.08 -42.73 -14.03
CA ASN F 320 2.92 -43.78 -14.57
C ASN F 320 2.06 -44.97 -14.92
N GLN F 321 1.10 -45.24 -14.04
CA GLN F 321 0.20 -46.39 -14.19
C GLN F 321 -0.53 -46.34 -15.54
N THR F 322 -0.93 -45.14 -15.95
CA THR F 322 -1.63 -44.99 -17.22
C THR F 322 -0.64 -44.76 -18.36
N LEU F 323 0.62 -45.11 -18.11
CA LEU F 323 1.60 -45.19 -19.17
C LEU F 323 1.99 -46.65 -19.43
N TYR F 324 2.07 -47.43 -18.35
CA TYR F 324 2.28 -48.87 -18.48
C TYR F 324 1.12 -49.50 -19.26
N LYS F 325 -0.11 -49.22 -18.82
CA LYS F 325 -1.35 -49.74 -19.47
C LYS F 325 -1.49 -49.20 -20.91
N LEU F 326 -0.65 -48.21 -21.24
CA LEU F 326 -0.63 -47.60 -22.56
C LEU F 326 0.47 -48.15 -23.49
N TYR F 327 1.67 -48.36 -22.94
CA TYR F 327 2.82 -48.86 -23.74
C TYR F 327 2.75 -50.37 -24.00
N LYS F 328 2.31 -51.13 -22.99
CA LYS F 328 2.13 -52.58 -23.10
C LYS F 328 1.10 -52.97 -24.17
N GLN F 329 0.26 -52.01 -24.59
CA GLN F 329 -0.72 -52.23 -25.64
C GLN F 329 -0.13 -51.78 -26.99
N GLY F 330 1.05 -51.17 -26.92
CA GLY F 330 1.82 -50.75 -28.10
C GLY F 330 1.28 -49.53 -28.83
N LEU F 331 1.16 -48.41 -28.11
CA LEU F 331 0.66 -47.13 -28.66
C LEU F 331 1.66 -45.98 -28.46
N ILE F 332 2.46 -46.09 -27.39
CA ILE F 332 3.47 -45.10 -27.05
C ILE F 332 4.83 -45.74 -26.81
N THR F 333 5.90 -45.06 -27.20
CA THR F 333 7.25 -45.62 -27.11
C THR F 333 7.79 -45.69 -25.68
N LEU F 334 8.65 -46.68 -25.43
CA LEU F 334 9.35 -46.90 -24.14
C LEU F 334 10.18 -45.68 -23.76
N GLU F 335 10.31 -44.75 -24.72
CA GLU F 335 11.15 -43.57 -24.56
C GLU F 335 10.42 -42.21 -24.60
N ASP F 336 9.19 -42.21 -25.11
CA ASP F 336 8.40 -41.00 -25.04
C ASP F 336 7.71 -40.85 -23.68
N ALA F 337 7.39 -41.99 -23.05
CA ALA F 337 6.69 -42.00 -21.77
C ALA F 337 7.57 -41.99 -20.52
N MSE F 338 8.88 -42.28 -20.67
CA MSE F 338 9.87 -42.08 -19.58
C MSE F 338 10.44 -40.65 -19.66
O MSE F 338 11.59 -40.37 -19.24
CB MSE F 338 11.02 -43.13 -19.63
CG MSE F 338 10.81 -44.39 -18.76
SE MSE F 338 10.84 -44.02 -16.78
CE MSE F 338 8.88 -44.26 -16.35
N GLU F 339 9.59 -39.77 -20.18
CA GLU F 339 9.94 -38.44 -20.59
C GLU F 339 8.89 -37.52 -20.00
N ALA F 340 7.63 -37.89 -20.18
CA ALA F 340 6.49 -37.15 -19.67
C ALA F 340 6.15 -37.55 -18.24
N SER F 341 6.62 -38.73 -17.85
CA SER F 341 6.39 -39.30 -16.51
C SER F 341 7.15 -38.53 -15.44
N PRO F 342 6.40 -37.98 -14.47
CA PRO F 342 6.99 -37.47 -13.25
C PRO F 342 8.14 -38.37 -12.68
N ASP F 343 7.85 -39.63 -12.34
CA ASP F 343 8.86 -40.48 -11.68
C ASP F 343 9.35 -41.66 -12.55
N PRO F 344 10.63 -41.59 -12.97
CA PRO F 344 11.25 -42.72 -13.65
C PRO F 344 11.15 -44.05 -12.86
N LYS F 345 11.28 -43.96 -11.54
CA LYS F 345 11.30 -45.14 -10.64
C LYS F 345 10.10 -46.13 -10.75
N GLU F 346 8.88 -45.60 -10.76
CA GLU F 346 7.64 -46.39 -10.52
C GLU F 346 7.20 -47.27 -11.70
N LEU F 347 8.06 -47.32 -12.72
CA LEU F 347 7.84 -48.17 -13.88
C LEU F 347 9.14 -48.88 -14.27
N GLU F 348 9.22 -49.32 -15.53
CA GLU F 348 10.33 -50.10 -16.08
C GLU F 348 10.55 -51.41 -15.29
N ARG F 349 10.26 -51.35 -13.98
CA ARG F 349 10.05 -52.52 -13.11
C ARG F 349 8.86 -53.28 -13.71
N MSE F 350 7.99 -52.49 -14.35
CA MSE F 350 6.84 -52.96 -15.13
C MSE F 350 7.09 -52.68 -16.64
O MSE F 350 7.10 -53.58 -17.49
CB MSE F 350 5.55 -52.31 -14.61
CG MSE F 350 5.38 -52.38 -13.04
SE MSE F 350 4.72 -54.14 -12.16
CE MSE F 350 6.11 -54.54 -10.90
S SO4 G . -30.74 22.30 16.56
O1 SO4 G . -31.19 23.45 15.73
O2 SO4 G . -29.84 21.52 15.49
O3 SO4 G . -31.86 21.35 17.16
O4 SO4 G . -30.15 22.96 17.84
S SO4 H . 5.01 25.14 25.75
O1 SO4 H . 3.84 24.33 26.10
O2 SO4 H . 5.10 25.28 24.28
O3 SO4 H . 6.28 24.63 26.29
O4 SO4 H . 4.82 26.43 26.39
S SO4 I . 28.45 -11.79 -28.18
O1 SO4 I . 27.11 -11.94 -27.46
O2 SO4 I . 28.32 -12.37 -29.75
O3 SO4 I . 29.40 -12.70 -27.50
O4 SO4 I . 29.11 -10.33 -28.11
PB ADP J . -5.30 -26.93 -24.44
O1B ADP J . -4.76 -25.53 -24.34
O2B ADP J . -4.23 -27.94 -24.13
O3B ADP J . -6.57 -27.16 -23.66
PA ADP J . -6.54 -27.82 -27.07
O1A ADP J . -7.69 -28.37 -26.24
O2A ADP J . -6.90 -26.94 -28.25
O3A ADP J . -5.50 -27.04 -26.06
O5' ADP J . -5.66 -29.06 -27.70
C5' ADP J . -4.66 -28.94 -28.73
C4' ADP J . -5.01 -29.77 -29.98
O4' ADP J . -4.87 -31.21 -29.80
C3' ADP J . -6.46 -29.52 -30.42
O3' ADP J . -6.49 -28.77 -31.64
C2' ADP J . -7.10 -30.90 -30.53
O2' ADP J . -7.98 -31.02 -31.66
C1' ADP J . -5.92 -31.87 -30.57
N9 ADP J . -6.25 -33.30 -30.13
C8 ADP J . -5.59 -33.97 -29.14
N7 ADP J . -6.10 -35.22 -28.95
C5 ADP J . -7.11 -35.40 -29.83
C6 ADP J . -8.07 -36.51 -30.16
N6 ADP J . -8.04 -37.72 -29.48
N1 ADP J . -8.98 -36.28 -31.16
C2 ADP J . -9.03 -35.11 -31.85
N3 ADP J . -8.20 -34.07 -31.59
C4 ADP J . -7.22 -34.14 -30.62
#